data_3K2A
# 
_entry.id   3K2A 
# 
_audit_conform.dict_name       mmcif_pdbx.dic 
_audit_conform.dict_version    5.399 
_audit_conform.dict_location   http://mmcif.pdb.org/dictionaries/ascii/mmcif_pdbx.dic 
# 
loop_
_database_2.database_id 
_database_2.database_code 
_database_2.pdbx_database_accession 
_database_2.pdbx_DOI 
PDB   3K2A         pdb_00003k2a 10.2210/pdb3k2a/pdb 
RCSB  RCSB055455   ?            ?                   
WWPDB D_1000055455 ?            ?                   
# 
loop_
_pdbx_audit_revision_history.ordinal 
_pdbx_audit_revision_history.data_content_type 
_pdbx_audit_revision_history.major_revision 
_pdbx_audit_revision_history.minor_revision 
_pdbx_audit_revision_history.revision_date 
1 'Structure model' 1 0 2010-10-13 
2 'Structure model' 1 1 2011-07-13 
3 'Structure model' 1 2 2017-11-01 
4 'Structure model' 1 3 2024-11-27 
# 
_pdbx_audit_revision_details.ordinal             1 
_pdbx_audit_revision_details.revision_ordinal    1 
_pdbx_audit_revision_details.data_content_type   'Structure model' 
_pdbx_audit_revision_details.provider            repository 
_pdbx_audit_revision_details.type                'Initial release' 
_pdbx_audit_revision_details.description         ? 
_pdbx_audit_revision_details.details             ? 
# 
loop_
_pdbx_audit_revision_group.ordinal 
_pdbx_audit_revision_group.revision_ordinal 
_pdbx_audit_revision_group.data_content_type 
_pdbx_audit_revision_group.group 
1 2 'Structure model' 'Version format compliance' 
2 3 'Structure model' 'Refinement description'    
3 4 'Structure model' 'Data collection'           
4 4 'Structure model' 'Database references'       
5 4 'Structure model' 'Derived calculations'      
6 4 'Structure model' 'Structure summary'         
# 
loop_
_pdbx_audit_revision_category.ordinal 
_pdbx_audit_revision_category.revision_ordinal 
_pdbx_audit_revision_category.data_content_type 
_pdbx_audit_revision_category.category 
1 3 'Structure model' software                  
2 4 'Structure model' chem_comp_atom            
3 4 'Structure model' chem_comp_bond            
4 4 'Structure model' database_2                
5 4 'Structure model' pdbx_entry_details        
6 4 'Structure model' pdbx_modification_feature 
7 4 'Structure model' struct_conn               
8 4 'Structure model' struct_ref_seq_dif        
9 4 'Structure model' struct_site               
# 
loop_
_pdbx_audit_revision_item.ordinal 
_pdbx_audit_revision_item.revision_ordinal 
_pdbx_audit_revision_item.data_content_type 
_pdbx_audit_revision_item.item 
1 4 'Structure model' '_database_2.pdbx_DOI'                
2 4 'Structure model' '_database_2.pdbx_database_accession' 
3 4 'Structure model' '_struct_conn.pdbx_leaving_atom_flag' 
4 4 'Structure model' '_struct_ref_seq_dif.details'         
5 4 'Structure model' '_struct_site.pdbx_auth_asym_id'      
6 4 'Structure model' '_struct_site.pdbx_auth_comp_id'      
7 4 'Structure model' '_struct_site.pdbx_auth_seq_id'       
# 
_pdbx_database_status.entry_id                        3K2A 
_pdbx_database_status.status_code                     REL 
_pdbx_database_status.deposit_site                    RCSB 
_pdbx_database_status.process_site                    RCSB 
_pdbx_database_status.recvd_initial_deposition_date   2009-09-29 
_pdbx_database_status.status_code_sf                  REL 
_pdbx_database_status.status_code_mr                  ? 
_pdbx_database_status.SG_entry                        ? 
_pdbx_database_status.pdb_format_compatible           Y 
_pdbx_database_status.status_code_cs                  ? 
_pdbx_database_status.methods_development_category    ? 
_pdbx_database_status.status_code_nmr_data            ? 
# 
loop_
_audit_author.name 
_audit_author.pdbx_ordinal 
'Lam, R.'         1 
'Soloveychik, M.' 2 
'Battaile, K.P.'  3 
'Romanov, V.'     4 
'Lam, K.'         5 
'Beletskaya, I.'  6 
'Gordon, E.'      7 
'Pai, E.F.'       8 
'Chirgadze, N.Y.' 9 
# 
_citation.id                        primary 
_citation.title                     'Crystal structure of the homeobox domain of human homeobox protein Meis2' 
_citation.journal_abbrev            'To be Published' 
_citation.journal_volume            ? 
_citation.page_first                ? 
_citation.page_last                 ? 
_citation.year                      ? 
_citation.journal_id_ASTM           ? 
_citation.country                   ? 
_citation.journal_id_ISSN           ? 
_citation.journal_id_CSD            0353 
_citation.book_publisher            ? 
_citation.pdbx_database_id_PubMed   ? 
_citation.pdbx_database_id_DOI      ? 
# 
loop_
_citation_author.citation_id 
_citation_author.name 
_citation_author.ordinal 
_citation_author.identifier_ORCID 
primary 'Lam, R.'         1 ? 
primary 'Soloveychik, M.' 2 ? 
primary 'Battaile, K.P.'  3 ? 
primary 'Romanov, V.'     4 ? 
primary 'Lam, K.'         5 ? 
primary 'Beletskaya, I.'  6 ? 
primary 'Gordon, E.'      7 ? 
primary 'Pai, E.F.'       8 ? 
primary 'Chirgadze, N.Y.' 9 ? 
# 
loop_
_entity.id 
_entity.type 
_entity.src_method 
_entity.pdbx_description 
_entity.formula_weight 
_entity.pdbx_number_of_molecules 
_entity.pdbx_ec 
_entity.pdbx_mutation 
_entity.pdbx_fragment 
_entity.details 
1 polymer     man 'Homeobox protein Meis2' 7879.710 2  ? ? 'Residues 281-345 (homeobox domain)' ? 
2 non-polymer syn 'CHLORIDE ION'           35.453   2  ? ? ?                                    ? 
3 non-polymer syn 'ACETATE ION'            59.044   2  ? ? ?                                    ? 
4 water       nat water                    18.015   48 ? ? ?                                    ? 
# 
_entity_name_com.entity_id   1 
_entity_name_com.name        'Meis1-related protein 1' 
# 
_entity_poly.entity_id                      1 
_entity_poly.type                           'polypeptide(L)' 
_entity_poly.nstd_linkage                   no 
_entity_poly.nstd_monomer                   yes 
_entity_poly.pdbx_seq_one_letter_code       'GSGIFPKVATNI(MSE)RAWLFQHLTHPYPSEEQKKQLAQDTGLTILQVNNWFINARRRIVQP(MSE)IDQSNRA' 
_entity_poly.pdbx_seq_one_letter_code_can   GSGIFPKVATNIMRAWLFQHLTHPYPSEEQKKQLAQDTGLTILQVNNWFINARRRIVQPMIDQSNRA 
_entity_poly.pdbx_strand_id                 A,B 
_entity_poly.pdbx_target_identifier         ? 
# 
loop_
_pdbx_entity_nonpoly.entity_id 
_pdbx_entity_nonpoly.name 
_pdbx_entity_nonpoly.comp_id 
2 'CHLORIDE ION' CL  
3 'ACETATE ION'  ACT 
4 water          HOH 
# 
loop_
_entity_poly_seq.entity_id 
_entity_poly_seq.num 
_entity_poly_seq.mon_id 
_entity_poly_seq.hetero 
1 1  GLY n 
1 2  SER n 
1 3  GLY n 
1 4  ILE n 
1 5  PHE n 
1 6  PRO n 
1 7  LYS n 
1 8  VAL n 
1 9  ALA n 
1 10 THR n 
1 11 ASN n 
1 12 ILE n 
1 13 MSE n 
1 14 ARG n 
1 15 ALA n 
1 16 TRP n 
1 17 LEU n 
1 18 PHE n 
1 19 GLN n 
1 20 HIS n 
1 21 LEU n 
1 22 THR n 
1 23 HIS n 
1 24 PRO n 
1 25 TYR n 
1 26 PRO n 
1 27 SER n 
1 28 GLU n 
1 29 GLU n 
1 30 GLN n 
1 31 LYS n 
1 32 LYS n 
1 33 GLN n 
1 34 LEU n 
1 35 ALA n 
1 36 GLN n 
1 37 ASP n 
1 38 THR n 
1 39 GLY n 
1 40 LEU n 
1 41 THR n 
1 42 ILE n 
1 43 LEU n 
1 44 GLN n 
1 45 VAL n 
1 46 ASN n 
1 47 ASN n 
1 48 TRP n 
1 49 PHE n 
1 50 ILE n 
1 51 ASN n 
1 52 ALA n 
1 53 ARG n 
1 54 ARG n 
1 55 ARG n 
1 56 ILE n 
1 57 VAL n 
1 58 GLN n 
1 59 PRO n 
1 60 MSE n 
1 61 ILE n 
1 62 ASP n 
1 63 GLN n 
1 64 SER n 
1 65 ASN n 
1 66 ARG n 
1 67 ALA n 
# 
_entity_src_gen.entity_id                          1 
_entity_src_gen.pdbx_src_id                        1 
_entity_src_gen.pdbx_alt_source_flag               sample 
_entity_src_gen.pdbx_seq_type                      ? 
_entity_src_gen.pdbx_beg_seq_num                   ? 
_entity_src_gen.pdbx_end_seq_num                   ? 
_entity_src_gen.gene_src_common_name               human 
_entity_src_gen.gene_src_genus                     ? 
_entity_src_gen.pdbx_gene_src_gene                 'MEIS2, MRG1' 
_entity_src_gen.gene_src_species                   ? 
_entity_src_gen.gene_src_strain                    ? 
_entity_src_gen.gene_src_tissue                    ? 
_entity_src_gen.gene_src_tissue_fraction           ? 
_entity_src_gen.gene_src_details                   ? 
_entity_src_gen.pdbx_gene_src_fragment             ? 
_entity_src_gen.pdbx_gene_src_scientific_name      'Homo sapiens' 
_entity_src_gen.pdbx_gene_src_ncbi_taxonomy_id     9606 
_entity_src_gen.pdbx_gene_src_variant              ? 
_entity_src_gen.pdbx_gene_src_cell_line            ? 
_entity_src_gen.pdbx_gene_src_atcc                 ? 
_entity_src_gen.pdbx_gene_src_organ                ? 
_entity_src_gen.pdbx_gene_src_organelle            ? 
_entity_src_gen.pdbx_gene_src_cell                 ? 
_entity_src_gen.pdbx_gene_src_cellular_location    ? 
_entity_src_gen.host_org_common_name               ? 
_entity_src_gen.pdbx_host_org_scientific_name      'Escherichia coli' 
_entity_src_gen.pdbx_host_org_ncbi_taxonomy_id     562 
_entity_src_gen.host_org_genus                     ? 
_entity_src_gen.pdbx_host_org_gene                 ? 
_entity_src_gen.pdbx_host_org_organ                ? 
_entity_src_gen.host_org_species                   ? 
_entity_src_gen.pdbx_host_org_tissue               ? 
_entity_src_gen.pdbx_host_org_tissue_fraction      ? 
_entity_src_gen.pdbx_host_org_strain               'BL21(DE3)' 
_entity_src_gen.pdbx_host_org_variant              ? 
_entity_src_gen.pdbx_host_org_cell_line            ? 
_entity_src_gen.pdbx_host_org_atcc                 ? 
_entity_src_gen.pdbx_host_org_culture_collection   ? 
_entity_src_gen.pdbx_host_org_cell                 ? 
_entity_src_gen.pdbx_host_org_organelle            ? 
_entity_src_gen.pdbx_host_org_cellular_location    ? 
_entity_src_gen.pdbx_host_org_vector_type          PLASMID 
_entity_src_gen.pdbx_host_org_vector               ? 
_entity_src_gen.host_org_details                   ? 
_entity_src_gen.expression_system_id               ? 
_entity_src_gen.plasmid_name                       pET28-LIC 
_entity_src_gen.plasmid_details                    ? 
_entity_src_gen.pdbx_description                   ? 
# 
loop_
_chem_comp.id 
_chem_comp.type 
_chem_comp.mon_nstd_flag 
_chem_comp.name 
_chem_comp.pdbx_synonyms 
_chem_comp.formula 
_chem_comp.formula_weight 
ACT non-polymer         . 'ACETATE ION'    ? 'C2 H3 O2 -1'    59.044  
ALA 'L-peptide linking' y ALANINE          ? 'C3 H7 N O2'     89.093  
ARG 'L-peptide linking' y ARGININE         ? 'C6 H15 N4 O2 1' 175.209 
ASN 'L-peptide linking' y ASPARAGINE       ? 'C4 H8 N2 O3'    132.118 
ASP 'L-peptide linking' y 'ASPARTIC ACID'  ? 'C4 H7 N O4'     133.103 
CL  non-polymer         . 'CHLORIDE ION'   ? 'Cl -1'          35.453  
GLN 'L-peptide linking' y GLUTAMINE        ? 'C5 H10 N2 O3'   146.144 
GLU 'L-peptide linking' y 'GLUTAMIC ACID'  ? 'C5 H9 N O4'     147.129 
GLY 'peptide linking'   y GLYCINE          ? 'C2 H5 N O2'     75.067  
HIS 'L-peptide linking' y HISTIDINE        ? 'C6 H10 N3 O2 1' 156.162 
HOH non-polymer         . WATER            ? 'H2 O'           18.015  
ILE 'L-peptide linking' y ISOLEUCINE       ? 'C6 H13 N O2'    131.173 
LEU 'L-peptide linking' y LEUCINE          ? 'C6 H13 N O2'    131.173 
LYS 'L-peptide linking' y LYSINE           ? 'C6 H15 N2 O2 1' 147.195 
MSE 'L-peptide linking' n SELENOMETHIONINE ? 'C5 H11 N O2 Se' 196.106 
PHE 'L-peptide linking' y PHENYLALANINE    ? 'C9 H11 N O2'    165.189 
PRO 'L-peptide linking' y PROLINE          ? 'C5 H9 N O2'     115.130 
SER 'L-peptide linking' y SERINE           ? 'C3 H7 N O3'     105.093 
THR 'L-peptide linking' y THREONINE        ? 'C4 H9 N O3'     119.119 
TRP 'L-peptide linking' y TRYPTOPHAN       ? 'C11 H12 N2 O2'  204.225 
TYR 'L-peptide linking' y TYROSINE         ? 'C9 H11 N O3'    181.189 
VAL 'L-peptide linking' y VALINE           ? 'C5 H11 N O2'    117.146 
# 
loop_
_pdbx_poly_seq_scheme.asym_id 
_pdbx_poly_seq_scheme.entity_id 
_pdbx_poly_seq_scheme.seq_id 
_pdbx_poly_seq_scheme.mon_id 
_pdbx_poly_seq_scheme.ndb_seq_num 
_pdbx_poly_seq_scheme.pdb_seq_num 
_pdbx_poly_seq_scheme.auth_seq_num 
_pdbx_poly_seq_scheme.pdb_mon_id 
_pdbx_poly_seq_scheme.auth_mon_id 
_pdbx_poly_seq_scheme.pdb_strand_id 
_pdbx_poly_seq_scheme.pdb_ins_code 
_pdbx_poly_seq_scheme.hetero 
A 1 1  GLY 1  279 ?   ?   ?   A . n 
A 1 2  SER 2  280 ?   ?   ?   A . n 
A 1 3  GLY 3  281 ?   ?   ?   A . n 
A 1 4  ILE 4  282 ?   ?   ?   A . n 
A 1 5  PHE 5  283 ?   ?   ?   A . n 
A 1 6  PRO 6  284 284 PRO PRO A . n 
A 1 7  LYS 7  285 285 LYS LYS A . n 
A 1 8  VAL 8  286 286 VAL VAL A . n 
A 1 9  ALA 9  287 287 ALA ALA A . n 
A 1 10 THR 10 288 288 THR THR A . n 
A 1 11 ASN 11 289 289 ASN ASN A . n 
A 1 12 ILE 12 290 290 ILE ILE A . n 
A 1 13 MSE 13 291 291 MSE MSE A . n 
A 1 14 ARG 14 292 292 ARG ARG A . n 
A 1 15 ALA 15 293 293 ALA ALA A . n 
A 1 16 TRP 16 294 294 TRP TRP A . n 
A 1 17 LEU 17 295 295 LEU LEU A . n 
A 1 18 PHE 18 296 296 PHE PHE A . n 
A 1 19 GLN 19 297 297 GLN GLN A . n 
A 1 20 HIS 20 298 298 HIS HIS A . n 
A 1 21 LEU 21 299 299 LEU LEU A . n 
A 1 22 THR 22 300 300 THR THR A . n 
A 1 23 HIS 23 301 301 HIS HIS A . n 
A 1 24 PRO 24 302 302 PRO PRO A . n 
A 1 25 TYR 25 303 303 TYR TYR A . n 
A 1 26 PRO 26 304 304 PRO PRO A . n 
A 1 27 SER 27 305 305 SER SER A . n 
A 1 28 GLU 28 306 306 GLU GLU A . n 
A 1 29 GLU 29 307 307 GLU GLU A . n 
A 1 30 GLN 30 308 308 GLN GLN A . n 
A 1 31 LYS 31 309 309 LYS LYS A . n 
A 1 32 LYS 32 310 310 LYS LYS A . n 
A 1 33 GLN 33 311 311 GLN GLN A . n 
A 1 34 LEU 34 312 312 LEU LEU A . n 
A 1 35 ALA 35 313 313 ALA ALA A . n 
A 1 36 GLN 36 314 314 GLN GLN A . n 
A 1 37 ASP 37 315 315 ASP ASP A . n 
A 1 38 THR 38 316 316 THR THR A . n 
A 1 39 GLY 39 317 317 GLY GLY A . n 
A 1 40 LEU 40 318 318 LEU LEU A . n 
A 1 41 THR 41 319 319 THR THR A . n 
A 1 42 ILE 42 320 320 ILE ILE A . n 
A 1 43 LEU 43 321 321 LEU LEU A . n 
A 1 44 GLN 44 322 322 GLN GLN A . n 
A 1 45 VAL 45 323 323 VAL VAL A . n 
A 1 46 ASN 46 324 324 ASN ASN A . n 
A 1 47 ASN 47 325 325 ASN ASN A . n 
A 1 48 TRP 48 326 326 TRP TRP A . n 
A 1 49 PHE 49 327 327 PHE PHE A . n 
A 1 50 ILE 50 328 328 ILE ILE A . n 
A 1 51 ASN 51 329 329 ASN ASN A . n 
A 1 52 ALA 52 330 330 ALA ALA A . n 
A 1 53 ARG 53 331 331 ARG ARG A . n 
A 1 54 ARG 54 332 332 ARG ARG A . n 
A 1 55 ARG 55 333 333 ARG ARG A . n 
A 1 56 ILE 56 334 334 ILE ILE A . n 
A 1 57 VAL 57 335 335 VAL VAL A . n 
A 1 58 GLN 58 336 336 GLN GLN A . n 
A 1 59 PRO 59 337 337 PRO PRO A . n 
A 1 60 MSE 60 338 338 MSE MSE A . n 
A 1 61 ILE 61 339 ?   ?   ?   A . n 
A 1 62 ASP 62 340 ?   ?   ?   A . n 
A 1 63 GLN 63 341 ?   ?   ?   A . n 
A 1 64 SER 64 342 ?   ?   ?   A . n 
A 1 65 ASN 65 343 ?   ?   ?   A . n 
A 1 66 ARG 66 344 ?   ?   ?   A . n 
A 1 67 ALA 67 345 ?   ?   ?   A . n 
B 1 1  GLY 1  279 ?   ?   ?   B . n 
B 1 2  SER 2  280 ?   ?   ?   B . n 
B 1 3  GLY 3  281 ?   ?   ?   B . n 
B 1 4  ILE 4  282 ?   ?   ?   B . n 
B 1 5  PHE 5  283 283 PHE PHE B . n 
B 1 6  PRO 6  284 284 PRO PRO B . n 
B 1 7  LYS 7  285 285 LYS LYS B . n 
B 1 8  VAL 8  286 286 VAL VAL B . n 
B 1 9  ALA 9  287 287 ALA ALA B . n 
B 1 10 THR 10 288 288 THR THR B . n 
B 1 11 ASN 11 289 289 ASN ASN B . n 
B 1 12 ILE 12 290 290 ILE ILE B . n 
B 1 13 MSE 13 291 291 MSE MSE B . n 
B 1 14 ARG 14 292 292 ARG ARG B . n 
B 1 15 ALA 15 293 293 ALA ALA B . n 
B 1 16 TRP 16 294 294 TRP TRP B . n 
B 1 17 LEU 17 295 295 LEU LEU B . n 
B 1 18 PHE 18 296 296 PHE PHE B . n 
B 1 19 GLN 19 297 297 GLN GLN B . n 
B 1 20 HIS 20 298 298 HIS HIS B . n 
B 1 21 LEU 21 299 299 LEU LEU B . n 
B 1 22 THR 22 300 300 THR THR B . n 
B 1 23 HIS 23 301 301 HIS HIS B . n 
B 1 24 PRO 24 302 302 PRO PRO B . n 
B 1 25 TYR 25 303 303 TYR TYR B . n 
B 1 26 PRO 26 304 304 PRO PRO B . n 
B 1 27 SER 27 305 305 SER SER B . n 
B 1 28 GLU 28 306 306 GLU GLU B . n 
B 1 29 GLU 29 307 307 GLU GLU B . n 
B 1 30 GLN 30 308 308 GLN GLN B . n 
B 1 31 LYS 31 309 309 LYS LYS B . n 
B 1 32 LYS 32 310 310 LYS LYS B . n 
B 1 33 GLN 33 311 311 GLN GLN B . n 
B 1 34 LEU 34 312 312 LEU LEU B . n 
B 1 35 ALA 35 313 313 ALA ALA B . n 
B 1 36 GLN 36 314 314 GLN GLN B . n 
B 1 37 ASP 37 315 315 ASP ASP B . n 
B 1 38 THR 38 316 316 THR THR B . n 
B 1 39 GLY 39 317 317 GLY GLY B . n 
B 1 40 LEU 40 318 318 LEU LEU B . n 
B 1 41 THR 41 319 319 THR THR B . n 
B 1 42 ILE 42 320 320 ILE ILE B . n 
B 1 43 LEU 43 321 321 LEU LEU B . n 
B 1 44 GLN 44 322 322 GLN GLN B . n 
B 1 45 VAL 45 323 323 VAL VAL B . n 
B 1 46 ASN 46 324 324 ASN ASN B . n 
B 1 47 ASN 47 325 325 ASN ASN B . n 
B 1 48 TRP 48 326 326 TRP TRP B . n 
B 1 49 PHE 49 327 327 PHE PHE B . n 
B 1 50 ILE 50 328 328 ILE ILE B . n 
B 1 51 ASN 51 329 329 ASN ASN B . n 
B 1 52 ALA 52 330 330 ALA ALA B . n 
B 1 53 ARG 53 331 331 ARG ARG B . n 
B 1 54 ARG 54 332 332 ARG ARG B . n 
B 1 55 ARG 55 333 333 ARG ARG B . n 
B 1 56 ILE 56 334 334 ILE ILE B . n 
B 1 57 VAL 57 335 335 VAL VAL B . n 
B 1 58 GLN 58 336 336 GLN GLN B . n 
B 1 59 PRO 59 337 337 PRO PRO B . n 
B 1 60 MSE 60 338 338 MSE MSE B . n 
B 1 61 ILE 61 339 ?   ?   ?   B . n 
B 1 62 ASP 62 340 ?   ?   ?   B . n 
B 1 63 GLN 63 341 ?   ?   ?   B . n 
B 1 64 SER 64 342 ?   ?   ?   B . n 
B 1 65 ASN 65 343 ?   ?   ?   B . n 
B 1 66 ARG 66 344 ?   ?   ?   B . n 
B 1 67 ALA 67 345 ?   ?   ?   B . n 
# 
loop_
_pdbx_nonpoly_scheme.asym_id 
_pdbx_nonpoly_scheme.entity_id 
_pdbx_nonpoly_scheme.mon_id 
_pdbx_nonpoly_scheme.ndb_seq_num 
_pdbx_nonpoly_scheme.pdb_seq_num 
_pdbx_nonpoly_scheme.auth_seq_num 
_pdbx_nonpoly_scheme.pdb_mon_id 
_pdbx_nonpoly_scheme.auth_mon_id 
_pdbx_nonpoly_scheme.pdb_strand_id 
_pdbx_nonpoly_scheme.pdb_ins_code 
C 2 CL  1  500 500 CL  CL  A . 
D 3 ACT 1  510 510 ACT ACT A . 
E 2 CL  1  500 500 CL  CL  B . 
F 3 ACT 1  510 510 ACT ACT B . 
G 4 HOH 1  3   3   HOH HOH A . 
G 4 HOH 2  4   4   HOH HOH A . 
G 4 HOH 3  5   5   HOH HOH A . 
G 4 HOH 4  6   6   HOH HOH A . 
G 4 HOH 5  7   7   HOH HOH A . 
G 4 HOH 6  12  12  HOH HOH A . 
G 4 HOH 7  13  13  HOH HOH A . 
G 4 HOH 8  14  14  HOH HOH A . 
G 4 HOH 9  15  15  HOH HOH A . 
G 4 HOH 10 16  16  HOH HOH A . 
G 4 HOH 11 17  17  HOH HOH A . 
G 4 HOH 12 18  18  HOH HOH A . 
G 4 HOH 13 21  21  HOH HOH A . 
G 4 HOH 14 22  22  HOH HOH A . 
G 4 HOH 15 23  23  HOH HOH A . 
G 4 HOH 16 30  30  HOH HOH A . 
G 4 HOH 17 33  33  HOH HOH A . 
G 4 HOH 18 34  34  HOH HOH A . 
G 4 HOH 19 35  35  HOH HOH A . 
G 4 HOH 20 36  36  HOH HOH A . 
G 4 HOH 21 37  37  HOH HOH A . 
G 4 HOH 22 38  38  HOH HOH A . 
G 4 HOH 23 39  39  HOH HOH A . 
G 4 HOH 24 42  42  HOH HOH A . 
G 4 HOH 25 43  43  HOH HOH A . 
G 4 HOH 26 44  44  HOH HOH A . 
G 4 HOH 27 45  45  HOH HOH A . 
G 4 HOH 28 46  46  HOH HOH A . 
G 4 HOH 29 47  47  HOH HOH A . 
G 4 HOH 30 48  48  HOH HOH A . 
H 4 HOH 1  1   1   HOH HOH B . 
H 4 HOH 2  2   2   HOH HOH B . 
H 4 HOH 3  8   8   HOH HOH B . 
H 4 HOH 4  9   9   HOH HOH B . 
H 4 HOH 5  10  10  HOH HOH B . 
H 4 HOH 6  11  11  HOH HOH B . 
H 4 HOH 7  19  19  HOH HOH B . 
H 4 HOH 8  20  20  HOH HOH B . 
H 4 HOH 9  24  24  HOH HOH B . 
H 4 HOH 10 25  25  HOH HOH B . 
H 4 HOH 11 26  26  HOH HOH B . 
H 4 HOH 12 27  27  HOH HOH B . 
H 4 HOH 13 28  28  HOH HOH B . 
H 4 HOH 14 29  29  HOH HOH B . 
H 4 HOH 15 31  31  HOH HOH B . 
H 4 HOH 16 32  32  HOH HOH B . 
H 4 HOH 17 40  40  HOH HOH B . 
H 4 HOH 18 41  41  HOH HOH B . 
# 
loop_
_software.pdbx_ordinal 
_software.name 
_software.version 
_software.date 
_software.type 
_software.contact_author 
_software.contact_author_email 
_software.classification 
_software.location 
_software.language 
_software.citation_id 
1 DENZO       .               ?               package 'Zbyszek Otwinowski'  hkl@hkl-xray.com                'data reduction'  
http://www.hkl-xray.com/                     ?          ? 
2 SCALEPACK   .               ?               package 'Zbyszek Otwinowski'  hkl@hkl-xray.com                'data scaling'    
http://www.hkl-xray.com/                     ?          ? 
3 SHARP       .               ?               package 'Eric de La Fortelle' sharp-develop@globalphasing.com phasing           
http://www.globalphasing.com/sharp/          ?          ? 
4 DM          5.0             ?               program 'Kevin Cowtan'        kowtan@ysbl.york.ac.uk          phasing           
http://www.ccp4.ac.uk/dist/html/dm.html      Fortran_77 ? 
5 REFMAC      refmac_5.5.0102 24/04/2001      program 'Garib N. Murshudov'  garib@ysbl.york.ac.uk           refinement        
http://www.ccp4.ac.uk/dist/html/refmac5.html Fortran_77 ? 
6 PDB_EXTRACT 3.005           'June 11, 2008' package PDB                   help@deposit.rcsb.org           'data extraction' 
http://sw-tools.pdb.org/apps/PDB_EXTRACT/    C++        ? 
7 JDirector   .               ?               ?       ?                     ?                               'data collection' ? ? 
? 
8 HKL-2000    .               ?               ?       ?                     ?                               'data reduction'  ? ? 
? 
9 HKL-2000    .               ?               ?       ?                     ?                               'data scaling'    ? ? 
? 
# 
_cell.length_a           113.597 
_cell.length_b           113.597 
_cell.length_c           50.251 
_cell.angle_alpha        90.000 
_cell.angle_beta         90.000 
_cell.angle_gamma        90.000 
_cell.entry_id           3K2A 
_cell.pdbx_unique_axis   ? 
_cell.Z_PDB              32 
_cell.length_a_esd       ? 
_cell.length_b_esd       ? 
_cell.length_c_esd       ? 
_cell.angle_alpha_esd    ? 
_cell.angle_beta_esd     ? 
_cell.angle_gamma_esd    ? 
# 
_symmetry.space_group_name_H-M             'I 4 2 2' 
_symmetry.entry_id                         3K2A 
_symmetry.Int_Tables_number                97 
_symmetry.pdbx_full_space_group_name_H-M   ? 
_symmetry.cell_setting                     ? 
_symmetry.space_group_name_Hall            ? 
# 
_exptl.crystals_number   1 
_exptl.entry_id          3K2A 
_exptl.method            'X-RAY DIFFRACTION' 
# 
_exptl_crystal.id                    1 
_exptl_crystal.density_Matthews      2.57 
_exptl_crystal.density_meas          ? 
_exptl_crystal.density_percent_sol   52.17 
_exptl_crystal.description           ? 
_exptl_crystal.F_000                 ? 
_exptl_crystal.preparation           ? 
# 
_exptl_crystal_grow.crystal_id      1 
_exptl_crystal_grow.method          'VAPOR DIFFUSION, SITTING DROP' 
_exptl_crystal_grow.pH              7.5 
_exptl_crystal_grow.temp            298.0 
_exptl_crystal_grow.pdbx_details    
'28% PEG4000, 8% isopropanol, 0.1M sodium acetate, 10mM L-proline, pH 7.5, VAPOR DIFFUSION, SITTING DROP, temperature 298.0K' 
_exptl_crystal_grow.temp_details    ? 
_exptl_crystal_grow.pdbx_pH_range   ? 
# 
_diffrn.id                     1 
_diffrn.ambient_temp           100 
_diffrn.ambient_temp_details   ? 
_diffrn.crystal_id             1 
# 
_diffrn_detector.diffrn_id              1 
_diffrn_detector.detector               CCD 
_diffrn_detector.type                   'ADSC QUANTUM 210' 
_diffrn_detector.pdbx_collection_date   2009-08-05 
_diffrn_detector.details                'Si(111) double-crystal monochromator' 
# 
_diffrn_radiation.diffrn_id                        1 
_diffrn_radiation.pdbx_diffrn_protocol             'SINGLE WAVELENGTH' 
_diffrn_radiation.monochromator                    ? 
_diffrn_radiation.wavelength_id                    1 
_diffrn_radiation.pdbx_monochromatic_or_laue_m_l   M 
_diffrn_radiation.pdbx_scattering_type             x-ray 
# 
_diffrn_radiation_wavelength.id           1 
_diffrn_radiation_wavelength.wavelength   0.97910 
_diffrn_radiation_wavelength.wt           1.0 
# 
_diffrn_source.diffrn_id                   1 
_diffrn_source.source                      SYNCHROTRON 
_diffrn_source.type                        'APS BEAMLINE 17-BM' 
_diffrn_source.pdbx_wavelength_list        0.97910 
_diffrn_source.pdbx_wavelength             ? 
_diffrn_source.pdbx_synchrotron_site       APS 
_diffrn_source.pdbx_synchrotron_beamline   17-BM 
# 
_reflns.entry_id                     3K2A 
_reflns.d_resolution_high            1.950 
_reflns.d_resolution_low             50.000 
_reflns.number_obs                   12319 
_reflns.pdbx_Rmerge_I_obs            0.063 
_reflns.pdbx_netI_over_sigmaI        17.600 
_reflns.pdbx_chi_squared             1.667 
_reflns.pdbx_redundancy              28.500 
_reflns.percent_possible_obs         99.600 
_reflns.observed_criterion_sigma_F   ? 
_reflns.observed_criterion_sigma_I   ? 
_reflns.number_all                   ? 
_reflns.pdbx_Rsym_value              ? 
_reflns.B_iso_Wilson_estimate        ? 
_reflns.R_free_details               ? 
_reflns.limit_h_max                  ? 
_reflns.limit_h_min                  ? 
_reflns.limit_k_max                  ? 
_reflns.limit_k_min                  ? 
_reflns.limit_l_max                  ? 
_reflns.limit_l_min                  ? 
_reflns.observed_criterion_F_max     ? 
_reflns.observed_criterion_F_min     ? 
_reflns.pdbx_scaling_rejects         ? 
_reflns.pdbx_diffrn_id               1 
_reflns.pdbx_ordinal                 1 
# 
loop_
_reflns_shell.d_res_high 
_reflns_shell.d_res_low 
_reflns_shell.number_measured_obs 
_reflns_shell.number_measured_all 
_reflns_shell.number_unique_obs 
_reflns_shell.Rmerge_I_obs 
_reflns_shell.meanI_over_sigI_obs 
_reflns_shell.pdbx_Rsym_value 
_reflns_shell.pdbx_chi_squared 
_reflns_shell.pdbx_redundancy 
_reflns_shell.percent_possible_obs 
_reflns_shell.number_unique_all 
_reflns_shell.percent_possible_all 
_reflns_shell.pdbx_diffrn_id 
_reflns_shell.pdbx_ordinal 
1.95 2.02  ? ? ? 0.473 ? ? 0.957 29.00 ? 1212 100.00 ? 1  
2.02 2.10  ? ? ? 0.340 ? ? 1.236 28.90 ? 1211 100.00 ? 2  
2.10 2.20  ? ? ? 0.204 ? ? 1.127 29.10 ? 1214 100.00 ? 3  
2.20 2.31  ? ? ? 0.165 ? ? 1.451 28.70 ? 1215 100.00 ? 4  
2.31 2.46  ? ? ? 0.108 ? ? 1.438 29.10 ? 1214 100.00 ? 5  
2.46 2.65  ? ? ? 0.085 ? ? 1.553 28.80 ? 1238 100.00 ? 6  
2.65 2.91  ? ? ? 0.071 ? ? 1.757 28.90 ? 1227 100.00 ? 7  
2.91 3.33  ? ? ? 0.058 ? ? 1.844 28.60 ? 1235 99.90  ? 8  
3.33 4.20  ? ? ? 0.047 ? ? 1.782 28.20 ? 1264 99.90  ? 9  
4.20 50.00 ? ? ? 0.047 ? ? 3.631 25.80 ? 1289 96.50  ? 10 
# 
_refine.entry_id                                 3K2A 
_refine.ls_d_res_high                            1.950 
_refine.ls_d_res_low                             25.130 
_refine.pdbx_ls_sigma_F                          0.00 
_refine.pdbx_data_cutoff_high_absF               ? 
_refine.pdbx_data_cutoff_low_absF                ? 
_refine.ls_percent_reflns_obs                    99.170 
_refine.ls_number_reflns_obs                     12250 
_refine.ls_number_reflns_all                     ? 
_refine.pdbx_ls_cross_valid_method               THROUGHOUT 
_refine.pdbx_R_Free_selection_details            RANDOM 
_refine.details                                  'HYDROGENS HAVE BEEN ADDED IN THE RIDING POSITIONS. U VALUES: RESIDUAL ONLY' 
_refine.ls_R_factor_all                          ? 
_refine.ls_R_factor_obs                          0.216 
_refine.ls_R_factor_R_work                       0.215 
_refine.ls_wR_factor_R_work                      0.220 
_refine.ls_R_factor_R_free                       0.239 
_refine.ls_wR_factor_R_free                      0.238 
_refine.ls_percent_reflns_R_free                 4.800 
_refine.ls_number_reflns_R_free                  590 
_refine.ls_R_factor_R_free_error                 ? 
_refine.B_iso_mean                               29.967 
_refine.solvent_model_param_bsol                 ? 
_refine.solvent_model_param_ksol                 ? 
_refine.pdbx_isotropic_thermal_model             ? 
_refine.aniso_B[1][1]                            0.410 
_refine.aniso_B[2][2]                            0.410 
_refine.aniso_B[3][3]                            -0.810 
_refine.aniso_B[1][2]                            0.000 
_refine.aniso_B[1][3]                            0.000 
_refine.aniso_B[2][3]                            0.000 
_refine.correlation_coeff_Fo_to_Fc               0.946 
_refine.correlation_coeff_Fo_to_Fc_free          0.937 
_refine.overall_SU_R_Cruickshank_DPI             ? 
_refine.overall_SU_R_free                        ? 
_refine.pdbx_overall_ESU_R                       0.153 
_refine.pdbx_overall_ESU_R_Free                  0.138 
_refine.overall_SU_ML                            0.092 
_refine.overall_SU_B                             7.039 
_refine.solvent_model_details                    'BABINET MODEL WITH MASK' 
_refine.pdbx_solvent_vdw_probe_radii             1.400 
_refine.pdbx_solvent_ion_probe_radii             0.800 
_refine.pdbx_solvent_shrinkage_radii             0.800 
_refine.ls_number_parameters                     ? 
_refine.ls_number_restraints                     ? 
_refine.pdbx_starting_model                      ? 
_refine.pdbx_method_to_determine_struct          SAD 
_refine.pdbx_stereochemistry_target_values       'MAXIMUM LIKELIHOOD' 
_refine.pdbx_stereochem_target_val_spec_case     ? 
_refine.overall_FOM_work_R_set                   ? 
_refine.B_iso_max                                61.75 
_refine.B_iso_min                                20.69 
_refine.occupancy_max                            1.00 
_refine.occupancy_min                            0.50 
_refine.pdbx_ls_sigma_I                          ? 
_refine.ls_redundancy_reflns_obs                 ? 
_refine.ls_R_factor_R_free_error_details         ? 
_refine.pdbx_data_cutoff_high_rms_absF           ? 
_refine.overall_FOM_free_R_set                   ? 
_refine.pdbx_overall_phase_error                 ? 
_refine.pdbx_refine_id                           'X-RAY DIFFRACTION' 
_refine.pdbx_diffrn_id                           1 
_refine.pdbx_TLS_residual_ADP_flag               ? 
_refine.pdbx_overall_SU_R_free_Cruickshank_DPI   ? 
_refine.pdbx_overall_SU_R_Blow_DPI               ? 
_refine.pdbx_overall_SU_R_free_Blow_DPI          ? 
# 
_refine_hist.pdbx_refine_id                   'X-RAY DIFFRACTION' 
_refine_hist.cycle_id                         LAST 
_refine_hist.pdbx_number_atoms_protein        931 
_refine_hist.pdbx_number_atoms_nucleic_acid   0 
_refine_hist.pdbx_number_atoms_ligand         10 
_refine_hist.number_atoms_solvent             48 
_refine_hist.number_atoms_total               989 
_refine_hist.d_res_high                       1.950 
_refine_hist.d_res_low                        25.130 
# 
loop_
_refine_ls_restr.type 
_refine_ls_restr.number 
_refine_ls_restr.dev_ideal 
_refine_ls_restr.dev_ideal_target 
_refine_ls_restr.weight 
_refine_ls_restr.pdbx_refine_id 
_refine_ls_restr.pdbx_restraint_function 
r_bond_refined_d       962  0.013  0.022  ? 'X-RAY DIFFRACTION' ? 
r_angle_refined_deg    1303 1.082  1.924  ? 'X-RAY DIFFRACTION' ? 
r_dihedral_angle_1_deg 109  4.238  5.000  ? 'X-RAY DIFFRACTION' ? 
r_dihedral_angle_2_deg 49   38.850 23.673 ? 'X-RAY DIFFRACTION' ? 
r_dihedral_angle_3_deg 169  13.549 15.000 ? 'X-RAY DIFFRACTION' ? 
r_dihedral_angle_4_deg 8    10.084 15.000 ? 'X-RAY DIFFRACTION' ? 
r_chiral_restr         141  0.082  0.200  ? 'X-RAY DIFFRACTION' ? 
r_gen_planes_refined   731  0.005  0.021  ? 'X-RAY DIFFRACTION' ? 
r_mcbond_it            565  0.776  1.500  ? 'X-RAY DIFFRACTION' ? 
r_mcangle_it           917  1.473  2.000  ? 'X-RAY DIFFRACTION' ? 
r_scbond_it            397  2.055  3.000  ? 'X-RAY DIFFRACTION' ? 
r_scangle_it           386  3.337  4.500  ? 'X-RAY DIFFRACTION' ? 
# 
loop_
_refine_ls_shell.pdbx_total_number_of_bins_used 
_refine_ls_shell.d_res_low 
_refine_ls_shell.d_res_high 
_refine_ls_shell.number_reflns_all 
_refine_ls_shell.percent_reflns_obs 
_refine_ls_shell.number_reflns_R_work 
_refine_ls_shell.R_factor_R_work 
_refine_ls_shell.number_reflns_R_free 
_refine_ls_shell.R_factor_R_free 
_refine_ls_shell.number_reflns_obs 
_refine_ls_shell.R_factor_R_free_error 
_refine_ls_shell.percent_reflns_R_free 
_refine_ls_shell.redundancy_reflns_obs 
_refine_ls_shell.R_factor_all 
_refine_ls_shell.pdbx_refine_id 
20 1.997  1.947 895 99.888  843 0.245 51 0.317 . . . . . 'X-RAY DIFFRACTION' 
20 2.052  1.997 868 99.309  815 0.247 47 0.296 . . . . . 'X-RAY DIFFRACTION' 
20 2.111  2.052 845 100.000 808 0.247 37 0.233 . . . . . 'X-RAY DIFFRACTION' 
20 2.175  2.111 817 99.878  781 0.247 35 0.242 . . . . . 'X-RAY DIFFRACTION' 
20 2.246  2.175 793 99.496  753 0.220 36 0.271 . . . . . 'X-RAY DIFFRACTION' 
20 2.324  2.246 774 98.837  706 0.219 59 0.235 . . . . . 'X-RAY DIFFRACTION' 
20 2.411  2.324 751 99.734  725 0.198 24 0.275 . . . . . 'X-RAY DIFFRACTION' 
20 2.509  2.411 721 98.752  682 0.228 30 0.289 . . . . . 'X-RAY DIFFRACTION' 
20 2.619  2.509 701 99.572  664 0.235 34 0.169 . . . . . 'X-RAY DIFFRACTION' 
20 2.745  2.619 657 99.848  621 0.221 35 0.292 . . . . . 'X-RAY DIFFRACTION' 
20 2.892  2.745 638 98.903  598 0.239 33 0.220 . . . . . 'X-RAY DIFFRACTION' 
20 3.065  2.892 600 99.500  575 0.221 22 0.355 . . . . . 'X-RAY DIFFRACTION' 
20 3.273  3.065 568 98.768  534 0.219 27 0.171 . . . . . 'X-RAY DIFFRACTION' 
20 3.530  3.273 541 99.445  513 0.211 25 0.247 . . . . . 'X-RAY DIFFRACTION' 
20 3.860  3.530 495 99.596  476 0.186 17 0.218 . . . . . 'X-RAY DIFFRACTION' 
20 4.303  3.860 449 99.109  427 0.189 18 0.194 . . . . . 'X-RAY DIFFRACTION' 
20 4.944  4.303 411 100.000 387 0.174 24 0.242 . . . . . 'X-RAY DIFFRACTION' 
20 5.997  4.944 352 99.716  337 0.228 14 0.210 . . . . . 'X-RAY DIFFRACTION' 
20 8.250  5.997 288 98.958  272 0.241 13 0.240 . . . . . 'X-RAY DIFFRACTION' 
20 25.125 8.250 189 80.423  143 0.228 9  0.251 . . . . . 'X-RAY DIFFRACTION' 
# 
_struct.entry_id                  3K2A 
_struct.title                     'Crystal structure of the homeobox domain of human homeobox protein Meis2' 
_struct.pdbx_model_details        ? 
_struct.pdbx_CASP_flag            N 
_struct.pdbx_model_type_details   ? 
# 
_struct_keywords.entry_id        3K2A 
_struct_keywords.text            
'homeobox domain, human homeobox protein MEIS2, DNA-binding, transcription, Homeobox, Nucleus, Phosphoprotein, DNA BINDING PROTEIN' 
_struct_keywords.pdbx_keywords   'DNA BINDING PROTEIN' 
# 
loop_
_struct_asym.id 
_struct_asym.pdbx_blank_PDB_chainid_flag 
_struct_asym.pdbx_modified 
_struct_asym.entity_id 
_struct_asym.details 
A N N 1 ? 
B N N 1 ? 
C N N 2 ? 
D N N 3 ? 
E N N 2 ? 
F N N 3 ? 
G N N 4 ? 
H N N 4 ? 
# 
_struct_ref.id                         1 
_struct_ref.db_name                    UNP 
_struct_ref.db_code                    MEIS2_HUMAN 
_struct_ref.pdbx_db_accession          O14770 
_struct_ref.entity_id                  1 
_struct_ref.pdbx_seq_one_letter_code   GIFPKVATNIMRAWLFQHLTHPYPSEEQKKQLAQDTGLTILQVNNWFINARRRIVQPMIDQSNRA 
_struct_ref.pdbx_align_begin           281 
_struct_ref.pdbx_db_isoform            ? 
# 
loop_
_struct_ref_seq.align_id 
_struct_ref_seq.ref_id 
_struct_ref_seq.pdbx_PDB_id_code 
_struct_ref_seq.pdbx_strand_id 
_struct_ref_seq.seq_align_beg 
_struct_ref_seq.pdbx_seq_align_beg_ins_code 
_struct_ref_seq.seq_align_end 
_struct_ref_seq.pdbx_seq_align_end_ins_code 
_struct_ref_seq.pdbx_db_accession 
_struct_ref_seq.db_align_beg 
_struct_ref_seq.pdbx_db_align_beg_ins_code 
_struct_ref_seq.db_align_end 
_struct_ref_seq.pdbx_db_align_end_ins_code 
_struct_ref_seq.pdbx_auth_seq_align_beg 
_struct_ref_seq.pdbx_auth_seq_align_end 
1 1 3K2A A 3 ? 67 ? O14770 281 ? 345 ? 281 345 
2 1 3K2A B 3 ? 67 ? O14770 281 ? 345 ? 281 345 
# 
loop_
_struct_ref_seq_dif.align_id 
_struct_ref_seq_dif.pdbx_pdb_id_code 
_struct_ref_seq_dif.mon_id 
_struct_ref_seq_dif.pdbx_pdb_strand_id 
_struct_ref_seq_dif.seq_num 
_struct_ref_seq_dif.pdbx_pdb_ins_code 
_struct_ref_seq_dif.pdbx_seq_db_name 
_struct_ref_seq_dif.pdbx_seq_db_accession_code 
_struct_ref_seq_dif.db_mon_id 
_struct_ref_seq_dif.pdbx_seq_db_seq_num 
_struct_ref_seq_dif.details 
_struct_ref_seq_dif.pdbx_auth_seq_num 
_struct_ref_seq_dif.pdbx_ordinal 
1 3K2A GLY A 1 ? UNP O14770 ? ? 'expression tag' 279 1 
1 3K2A SER A 2 ? UNP O14770 ? ? 'expression tag' 280 2 
2 3K2A GLY B 1 ? UNP O14770 ? ? 'expression tag' 279 3 
2 3K2A SER B 2 ? UNP O14770 ? ? 'expression tag' 280 4 
# 
loop_
_pdbx_struct_assembly.id 
_pdbx_struct_assembly.details 
_pdbx_struct_assembly.method_details 
_pdbx_struct_assembly.oligomeric_details 
_pdbx_struct_assembly.oligomeric_count 
1 author_defined_assembly   ?    monomeric     1  
2 author_defined_assembly   ?    monomeric     1  
3 software_defined_assembly PISA hexadecameric 16 
# 
loop_
_pdbx_struct_assembly_prop.biol_id 
_pdbx_struct_assembly_prop.type 
_pdbx_struct_assembly_prop.value 
_pdbx_struct_assembly_prop.details 
3 'ABSA (A^2)' 33190 ? 
3 MORE         -260  ? 
3 'SSA (A^2)'  39020 ? 
# 
loop_
_pdbx_struct_assembly_gen.assembly_id 
_pdbx_struct_assembly_gen.oper_expression 
_pdbx_struct_assembly_gen.asym_id_list 
1 1               A,C,D,G         
2 1               B,E,F,H         
3 1,2,3,4,5,6,7,8 A,B,C,D,E,F,G,H 
# 
loop_
_pdbx_struct_oper_list.id 
_pdbx_struct_oper_list.type 
_pdbx_struct_oper_list.name 
_pdbx_struct_oper_list.symmetry_operation 
_pdbx_struct_oper_list.matrix[1][1] 
_pdbx_struct_oper_list.matrix[1][2] 
_pdbx_struct_oper_list.matrix[1][3] 
_pdbx_struct_oper_list.vector[1] 
_pdbx_struct_oper_list.matrix[2][1] 
_pdbx_struct_oper_list.matrix[2][2] 
_pdbx_struct_oper_list.matrix[2][3] 
_pdbx_struct_oper_list.vector[2] 
_pdbx_struct_oper_list.matrix[3][1] 
_pdbx_struct_oper_list.matrix[3][2] 
_pdbx_struct_oper_list.matrix[3][3] 
_pdbx_struct_oper_list.vector[3] 
1 'identity operation'         1_555 x,y,z          1.0000000000  0.0000000000  0.0000000000  0.0000000000  0.0000000000  1.0000000000  0.0000000000  0.0000000000   0.0000000000  0.0000000000  1.0000000000  0.0000000000   
2 'crystal symmetry operation' 2_665 -x+1,-y+1,z    -0.8472495467 0.1061287304  0.5204852526  48.6247295840 0.1061287304  -0.9262633453 0.3616253692  -24.3091567780 0.5204852526  0.3616253692  0.7735128920  -9.3135194775  
3 'crystal symmetry operation' 3_655 -y+1,x,z       0.0763752266  -0.8886130987 0.4522538951  13.7608225857 0.9947418291  0.0368683273  -0.0955479975 -36.3359297058 0.0682313575  0.4571733668  0.8867564460  3.3705358468   
4 'crystal symmetry operation' 4_565 y,-x+1,z       0.0763752266  0.9947418291  0.0682313575  34.8639069983 -0.8886130987 0.0368683273  0.4571733668  12.0267729278  0.4522538951  -0.0955479975 0.8867564460  -12.6840553243 
5 'crystal symmetry operation' 5_656 -x+1,y,-z+1    -0.0565272484 0.8872553346  -0.4578019675 34.2708949580 0.8872553346  -0.1656123323 -0.4305235495 -37.7909764664 -0.4578019675 -0.4305235495 -0.7778604193 -2.6137718687  
6 'crystal symmetry operation' 6_566 x,-y+1,-z+1    -0.0962232048 -0.9933840650 -0.0626832851 14.2175912994 -0.9933840650 0.0918756776  0.0688981803  13.3871598627  -0.0626832851 0.0688981803  -0.9956524728 -7.1639861149  
7 'crystal symmetry operation' 7_556 y,x,-z+1       0.8470362633  -0.1263523933 -0.5162989845 -0.2892518894 -0.1263523933 -0.9913564625 0.0353190750  -21.0150302114 -0.5162989845 0.0353190750  -0.8556798008 4.1081634811   
8 'crystal symmetry operation' 8_666 -y+1,-x+1,-z+1 -0.9997867166 0.0202236629  -0.0041862681 48.7777381468 0.0202236629  0.9176198078  -0.3969444443 -3.3887863922  -0.0041862681 -0.3969444443 -0.9178330912 -13.8859214648 
# 
_struct_biol.id        1 
_struct_biol.details   ? 
# 
loop_
_struct_conf.conf_type_id 
_struct_conf.id 
_struct_conf.pdbx_PDB_helix_id 
_struct_conf.beg_label_comp_id 
_struct_conf.beg_label_asym_id 
_struct_conf.beg_label_seq_id 
_struct_conf.pdbx_beg_PDB_ins_code 
_struct_conf.end_label_comp_id 
_struct_conf.end_label_asym_id 
_struct_conf.end_label_seq_id 
_struct_conf.pdbx_end_PDB_ins_code 
_struct_conf.beg_auth_comp_id 
_struct_conf.beg_auth_asym_id 
_struct_conf.beg_auth_seq_id 
_struct_conf.end_auth_comp_id 
_struct_conf.end_auth_asym_id 
_struct_conf.end_auth_seq_id 
_struct_conf.pdbx_PDB_helix_class 
_struct_conf.details 
_struct_conf.pdbx_PDB_helix_length 
HELX_P HELX_P1 1 PRO A 6  ? HIS A 20 ? PRO A 284 HIS A 298 1 ? 15 
HELX_P HELX_P2 2 SER A 27 ? GLY A 39 ? SER A 305 GLY A 317 1 ? 13 
HELX_P HELX_P3 3 THR A 41 ? GLN A 58 ? THR A 319 GLN A 336 1 ? 18 
HELX_P HELX_P4 4 PRO B 6  ? HIS B 20 ? PRO B 284 HIS B 298 1 ? 15 
HELX_P HELX_P5 5 SER B 27 ? GLY B 39 ? SER B 305 GLY B 317 1 ? 13 
HELX_P HELX_P6 6 THR B 41 ? GLN B 58 ? THR B 319 GLN B 336 1 ? 18 
# 
_struct_conf_type.id          HELX_P 
_struct_conf_type.criteria    ? 
_struct_conf_type.reference   ? 
# 
loop_
_struct_conn.id 
_struct_conn.conn_type_id 
_struct_conn.pdbx_leaving_atom_flag 
_struct_conn.pdbx_PDB_id 
_struct_conn.ptnr1_label_asym_id 
_struct_conn.ptnr1_label_comp_id 
_struct_conn.ptnr1_label_seq_id 
_struct_conn.ptnr1_label_atom_id 
_struct_conn.pdbx_ptnr1_label_alt_id 
_struct_conn.pdbx_ptnr1_PDB_ins_code 
_struct_conn.pdbx_ptnr1_standard_comp_id 
_struct_conn.ptnr1_symmetry 
_struct_conn.ptnr2_label_asym_id 
_struct_conn.ptnr2_label_comp_id 
_struct_conn.ptnr2_label_seq_id 
_struct_conn.ptnr2_label_atom_id 
_struct_conn.pdbx_ptnr2_label_alt_id 
_struct_conn.pdbx_ptnr2_PDB_ins_code 
_struct_conn.ptnr1_auth_asym_id 
_struct_conn.ptnr1_auth_comp_id 
_struct_conn.ptnr1_auth_seq_id 
_struct_conn.ptnr2_auth_asym_id 
_struct_conn.ptnr2_auth_comp_id 
_struct_conn.ptnr2_auth_seq_id 
_struct_conn.ptnr2_symmetry 
_struct_conn.pdbx_ptnr3_label_atom_id 
_struct_conn.pdbx_ptnr3_label_seq_id 
_struct_conn.pdbx_ptnr3_label_comp_id 
_struct_conn.pdbx_ptnr3_label_asym_id 
_struct_conn.pdbx_ptnr3_label_alt_id 
_struct_conn.pdbx_ptnr3_PDB_ins_code 
_struct_conn.details 
_struct_conn.pdbx_dist_value 
_struct_conn.pdbx_value_order 
_struct_conn.pdbx_role 
covale1 covale both ? A ILE 12 C ? ? ? 1_555 A MSE 13 N ? ? A ILE 290 A MSE 291 1_555 ? ? ? ? ? ? ? 1.334 ? ? 
covale2 covale both ? A MSE 13 C ? ? ? 1_555 A ARG 14 N ? ? A MSE 291 A ARG 292 1_555 ? ? ? ? ? ? ? 1.336 ? ? 
covale3 covale both ? A PRO 59 C ? ? ? 1_555 A MSE 60 N ? ? A PRO 337 A MSE 338 1_555 ? ? ? ? ? ? ? 1.335 ? ? 
covale4 covale both ? B ILE 12 C ? ? ? 1_555 B MSE 13 N ? ? B ILE 290 B MSE 291 1_555 ? ? ? ? ? ? ? 1.328 ? ? 
covale5 covale both ? B MSE 13 C ? ? ? 1_555 B ARG 14 N ? ? B MSE 291 B ARG 292 1_555 ? ? ? ? ? ? ? 1.335 ? ? 
covale6 covale both ? B PRO 59 C ? ? ? 1_555 B MSE 60 N ? ? B PRO 337 B MSE 338 1_555 ? ? ? ? ? ? ? 1.335 ? ? 
# 
_struct_conn_type.id          covale 
_struct_conn_type.criteria    ? 
_struct_conn_type.reference   ? 
# 
loop_
_pdbx_modification_feature.ordinal 
_pdbx_modification_feature.label_comp_id 
_pdbx_modification_feature.label_asym_id 
_pdbx_modification_feature.label_seq_id 
_pdbx_modification_feature.label_alt_id 
_pdbx_modification_feature.modified_residue_label_comp_id 
_pdbx_modification_feature.modified_residue_label_asym_id 
_pdbx_modification_feature.modified_residue_label_seq_id 
_pdbx_modification_feature.modified_residue_label_alt_id 
_pdbx_modification_feature.auth_comp_id 
_pdbx_modification_feature.auth_asym_id 
_pdbx_modification_feature.auth_seq_id 
_pdbx_modification_feature.PDB_ins_code 
_pdbx_modification_feature.symmetry 
_pdbx_modification_feature.modified_residue_auth_comp_id 
_pdbx_modification_feature.modified_residue_auth_asym_id 
_pdbx_modification_feature.modified_residue_auth_seq_id 
_pdbx_modification_feature.modified_residue_PDB_ins_code 
_pdbx_modification_feature.modified_residue_symmetry 
_pdbx_modification_feature.comp_id_linking_atom 
_pdbx_modification_feature.modified_residue_id_linking_atom 
_pdbx_modification_feature.modified_residue_id 
_pdbx_modification_feature.ref_pcm_id 
_pdbx_modification_feature.ref_comp_id 
_pdbx_modification_feature.type 
_pdbx_modification_feature.category 
1 MSE A 13 ? . . . . MSE A 291 ? 1_555 . . . . . . . MET 1 MSE Selenomethionine 'Named protein modification' 
2 MSE A 60 ? . . . . MSE A 338 ? 1_555 . . . . . . . MET 1 MSE Selenomethionine 'Named protein modification' 
3 MSE B 13 ? . . . . MSE B 291 ? 1_555 . . . . . . . MET 1 MSE Selenomethionine 'Named protein modification' 
4 MSE B 60 ? . . . . MSE B 338 ? 1_555 . . . . . . . MET 1 MSE Selenomethionine 'Named protein modification' 
# 
loop_
_struct_site.id 
_struct_site.pdbx_evidence_code 
_struct_site.pdbx_auth_asym_id 
_struct_site.pdbx_auth_comp_id 
_struct_site.pdbx_auth_seq_id 
_struct_site.pdbx_auth_ins_code 
_struct_site.pdbx_num_residues 
_struct_site.details 
AC1 Software A CL  500 ? 4 'BINDING SITE FOR RESIDUE CL A 500'  
AC2 Software A ACT 510 ? 3 'BINDING SITE FOR RESIDUE ACT A 510' 
AC3 Software B CL  500 ? 4 'BINDING SITE FOR RESIDUE CL B 500'  
AC4 Software B ACT 510 ? 3 'BINDING SITE FOR RESIDUE ACT B 510' 
# 
loop_
_struct_site_gen.id 
_struct_site_gen.site_id 
_struct_site_gen.pdbx_num_res 
_struct_site_gen.label_comp_id 
_struct_site_gen.label_asym_id 
_struct_site_gen.label_seq_id 
_struct_site_gen.pdbx_auth_ins_code 
_struct_site_gen.auth_comp_id 
_struct_site_gen.auth_asym_id 
_struct_site_gen.auth_seq_id 
_struct_site_gen.label_atom_id 
_struct_site_gen.label_alt_id 
_struct_site_gen.symmetry 
_struct_site_gen.details 
1  AC1 4 HOH G .  ? HOH A 4   . ? 7_556 ? 
2  AC1 4 HOH G .  ? HOH A 4   . ? 1_555 ? 
3  AC1 4 ARG A 14 ? ARG A 292 . ? 1_555 ? 
4  AC1 4 ARG A 14 ? ARG A 292 . ? 7_556 ? 
5  AC2 3 GLN A 19 ? GLN A 297 . ? 1_555 ? 
6  AC2 3 LEU A 21 ? LEU A 299 . ? 7_556 ? 
7  AC2 3 ARG B 53 ? ARG B 331 . ? 7_556 ? 
8  AC3 4 HOH H .  ? HOH B 1   . ? 1_555 ? 
9  AC3 4 HOH H .  ? HOH B 1   . ? 6_566 ? 
10 AC3 4 ARG B 14 ? ARG B 292 . ? 6_566 ? 
11 AC3 4 ARG B 14 ? ARG B 292 . ? 1_555 ? 
12 AC4 3 ARG A 53 ? ARG A 331 . ? 6_566 ? 
13 AC4 3 GLN B 19 ? GLN B 297 . ? 1_555 ? 
14 AC4 3 LEU B 21 ? LEU B 299 . ? 6_566 ? 
# 
_pdbx_entry_details.entry_id                   3K2A 
_pdbx_entry_details.compound_details           ? 
_pdbx_entry_details.source_details             ? 
_pdbx_entry_details.nonpolymer_details         ? 
_pdbx_entry_details.sequence_details           ? 
_pdbx_entry_details.has_ligand_of_interest     ? 
_pdbx_entry_details.has_protein_modification   Y 
# 
_pdbx_validate_torsion.id              1 
_pdbx_validate_torsion.PDB_model_num   1 
_pdbx_validate_torsion.auth_comp_id    HIS 
_pdbx_validate_torsion.auth_asym_id    A 
_pdbx_validate_torsion.auth_seq_id     301 
_pdbx_validate_torsion.PDB_ins_code    ? 
_pdbx_validate_torsion.label_alt_id    ? 
_pdbx_validate_torsion.phi             -150.30 
_pdbx_validate_torsion.psi             73.61 
# 
loop_
_pdbx_struct_mod_residue.id 
_pdbx_struct_mod_residue.label_asym_id 
_pdbx_struct_mod_residue.label_comp_id 
_pdbx_struct_mod_residue.label_seq_id 
_pdbx_struct_mod_residue.auth_asym_id 
_pdbx_struct_mod_residue.auth_comp_id 
_pdbx_struct_mod_residue.auth_seq_id 
_pdbx_struct_mod_residue.PDB_ins_code 
_pdbx_struct_mod_residue.parent_comp_id 
_pdbx_struct_mod_residue.details 
1 A MSE 13 A MSE 291 ? MET SELENOMETHIONINE 
2 A MSE 60 A MSE 338 ? MET SELENOMETHIONINE 
3 B MSE 13 B MSE 291 ? MET SELENOMETHIONINE 
4 B MSE 60 B MSE 338 ? MET SELENOMETHIONINE 
# 
loop_
_pdbx_struct_special_symmetry.id 
_pdbx_struct_special_symmetry.PDB_model_num 
_pdbx_struct_special_symmetry.auth_asym_id 
_pdbx_struct_special_symmetry.auth_comp_id 
_pdbx_struct_special_symmetry.auth_seq_id 
_pdbx_struct_special_symmetry.PDB_ins_code 
_pdbx_struct_special_symmetry.label_asym_id 
_pdbx_struct_special_symmetry.label_comp_id 
_pdbx_struct_special_symmetry.label_seq_id 
1 1 A CL  500 ? C CL  . 
2 1 B CL  500 ? E CL  . 
3 1 A HOH 37  ? G HOH . 
# 
loop_
_pdbx_refine_tls.pdbx_refine_id 
_pdbx_refine_tls.id 
_pdbx_refine_tls.details 
_pdbx_refine_tls.method 
_pdbx_refine_tls.origin_x 
_pdbx_refine_tls.origin_y 
_pdbx_refine_tls.origin_z 
_pdbx_refine_tls.T[1][1] 
_pdbx_refine_tls.T[2][2] 
_pdbx_refine_tls.T[3][3] 
_pdbx_refine_tls.T[1][2] 
_pdbx_refine_tls.T[1][3] 
_pdbx_refine_tls.T[2][3] 
_pdbx_refine_tls.L[1][1] 
_pdbx_refine_tls.L[2][2] 
_pdbx_refine_tls.L[3][3] 
_pdbx_refine_tls.L[1][2] 
_pdbx_refine_tls.L[1][3] 
_pdbx_refine_tls.L[2][3] 
_pdbx_refine_tls.S[1][1] 
_pdbx_refine_tls.S[2][2] 
_pdbx_refine_tls.S[3][3] 
_pdbx_refine_tls.S[1][2] 
_pdbx_refine_tls.S[1][3] 
_pdbx_refine_tls.S[2][3] 
_pdbx_refine_tls.S[2][1] 
_pdbx_refine_tls.S[3][1] 
_pdbx_refine_tls.S[3][2] 
'X-RAY DIFFRACTION' 1 ? refined -5.3226 -8.2359 -7.6442 0.0099 0.1124 0.0708 -0.0252 0.0094 -0.0364 2.4500 3.0317 1.6439 0.9422 0.4094  0.3887  -0.1203 0.2122  -0.0918 0.1659  -0.0273 -0.0328 -0.1206 -0.0491 0.1641 
'X-RAY DIFFRACTION' 2 ? refined 5.4355  7.9509  7.6442  0.0609 0.0726 0.0612 -0.0555 0.0329 -0.0458 3.5209 4.0899 0.8644 2.5473 -0.3458 -0.4552 0.1612  -0.1506 -0.0105 -0.0863 0.1353  0.1080  0.2298  -0.1262 0.0063 
# 
loop_
_pdbx_refine_tls_group.pdbx_refine_id 
_pdbx_refine_tls_group.id 
_pdbx_refine_tls_group.refine_tls_id 
_pdbx_refine_tls_group.beg_auth_asym_id 
_pdbx_refine_tls_group.beg_auth_seq_id 
_pdbx_refine_tls_group.end_auth_asym_id 
_pdbx_refine_tls_group.end_auth_seq_id 
_pdbx_refine_tls_group.selection_details 
_pdbx_refine_tls_group.beg_label_asym_id 
_pdbx_refine_tls_group.beg_label_seq_id 
_pdbx_refine_tls_group.end_label_asym_id 
_pdbx_refine_tls_group.end_label_seq_id 
_pdbx_refine_tls_group.selection 
'X-RAY DIFFRACTION' 1 1 A 284 A 338 ? . . . . ? 
'X-RAY DIFFRACTION' 2 2 B 283 B 338 ? . . . . ? 
# 
loop_
_pdbx_phasing_MAD_set.id 
_pdbx_phasing_MAD_set.d_res_low 
_pdbx_phasing_MAD_set.d_res_high 
_pdbx_phasing_MAD_set.reflns_acentric 
_pdbx_phasing_MAD_set.reflns_centric 
_pdbx_phasing_MAD_set.R_cullis_acentric 
_pdbx_phasing_MAD_set.R_cullis_centric 
ISO_1 24.16 1.95 10574 1616 0.000 0.000 
ANO_1 24.16 1.95 10567 0    0.423 0.000 
# 
loop_
_pdbx_phasing_MAD_set_shell.id 
_pdbx_phasing_MAD_set_shell.d_res_low 
_pdbx_phasing_MAD_set_shell.d_res_high 
_pdbx_phasing_MAD_set_shell.reflns_acentric 
_pdbx_phasing_MAD_set_shell.reflns_centric 
_pdbx_phasing_MAD_set_shell.R_cullis_acentric 
_pdbx_phasing_MAD_set_shell.R_cullis_centric 
ISO_1 24.16 8.23 101 55 0.000 0.000 
ISO_1 8.23  5.99 200 83 0.000 0.000 
ISO_1 5.99  4.94 268 81 0.000 0.000 
ISO_1 4.94  4.30 325 81 0.000 0.000 
ISO_1 4.30  3.86 362 83 0.000 0.000 
ISO_1 3.86  3.53 412 81 0.000 0.000 
ISO_1 3.53  3.28 449 84 0.000 0.000 
ISO_1 3.28  3.07 480 79 0.000 0.000 
ISO_1 3.07  2.90 510 85 0.000 0.000 
ISO_1 2.90  2.75 545 85 0.000 0.000 
ISO_1 2.75  2.62 577 76 0.000 0.000 
ISO_1 2.62  2.51 612 77 0.000 0.000 
ISO_1 2.51  2.41 624 89 0.000 0.000 
ISO_1 2.41  2.33 657 81 0.000 0.000 
ISO_1 2.33  2.25 686 83 0.000 0.000 
ISO_1 2.25  2.18 704 82 0.000 0.000 
ISO_1 2.18  2.11 732 76 0.000 0.000 
ISO_1 2.11  2.05 760 92 0.000 0.000 
ISO_1 2.05  2.00 765 82 0.000 0.000 
ISO_1 2.00  1.95 805 81 0.000 0.000 
ANO_1 24.16 8.23 96  0  0.445 0.000 
ANO_1 8.23  5.99 199 0  0.246 0.000 
ANO_1 5.99  4.94 268 0  0.257 0.000 
ANO_1 4.94  4.30 325 0  0.286 0.000 
ANO_1 4.30  3.86 362 0  0.329 0.000 
ANO_1 3.86  3.53 412 0  0.320 0.000 
ANO_1 3.53  3.28 449 0  0.300 0.000 
ANO_1 3.28  3.07 480 0  0.319 0.000 
ANO_1 3.07  2.90 510 0  0.333 0.000 
ANO_1 2.90  2.75 545 0  0.332 0.000 
ANO_1 2.75  2.62 577 0  0.351 0.000 
ANO_1 2.62  2.51 612 0  0.420 0.000 
ANO_1 2.51  2.41 624 0  0.470 0.000 
ANO_1 2.41  2.33 657 0  0.509 0.000 
ANO_1 2.33  2.25 686 0  0.568 0.000 
ANO_1 2.25  2.18 704 0  0.642 0.000 
ANO_1 2.18  2.11 732 0  0.691 0.000 
ANO_1 2.11  2.05 760 0  0.767 0.000 
ANO_1 2.05  2.00 764 0  0.846 0.000 
ANO_1 2.00  1.95 805 0  0.886 0.000 
# 
_pdbx_phasing_dm.entry_id   3K2A 
_pdbx_phasing_dm.method     'Solvent flattening  and Histogram matching' 
_pdbx_phasing_dm.reflns     12190 
# 
loop_
_pdbx_phasing_dm_shell.d_res_high 
_pdbx_phasing_dm_shell.d_res_low 
_pdbx_phasing_dm_shell.delta_phi_final 
_pdbx_phasing_dm_shell.delta_phi_initial 
_pdbx_phasing_dm_shell.fom_acentric 
_pdbx_phasing_dm_shell.fom_centric 
_pdbx_phasing_dm_shell.fom 
_pdbx_phasing_dm_shell.reflns_acentric 
_pdbx_phasing_dm_shell.reflns_centric 
_pdbx_phasing_dm_shell.reflns 
5.720 100.000 62.200 ? ? ? 0.809 ? ? 505 
4.560 5.720   56.500 ? ? ? 0.912 ? ? 503 
3.970 4.560   56.000 ? ? ? 0.933 ? ? 510 
3.590 3.970   55.500 ? ? ? 0.925 ? ? 509 
3.330 3.590   61.100 ? ? ? 0.908 ? ? 506 
3.130 3.330   59.200 ? ? ? 0.914 ? ? 504 
2.970 3.130   56.300 ? ? ? 0.893 ? ? 501 
2.840 2.970   55.800 ? ? ? 0.901 ? ? 506 
2.730 2.840   59.100 ? ? ? 0.884 ? ? 503 
2.630 2.730   55.000 ? ? ? 0.895 ? ? 505 
2.550 2.630   53.600 ? ? ? 0.884 ? ? 515 
2.470 2.550   58.100 ? ? ? 0.895 ? ? 511 
2.400 2.470   60.200 ? ? ? 0.883 ? ? 510 
2.340 2.400   55.700 ? ? ? 0.879 ? ? 513 
2.290 2.340   55.400 ? ? ? 0.876 ? ? 512 
2.240 2.290   63.200 ? ? ? 0.876 ? ? 537 
2.190 2.240   62.300 ? ? ? 0.873 ? ? 536 
2.140 2.190   61.100 ? ? ? 0.876 ? ? 560 
2.100 2.140   64.900 ? ? ? 0.843 ? ? 559 
2.060 2.100   67.700 ? ? ? 0.866 ? ? 585 
2.020 2.060   67.300 ? ? ? 0.790 ? ? 585 
1.990 2.020   73.300 ? ? ? 0.778 ? ? 596 
1.950 1.990   71.800 ? ? ? 0.708 ? ? 619 
# 
_phasing.method   SAD 
# 
loop_
_pdbx_unobs_or_zero_occ_residues.id 
_pdbx_unobs_or_zero_occ_residues.PDB_model_num 
_pdbx_unobs_or_zero_occ_residues.polymer_flag 
_pdbx_unobs_or_zero_occ_residues.occupancy_flag 
_pdbx_unobs_or_zero_occ_residues.auth_asym_id 
_pdbx_unobs_or_zero_occ_residues.auth_comp_id 
_pdbx_unobs_or_zero_occ_residues.auth_seq_id 
_pdbx_unobs_or_zero_occ_residues.PDB_ins_code 
_pdbx_unobs_or_zero_occ_residues.label_asym_id 
_pdbx_unobs_or_zero_occ_residues.label_comp_id 
_pdbx_unobs_or_zero_occ_residues.label_seq_id 
1  1 Y 1 A GLY 279 ? A GLY 1  
2  1 Y 1 A SER 280 ? A SER 2  
3  1 Y 1 A GLY 281 ? A GLY 3  
4  1 Y 1 A ILE 282 ? A ILE 4  
5  1 Y 1 A PHE 283 ? A PHE 5  
6  1 Y 1 A ILE 339 ? A ILE 61 
7  1 Y 1 A ASP 340 ? A ASP 62 
8  1 Y 1 A GLN 341 ? A GLN 63 
9  1 Y 1 A SER 342 ? A SER 64 
10 1 Y 1 A ASN 343 ? A ASN 65 
11 1 Y 1 A ARG 344 ? A ARG 66 
12 1 Y 1 A ALA 345 ? A ALA 67 
13 1 Y 1 B GLY 279 ? B GLY 1  
14 1 Y 1 B SER 280 ? B SER 2  
15 1 Y 1 B GLY 281 ? B GLY 3  
16 1 Y 1 B ILE 282 ? B ILE 4  
17 1 Y 1 B ILE 339 ? B ILE 61 
18 1 Y 1 B ASP 340 ? B ASP 62 
19 1 Y 1 B GLN 341 ? B GLN 63 
20 1 Y 1 B SER 342 ? B SER 64 
21 1 Y 1 B ASN 343 ? B ASN 65 
22 1 Y 1 B ARG 344 ? B ARG 66 
23 1 Y 1 B ALA 345 ? B ALA 67 
# 
loop_
_chem_comp_atom.comp_id 
_chem_comp_atom.atom_id 
_chem_comp_atom.type_symbol 
_chem_comp_atom.pdbx_aromatic_flag 
_chem_comp_atom.pdbx_stereo_config 
_chem_comp_atom.pdbx_ordinal 
ACT C    C  N N 1   
ACT O    O  N N 2   
ACT OXT  O  N N 3   
ACT CH3  C  N N 4   
ACT H1   H  N N 5   
ACT H2   H  N N 6   
ACT H3   H  N N 7   
ALA N    N  N N 8   
ALA CA   C  N S 9   
ALA C    C  N N 10  
ALA O    O  N N 11  
ALA CB   C  N N 12  
ALA OXT  O  N N 13  
ALA H    H  N N 14  
ALA H2   H  N N 15  
ALA HA   H  N N 16  
ALA HB1  H  N N 17  
ALA HB2  H  N N 18  
ALA HB3  H  N N 19  
ALA HXT  H  N N 20  
ARG N    N  N N 21  
ARG CA   C  N S 22  
ARG C    C  N N 23  
ARG O    O  N N 24  
ARG CB   C  N N 25  
ARG CG   C  N N 26  
ARG CD   C  N N 27  
ARG NE   N  N N 28  
ARG CZ   C  N N 29  
ARG NH1  N  N N 30  
ARG NH2  N  N N 31  
ARG OXT  O  N N 32  
ARG H    H  N N 33  
ARG H2   H  N N 34  
ARG HA   H  N N 35  
ARG HB2  H  N N 36  
ARG HB3  H  N N 37  
ARG HG2  H  N N 38  
ARG HG3  H  N N 39  
ARG HD2  H  N N 40  
ARG HD3  H  N N 41  
ARG HE   H  N N 42  
ARG HH11 H  N N 43  
ARG HH12 H  N N 44  
ARG HH21 H  N N 45  
ARG HH22 H  N N 46  
ARG HXT  H  N N 47  
ASN N    N  N N 48  
ASN CA   C  N S 49  
ASN C    C  N N 50  
ASN O    O  N N 51  
ASN CB   C  N N 52  
ASN CG   C  N N 53  
ASN OD1  O  N N 54  
ASN ND2  N  N N 55  
ASN OXT  O  N N 56  
ASN H    H  N N 57  
ASN H2   H  N N 58  
ASN HA   H  N N 59  
ASN HB2  H  N N 60  
ASN HB3  H  N N 61  
ASN HD21 H  N N 62  
ASN HD22 H  N N 63  
ASN HXT  H  N N 64  
ASP N    N  N N 65  
ASP CA   C  N S 66  
ASP C    C  N N 67  
ASP O    O  N N 68  
ASP CB   C  N N 69  
ASP CG   C  N N 70  
ASP OD1  O  N N 71  
ASP OD2  O  N N 72  
ASP OXT  O  N N 73  
ASP H    H  N N 74  
ASP H2   H  N N 75  
ASP HA   H  N N 76  
ASP HB2  H  N N 77  
ASP HB3  H  N N 78  
ASP HD2  H  N N 79  
ASP HXT  H  N N 80  
CL  CL   CL N N 81  
GLN N    N  N N 82  
GLN CA   C  N S 83  
GLN C    C  N N 84  
GLN O    O  N N 85  
GLN CB   C  N N 86  
GLN CG   C  N N 87  
GLN CD   C  N N 88  
GLN OE1  O  N N 89  
GLN NE2  N  N N 90  
GLN OXT  O  N N 91  
GLN H    H  N N 92  
GLN H2   H  N N 93  
GLN HA   H  N N 94  
GLN HB2  H  N N 95  
GLN HB3  H  N N 96  
GLN HG2  H  N N 97  
GLN HG3  H  N N 98  
GLN HE21 H  N N 99  
GLN HE22 H  N N 100 
GLN HXT  H  N N 101 
GLU N    N  N N 102 
GLU CA   C  N S 103 
GLU C    C  N N 104 
GLU O    O  N N 105 
GLU CB   C  N N 106 
GLU CG   C  N N 107 
GLU CD   C  N N 108 
GLU OE1  O  N N 109 
GLU OE2  O  N N 110 
GLU OXT  O  N N 111 
GLU H    H  N N 112 
GLU H2   H  N N 113 
GLU HA   H  N N 114 
GLU HB2  H  N N 115 
GLU HB3  H  N N 116 
GLU HG2  H  N N 117 
GLU HG3  H  N N 118 
GLU HE2  H  N N 119 
GLU HXT  H  N N 120 
GLY N    N  N N 121 
GLY CA   C  N N 122 
GLY C    C  N N 123 
GLY O    O  N N 124 
GLY OXT  O  N N 125 
GLY H    H  N N 126 
GLY H2   H  N N 127 
GLY HA2  H  N N 128 
GLY HA3  H  N N 129 
GLY HXT  H  N N 130 
HIS N    N  N N 131 
HIS CA   C  N S 132 
HIS C    C  N N 133 
HIS O    O  N N 134 
HIS CB   C  N N 135 
HIS CG   C  Y N 136 
HIS ND1  N  Y N 137 
HIS CD2  C  Y N 138 
HIS CE1  C  Y N 139 
HIS NE2  N  Y N 140 
HIS OXT  O  N N 141 
HIS H    H  N N 142 
HIS H2   H  N N 143 
HIS HA   H  N N 144 
HIS HB2  H  N N 145 
HIS HB3  H  N N 146 
HIS HD1  H  N N 147 
HIS HD2  H  N N 148 
HIS HE1  H  N N 149 
HIS HE2  H  N N 150 
HIS HXT  H  N N 151 
HOH O    O  N N 152 
HOH H1   H  N N 153 
HOH H2   H  N N 154 
ILE N    N  N N 155 
ILE CA   C  N S 156 
ILE C    C  N N 157 
ILE O    O  N N 158 
ILE CB   C  N S 159 
ILE CG1  C  N N 160 
ILE CG2  C  N N 161 
ILE CD1  C  N N 162 
ILE OXT  O  N N 163 
ILE H    H  N N 164 
ILE H2   H  N N 165 
ILE HA   H  N N 166 
ILE HB   H  N N 167 
ILE HG12 H  N N 168 
ILE HG13 H  N N 169 
ILE HG21 H  N N 170 
ILE HG22 H  N N 171 
ILE HG23 H  N N 172 
ILE HD11 H  N N 173 
ILE HD12 H  N N 174 
ILE HD13 H  N N 175 
ILE HXT  H  N N 176 
LEU N    N  N N 177 
LEU CA   C  N S 178 
LEU C    C  N N 179 
LEU O    O  N N 180 
LEU CB   C  N N 181 
LEU CG   C  N N 182 
LEU CD1  C  N N 183 
LEU CD2  C  N N 184 
LEU OXT  O  N N 185 
LEU H    H  N N 186 
LEU H2   H  N N 187 
LEU HA   H  N N 188 
LEU HB2  H  N N 189 
LEU HB3  H  N N 190 
LEU HG   H  N N 191 
LEU HD11 H  N N 192 
LEU HD12 H  N N 193 
LEU HD13 H  N N 194 
LEU HD21 H  N N 195 
LEU HD22 H  N N 196 
LEU HD23 H  N N 197 
LEU HXT  H  N N 198 
LYS N    N  N N 199 
LYS CA   C  N S 200 
LYS C    C  N N 201 
LYS O    O  N N 202 
LYS CB   C  N N 203 
LYS CG   C  N N 204 
LYS CD   C  N N 205 
LYS CE   C  N N 206 
LYS NZ   N  N N 207 
LYS OXT  O  N N 208 
LYS H    H  N N 209 
LYS H2   H  N N 210 
LYS HA   H  N N 211 
LYS HB2  H  N N 212 
LYS HB3  H  N N 213 
LYS HG2  H  N N 214 
LYS HG3  H  N N 215 
LYS HD2  H  N N 216 
LYS HD3  H  N N 217 
LYS HE2  H  N N 218 
LYS HE3  H  N N 219 
LYS HZ1  H  N N 220 
LYS HZ2  H  N N 221 
LYS HZ3  H  N N 222 
LYS HXT  H  N N 223 
MSE N    N  N N 224 
MSE CA   C  N S 225 
MSE C    C  N N 226 
MSE O    O  N N 227 
MSE OXT  O  N N 228 
MSE CB   C  N N 229 
MSE CG   C  N N 230 
MSE SE   SE N N 231 
MSE CE   C  N N 232 
MSE H    H  N N 233 
MSE H2   H  N N 234 
MSE HA   H  N N 235 
MSE HXT  H  N N 236 
MSE HB2  H  N N 237 
MSE HB3  H  N N 238 
MSE HG2  H  N N 239 
MSE HG3  H  N N 240 
MSE HE1  H  N N 241 
MSE HE2  H  N N 242 
MSE HE3  H  N N 243 
PHE N    N  N N 244 
PHE CA   C  N S 245 
PHE C    C  N N 246 
PHE O    O  N N 247 
PHE CB   C  N N 248 
PHE CG   C  Y N 249 
PHE CD1  C  Y N 250 
PHE CD2  C  Y N 251 
PHE CE1  C  Y N 252 
PHE CE2  C  Y N 253 
PHE CZ   C  Y N 254 
PHE OXT  O  N N 255 
PHE H    H  N N 256 
PHE H2   H  N N 257 
PHE HA   H  N N 258 
PHE HB2  H  N N 259 
PHE HB3  H  N N 260 
PHE HD1  H  N N 261 
PHE HD2  H  N N 262 
PHE HE1  H  N N 263 
PHE HE2  H  N N 264 
PHE HZ   H  N N 265 
PHE HXT  H  N N 266 
PRO N    N  N N 267 
PRO CA   C  N S 268 
PRO C    C  N N 269 
PRO O    O  N N 270 
PRO CB   C  N N 271 
PRO CG   C  N N 272 
PRO CD   C  N N 273 
PRO OXT  O  N N 274 
PRO H    H  N N 275 
PRO HA   H  N N 276 
PRO HB2  H  N N 277 
PRO HB3  H  N N 278 
PRO HG2  H  N N 279 
PRO HG3  H  N N 280 
PRO HD2  H  N N 281 
PRO HD3  H  N N 282 
PRO HXT  H  N N 283 
SER N    N  N N 284 
SER CA   C  N S 285 
SER C    C  N N 286 
SER O    O  N N 287 
SER CB   C  N N 288 
SER OG   O  N N 289 
SER OXT  O  N N 290 
SER H    H  N N 291 
SER H2   H  N N 292 
SER HA   H  N N 293 
SER HB2  H  N N 294 
SER HB3  H  N N 295 
SER HG   H  N N 296 
SER HXT  H  N N 297 
THR N    N  N N 298 
THR CA   C  N S 299 
THR C    C  N N 300 
THR O    O  N N 301 
THR CB   C  N R 302 
THR OG1  O  N N 303 
THR CG2  C  N N 304 
THR OXT  O  N N 305 
THR H    H  N N 306 
THR H2   H  N N 307 
THR HA   H  N N 308 
THR HB   H  N N 309 
THR HG1  H  N N 310 
THR HG21 H  N N 311 
THR HG22 H  N N 312 
THR HG23 H  N N 313 
THR HXT  H  N N 314 
TRP N    N  N N 315 
TRP CA   C  N S 316 
TRP C    C  N N 317 
TRP O    O  N N 318 
TRP CB   C  N N 319 
TRP CG   C  Y N 320 
TRP CD1  C  Y N 321 
TRP CD2  C  Y N 322 
TRP NE1  N  Y N 323 
TRP CE2  C  Y N 324 
TRP CE3  C  Y N 325 
TRP CZ2  C  Y N 326 
TRP CZ3  C  Y N 327 
TRP CH2  C  Y N 328 
TRP OXT  O  N N 329 
TRP H    H  N N 330 
TRP H2   H  N N 331 
TRP HA   H  N N 332 
TRP HB2  H  N N 333 
TRP HB3  H  N N 334 
TRP HD1  H  N N 335 
TRP HE1  H  N N 336 
TRP HE3  H  N N 337 
TRP HZ2  H  N N 338 
TRP HZ3  H  N N 339 
TRP HH2  H  N N 340 
TRP HXT  H  N N 341 
TYR N    N  N N 342 
TYR CA   C  N S 343 
TYR C    C  N N 344 
TYR O    O  N N 345 
TYR CB   C  N N 346 
TYR CG   C  Y N 347 
TYR CD1  C  Y N 348 
TYR CD2  C  Y N 349 
TYR CE1  C  Y N 350 
TYR CE2  C  Y N 351 
TYR CZ   C  Y N 352 
TYR OH   O  N N 353 
TYR OXT  O  N N 354 
TYR H    H  N N 355 
TYR H2   H  N N 356 
TYR HA   H  N N 357 
TYR HB2  H  N N 358 
TYR HB3  H  N N 359 
TYR HD1  H  N N 360 
TYR HD2  H  N N 361 
TYR HE1  H  N N 362 
TYR HE2  H  N N 363 
TYR HH   H  N N 364 
TYR HXT  H  N N 365 
VAL N    N  N N 366 
VAL CA   C  N S 367 
VAL C    C  N N 368 
VAL O    O  N N 369 
VAL CB   C  N N 370 
VAL CG1  C  N N 371 
VAL CG2  C  N N 372 
VAL OXT  O  N N 373 
VAL H    H  N N 374 
VAL H2   H  N N 375 
VAL HA   H  N N 376 
VAL HB   H  N N 377 
VAL HG11 H  N N 378 
VAL HG12 H  N N 379 
VAL HG13 H  N N 380 
VAL HG21 H  N N 381 
VAL HG22 H  N N 382 
VAL HG23 H  N N 383 
VAL HXT  H  N N 384 
# 
loop_
_chem_comp_bond.comp_id 
_chem_comp_bond.atom_id_1 
_chem_comp_bond.atom_id_2 
_chem_comp_bond.value_order 
_chem_comp_bond.pdbx_aromatic_flag 
_chem_comp_bond.pdbx_stereo_config 
_chem_comp_bond.pdbx_ordinal 
ACT C   O    doub N N 1   
ACT C   OXT  sing N N 2   
ACT C   CH3  sing N N 3   
ACT CH3 H1   sing N N 4   
ACT CH3 H2   sing N N 5   
ACT CH3 H3   sing N N 6   
ALA N   CA   sing N N 7   
ALA N   H    sing N N 8   
ALA N   H2   sing N N 9   
ALA CA  C    sing N N 10  
ALA CA  CB   sing N N 11  
ALA CA  HA   sing N N 12  
ALA C   O    doub N N 13  
ALA C   OXT  sing N N 14  
ALA CB  HB1  sing N N 15  
ALA CB  HB2  sing N N 16  
ALA CB  HB3  sing N N 17  
ALA OXT HXT  sing N N 18  
ARG N   CA   sing N N 19  
ARG N   H    sing N N 20  
ARG N   H2   sing N N 21  
ARG CA  C    sing N N 22  
ARG CA  CB   sing N N 23  
ARG CA  HA   sing N N 24  
ARG C   O    doub N N 25  
ARG C   OXT  sing N N 26  
ARG CB  CG   sing N N 27  
ARG CB  HB2  sing N N 28  
ARG CB  HB3  sing N N 29  
ARG CG  CD   sing N N 30  
ARG CG  HG2  sing N N 31  
ARG CG  HG3  sing N N 32  
ARG CD  NE   sing N N 33  
ARG CD  HD2  sing N N 34  
ARG CD  HD3  sing N N 35  
ARG NE  CZ   sing N N 36  
ARG NE  HE   sing N N 37  
ARG CZ  NH1  sing N N 38  
ARG CZ  NH2  doub N N 39  
ARG NH1 HH11 sing N N 40  
ARG NH1 HH12 sing N N 41  
ARG NH2 HH21 sing N N 42  
ARG NH2 HH22 sing N N 43  
ARG OXT HXT  sing N N 44  
ASN N   CA   sing N N 45  
ASN N   H    sing N N 46  
ASN N   H2   sing N N 47  
ASN CA  C    sing N N 48  
ASN CA  CB   sing N N 49  
ASN CA  HA   sing N N 50  
ASN C   O    doub N N 51  
ASN C   OXT  sing N N 52  
ASN CB  CG   sing N N 53  
ASN CB  HB2  sing N N 54  
ASN CB  HB3  sing N N 55  
ASN CG  OD1  doub N N 56  
ASN CG  ND2  sing N N 57  
ASN ND2 HD21 sing N N 58  
ASN ND2 HD22 sing N N 59  
ASN OXT HXT  sing N N 60  
ASP N   CA   sing N N 61  
ASP N   H    sing N N 62  
ASP N   H2   sing N N 63  
ASP CA  C    sing N N 64  
ASP CA  CB   sing N N 65  
ASP CA  HA   sing N N 66  
ASP C   O    doub N N 67  
ASP C   OXT  sing N N 68  
ASP CB  CG   sing N N 69  
ASP CB  HB2  sing N N 70  
ASP CB  HB3  sing N N 71  
ASP CG  OD1  doub N N 72  
ASP CG  OD2  sing N N 73  
ASP OD2 HD2  sing N N 74  
ASP OXT HXT  sing N N 75  
GLN N   CA   sing N N 76  
GLN N   H    sing N N 77  
GLN N   H2   sing N N 78  
GLN CA  C    sing N N 79  
GLN CA  CB   sing N N 80  
GLN CA  HA   sing N N 81  
GLN C   O    doub N N 82  
GLN C   OXT  sing N N 83  
GLN CB  CG   sing N N 84  
GLN CB  HB2  sing N N 85  
GLN CB  HB3  sing N N 86  
GLN CG  CD   sing N N 87  
GLN CG  HG2  sing N N 88  
GLN CG  HG3  sing N N 89  
GLN CD  OE1  doub N N 90  
GLN CD  NE2  sing N N 91  
GLN NE2 HE21 sing N N 92  
GLN NE2 HE22 sing N N 93  
GLN OXT HXT  sing N N 94  
GLU N   CA   sing N N 95  
GLU N   H    sing N N 96  
GLU N   H2   sing N N 97  
GLU CA  C    sing N N 98  
GLU CA  CB   sing N N 99  
GLU CA  HA   sing N N 100 
GLU C   O    doub N N 101 
GLU C   OXT  sing N N 102 
GLU CB  CG   sing N N 103 
GLU CB  HB2  sing N N 104 
GLU CB  HB3  sing N N 105 
GLU CG  CD   sing N N 106 
GLU CG  HG2  sing N N 107 
GLU CG  HG3  sing N N 108 
GLU CD  OE1  doub N N 109 
GLU CD  OE2  sing N N 110 
GLU OE2 HE2  sing N N 111 
GLU OXT HXT  sing N N 112 
GLY N   CA   sing N N 113 
GLY N   H    sing N N 114 
GLY N   H2   sing N N 115 
GLY CA  C    sing N N 116 
GLY CA  HA2  sing N N 117 
GLY CA  HA3  sing N N 118 
GLY C   O    doub N N 119 
GLY C   OXT  sing N N 120 
GLY OXT HXT  sing N N 121 
HIS N   CA   sing N N 122 
HIS N   H    sing N N 123 
HIS N   H2   sing N N 124 
HIS CA  C    sing N N 125 
HIS CA  CB   sing N N 126 
HIS CA  HA   sing N N 127 
HIS C   O    doub N N 128 
HIS C   OXT  sing N N 129 
HIS CB  CG   sing N N 130 
HIS CB  HB2  sing N N 131 
HIS CB  HB3  sing N N 132 
HIS CG  ND1  sing Y N 133 
HIS CG  CD2  doub Y N 134 
HIS ND1 CE1  doub Y N 135 
HIS ND1 HD1  sing N N 136 
HIS CD2 NE2  sing Y N 137 
HIS CD2 HD2  sing N N 138 
HIS CE1 NE2  sing Y N 139 
HIS CE1 HE1  sing N N 140 
HIS NE2 HE2  sing N N 141 
HIS OXT HXT  sing N N 142 
HOH O   H1   sing N N 143 
HOH O   H2   sing N N 144 
ILE N   CA   sing N N 145 
ILE N   H    sing N N 146 
ILE N   H2   sing N N 147 
ILE CA  C    sing N N 148 
ILE CA  CB   sing N N 149 
ILE CA  HA   sing N N 150 
ILE C   O    doub N N 151 
ILE C   OXT  sing N N 152 
ILE CB  CG1  sing N N 153 
ILE CB  CG2  sing N N 154 
ILE CB  HB   sing N N 155 
ILE CG1 CD1  sing N N 156 
ILE CG1 HG12 sing N N 157 
ILE CG1 HG13 sing N N 158 
ILE CG2 HG21 sing N N 159 
ILE CG2 HG22 sing N N 160 
ILE CG2 HG23 sing N N 161 
ILE CD1 HD11 sing N N 162 
ILE CD1 HD12 sing N N 163 
ILE CD1 HD13 sing N N 164 
ILE OXT HXT  sing N N 165 
LEU N   CA   sing N N 166 
LEU N   H    sing N N 167 
LEU N   H2   sing N N 168 
LEU CA  C    sing N N 169 
LEU CA  CB   sing N N 170 
LEU CA  HA   sing N N 171 
LEU C   O    doub N N 172 
LEU C   OXT  sing N N 173 
LEU CB  CG   sing N N 174 
LEU CB  HB2  sing N N 175 
LEU CB  HB3  sing N N 176 
LEU CG  CD1  sing N N 177 
LEU CG  CD2  sing N N 178 
LEU CG  HG   sing N N 179 
LEU CD1 HD11 sing N N 180 
LEU CD1 HD12 sing N N 181 
LEU CD1 HD13 sing N N 182 
LEU CD2 HD21 sing N N 183 
LEU CD2 HD22 sing N N 184 
LEU CD2 HD23 sing N N 185 
LEU OXT HXT  sing N N 186 
LYS N   CA   sing N N 187 
LYS N   H    sing N N 188 
LYS N   H2   sing N N 189 
LYS CA  C    sing N N 190 
LYS CA  CB   sing N N 191 
LYS CA  HA   sing N N 192 
LYS C   O    doub N N 193 
LYS C   OXT  sing N N 194 
LYS CB  CG   sing N N 195 
LYS CB  HB2  sing N N 196 
LYS CB  HB3  sing N N 197 
LYS CG  CD   sing N N 198 
LYS CG  HG2  sing N N 199 
LYS CG  HG3  sing N N 200 
LYS CD  CE   sing N N 201 
LYS CD  HD2  sing N N 202 
LYS CD  HD3  sing N N 203 
LYS CE  NZ   sing N N 204 
LYS CE  HE2  sing N N 205 
LYS CE  HE3  sing N N 206 
LYS NZ  HZ1  sing N N 207 
LYS NZ  HZ2  sing N N 208 
LYS NZ  HZ3  sing N N 209 
LYS OXT HXT  sing N N 210 
MSE N   CA   sing N N 211 
MSE N   H    sing N N 212 
MSE N   H2   sing N N 213 
MSE CA  C    sing N N 214 
MSE CA  CB   sing N N 215 
MSE CA  HA   sing N N 216 
MSE C   O    doub N N 217 
MSE C   OXT  sing N N 218 
MSE OXT HXT  sing N N 219 
MSE CB  CG   sing N N 220 
MSE CB  HB2  sing N N 221 
MSE CB  HB3  sing N N 222 
MSE CG  SE   sing N N 223 
MSE CG  HG2  sing N N 224 
MSE CG  HG3  sing N N 225 
MSE SE  CE   sing N N 226 
MSE CE  HE1  sing N N 227 
MSE CE  HE2  sing N N 228 
MSE CE  HE3  sing N N 229 
PHE N   CA   sing N N 230 
PHE N   H    sing N N 231 
PHE N   H2   sing N N 232 
PHE CA  C    sing N N 233 
PHE CA  CB   sing N N 234 
PHE CA  HA   sing N N 235 
PHE C   O    doub N N 236 
PHE C   OXT  sing N N 237 
PHE CB  CG   sing N N 238 
PHE CB  HB2  sing N N 239 
PHE CB  HB3  sing N N 240 
PHE CG  CD1  doub Y N 241 
PHE CG  CD2  sing Y N 242 
PHE CD1 CE1  sing Y N 243 
PHE CD1 HD1  sing N N 244 
PHE CD2 CE2  doub Y N 245 
PHE CD2 HD2  sing N N 246 
PHE CE1 CZ   doub Y N 247 
PHE CE1 HE1  sing N N 248 
PHE CE2 CZ   sing Y N 249 
PHE CE2 HE2  sing N N 250 
PHE CZ  HZ   sing N N 251 
PHE OXT HXT  sing N N 252 
PRO N   CA   sing N N 253 
PRO N   CD   sing N N 254 
PRO N   H    sing N N 255 
PRO CA  C    sing N N 256 
PRO CA  CB   sing N N 257 
PRO CA  HA   sing N N 258 
PRO C   O    doub N N 259 
PRO C   OXT  sing N N 260 
PRO CB  CG   sing N N 261 
PRO CB  HB2  sing N N 262 
PRO CB  HB3  sing N N 263 
PRO CG  CD   sing N N 264 
PRO CG  HG2  sing N N 265 
PRO CG  HG3  sing N N 266 
PRO CD  HD2  sing N N 267 
PRO CD  HD3  sing N N 268 
PRO OXT HXT  sing N N 269 
SER N   CA   sing N N 270 
SER N   H    sing N N 271 
SER N   H2   sing N N 272 
SER CA  C    sing N N 273 
SER CA  CB   sing N N 274 
SER CA  HA   sing N N 275 
SER C   O    doub N N 276 
SER C   OXT  sing N N 277 
SER CB  OG   sing N N 278 
SER CB  HB2  sing N N 279 
SER CB  HB3  sing N N 280 
SER OG  HG   sing N N 281 
SER OXT HXT  sing N N 282 
THR N   CA   sing N N 283 
THR N   H    sing N N 284 
THR N   H2   sing N N 285 
THR CA  C    sing N N 286 
THR CA  CB   sing N N 287 
THR CA  HA   sing N N 288 
THR C   O    doub N N 289 
THR C   OXT  sing N N 290 
THR CB  OG1  sing N N 291 
THR CB  CG2  sing N N 292 
THR CB  HB   sing N N 293 
THR OG1 HG1  sing N N 294 
THR CG2 HG21 sing N N 295 
THR CG2 HG22 sing N N 296 
THR CG2 HG23 sing N N 297 
THR OXT HXT  sing N N 298 
TRP N   CA   sing N N 299 
TRP N   H    sing N N 300 
TRP N   H2   sing N N 301 
TRP CA  C    sing N N 302 
TRP CA  CB   sing N N 303 
TRP CA  HA   sing N N 304 
TRP C   O    doub N N 305 
TRP C   OXT  sing N N 306 
TRP CB  CG   sing N N 307 
TRP CB  HB2  sing N N 308 
TRP CB  HB3  sing N N 309 
TRP CG  CD1  doub Y N 310 
TRP CG  CD2  sing Y N 311 
TRP CD1 NE1  sing Y N 312 
TRP CD1 HD1  sing N N 313 
TRP CD2 CE2  doub Y N 314 
TRP CD2 CE3  sing Y N 315 
TRP NE1 CE2  sing Y N 316 
TRP NE1 HE1  sing N N 317 
TRP CE2 CZ2  sing Y N 318 
TRP CE3 CZ3  doub Y N 319 
TRP CE3 HE3  sing N N 320 
TRP CZ2 CH2  doub Y N 321 
TRP CZ2 HZ2  sing N N 322 
TRP CZ3 CH2  sing Y N 323 
TRP CZ3 HZ3  sing N N 324 
TRP CH2 HH2  sing N N 325 
TRP OXT HXT  sing N N 326 
TYR N   CA   sing N N 327 
TYR N   H    sing N N 328 
TYR N   H2   sing N N 329 
TYR CA  C    sing N N 330 
TYR CA  CB   sing N N 331 
TYR CA  HA   sing N N 332 
TYR C   O    doub N N 333 
TYR C   OXT  sing N N 334 
TYR CB  CG   sing N N 335 
TYR CB  HB2  sing N N 336 
TYR CB  HB3  sing N N 337 
TYR CG  CD1  doub Y N 338 
TYR CG  CD2  sing Y N 339 
TYR CD1 CE1  sing Y N 340 
TYR CD1 HD1  sing N N 341 
TYR CD2 CE2  doub Y N 342 
TYR CD2 HD2  sing N N 343 
TYR CE1 CZ   doub Y N 344 
TYR CE1 HE1  sing N N 345 
TYR CE2 CZ   sing Y N 346 
TYR CE2 HE2  sing N N 347 
TYR CZ  OH   sing N N 348 
TYR OH  HH   sing N N 349 
TYR OXT HXT  sing N N 350 
VAL N   CA   sing N N 351 
VAL N   H    sing N N 352 
VAL N   H2   sing N N 353 
VAL CA  C    sing N N 354 
VAL CA  CB   sing N N 355 
VAL CA  HA   sing N N 356 
VAL C   O    doub N N 357 
VAL C   OXT  sing N N 358 
VAL CB  CG1  sing N N 359 
VAL CB  CG2  sing N N 360 
VAL CB  HB   sing N N 361 
VAL CG1 HG11 sing N N 362 
VAL CG1 HG12 sing N N 363 
VAL CG1 HG13 sing N N 364 
VAL CG2 HG21 sing N N 365 
VAL CG2 HG22 sing N N 366 
VAL CG2 HG23 sing N N 367 
VAL OXT HXT  sing N N 368 
# 
_atom_sites.entry_id                    3K2A 
_atom_sites.fract_transf_matrix[1][1]   0.00591761 
_atom_sites.fract_transf_matrix[1][2]   -0.00650433 
_atom_sites.fract_transf_matrix[1][3]   -0.00041043 
_atom_sites.fract_transf_matrix[2][1]   0.00604617 
_atom_sites.fract_transf_matrix[2][2]   0.00568591 
_atom_sites.fract_transf_matrix[2][3]   -0.00293379 
_atom_sites.fract_transf_matrix[3][1]   0.00549958 
_atom_sites.fract_transf_matrix[3][2]   0.00382102 
_atom_sites.fract_transf_matrix[3][3]   0.01873938 
_atom_sites.fract_transf_vector[1]      0.275158 
_atom_sites.fract_transf_vector[2]      0.408448 
_atom_sites.fract_transf_vector[3]      0.502450 
# 
loop_
_atom_type.symbol 
C  
CL 
N  
O  
SE 
# 
loop_
_atom_site.group_PDB 
_atom_site.id 
_atom_site.type_symbol 
_atom_site.label_atom_id 
_atom_site.label_alt_id 
_atom_site.label_comp_id 
_atom_site.label_asym_id 
_atom_site.label_entity_id 
_atom_site.label_seq_id 
_atom_site.pdbx_PDB_ins_code 
_atom_site.Cartn_x 
_atom_site.Cartn_y 
_atom_site.Cartn_z 
_atom_site.occupancy 
_atom_site.B_iso_or_equiv 
_atom_site.pdbx_formal_charge 
_atom_site.auth_seq_id 
_atom_site.auth_comp_id 
_atom_site.auth_asym_id 
_atom_site.auth_atom_id 
_atom_site.pdbx_PDB_model_num 
ATOM   1   N  N   . PRO A 1 6  ? -17.498 -15.131 -2.268  1.00 32.54 ? 284 PRO A N   1 
ATOM   2   C  CA  . PRO A 1 6  ? -16.746 -13.965 -2.725  1.00 32.13 ? 284 PRO A CA  1 
ATOM   3   C  C   . PRO A 1 6  ? -15.643 -13.502 -1.759  1.00 31.67 ? 284 PRO A C   1 
ATOM   4   O  O   . PRO A 1 6  ? -14.731 -12.787 -2.203  1.00 30.60 ? 284 PRO A O   1 
ATOM   5   C  CB  . PRO A 1 6  ? -17.804 -12.880 -2.839  1.00 31.72 ? 284 PRO A CB  1 
ATOM   6   C  CG  . PRO A 1 6  ? -19.145 -13.665 -3.031  1.00 33.03 ? 284 PRO A CG  1 
ATOM   7   C  CD  . PRO A 1 6  ? -18.888 -15.122 -2.757  1.00 33.05 ? 284 PRO A CD  1 
ATOM   8   N  N   . LYS A 1 7  ? -15.737 -13.880 -0.472  1.00 30.83 ? 285 LYS A N   1 
ATOM   9   C  CA  . LYS A 1 7  ? -14.701 -13.504 0.517   1.00 30.27 ? 285 LYS A CA  1 
ATOM   10  C  C   . LYS A 1 7  ? -13.408 -14.181 0.142   1.00 29.44 ? 285 LYS A C   1 
ATOM   11  O  O   . LYS A 1 7  ? -12.337 -13.571 0.245   1.00 28.86 ? 285 LYS A O   1 
ATOM   12  C  CB  . LYS A 1 7  ? -15.073 -13.913 1.940   1.00 30.78 ? 285 LYS A CB  1 
ATOM   13  C  CG  . LYS A 1 7  ? -16.134 -13.022 2.612   1.00 32.40 ? 285 LYS A CG  1 
ATOM   14  C  CD  . LYS A 1 7  ? -16.384 -13.429 4.068   1.00 37.41 ? 285 LYS A CD  1 
ATOM   15  C  CE  . LYS A 1 7  ? -17.044 -14.814 4.190   1.00 39.93 ? 285 LYS A CE  1 
ATOM   16  N  NZ  . LYS A 1 7  ? -17.050 -15.332 5.608   1.00 43.41 ? 285 LYS A NZ  1 
ATOM   17  N  N   . VAL A 1 8  ? -13.508 -15.435 -0.310  1.00 27.90 ? 286 VAL A N   1 
ATOM   18  C  CA  . VAL A 1 8  ? -12.306 -16.203 -0.671  1.00 27.87 ? 286 VAL A CA  1 
ATOM   19  C  C   . VAL A 1 8  ? -11.659 -15.594 -1.921  1.00 26.90 ? 286 VAL A C   1 
ATOM   20  O  O   . VAL A 1 8  ? -10.427 -15.472 -2.000  1.00 25.78 ? 286 VAL A O   1 
ATOM   21  C  CB  . VAL A 1 8  ? -12.574 -17.747 -0.800  1.00 27.61 ? 286 VAL A CB  1 
ATOM   22  C  CG1 . VAL A 1 8  ? -11.309 -18.509 -1.260  1.00 30.04 ? 286 VAL A CG1 1 
ATOM   23  C  CG2 . VAL A 1 8  ? -13.087 -18.352 0.531   1.00 28.20 ? 286 VAL A CG2 1 
ATOM   24  N  N   . ALA A 1 9  ? -12.493 -15.206 -2.888  1.00 26.15 ? 287 ALA A N   1 
ATOM   25  C  CA  . ALA A 1 9  ? -12.016 -14.544 -4.104  1.00 26.25 ? 287 ALA A CA  1 
ATOM   26  C  C   . ALA A 1 9  ? -11.232 -13.265 -3.765  1.00 25.62 ? 287 ALA A C   1 
ATOM   27  O  O   . ALA A 1 9  ? -10.123 -13.055 -4.257  1.00 25.71 ? 287 ALA A O   1 
ATOM   28  C  CB  . ALA A 1 9  ? -13.194 -14.233 -5.034  1.00 26.88 ? 287 ALA A CB  1 
ATOM   29  N  N   . THR A 1 10 ? -11.824 -12.398 -2.941  1.00 25.58 ? 288 THR A N   1 
ATOM   30  C  CA  . THR A 1 10 ? -11.149 -11.182 -2.498  1.00 25.66 ? 288 THR A CA  1 
ATOM   31  C  C   . THR A 1 10 ? -9.844  -11.500 -1.761  1.00 24.63 ? 288 THR A C   1 
ATOM   32  O  O   . THR A 1 10 ? -8.823  -10.850 -1.995  1.00 23.56 ? 288 THR A O   1 
ATOM   33  C  CB  . THR A 1 10 ? -12.073 -10.387 -1.574  1.00 26.61 ? 288 THR A CB  1 
ATOM   34  O  OG1 . THR A 1 10 ? -13.253 -10.063 -2.309  1.00 29.25 ? 288 THR A OG1 1 
ATOM   35  C  CG2 . THR A 1 10 ? -11.400 -9.112  -1.093  1.00 29.21 ? 288 THR A CG2 1 
ATOM   36  N  N   . ASN A 1 11 ? -9.884  -12.506 -0.883  1.00 23.16 ? 289 ASN A N   1 
ATOM   37  C  CA  . ASN A 1 11 ? -8.710  -12.835 -0.075  1.00 22.60 ? 289 ASN A CA  1 
ATOM   38  C  C   . ASN A 1 11 ? -7.587  -13.418 -0.896  1.00 22.00 ? 289 ASN A C   1 
ATOM   39  O  O   . ASN A 1 11 ? -6.411  -13.250 -0.558  1.00 21.72 ? 289 ASN A O   1 
ATOM   40  C  CB  . ASN A 1 11 ? -9.089  -13.763 1.066   1.00 22.89 ? 289 ASN A CB  1 
ATOM   41  C  CG  . ASN A 1 11 ? -9.764  -13.014 2.180   1.00 23.57 ? 289 ASN A CG  1 
ATOM   42  O  OD1 . ASN A 1 11 ? -10.014 -11.807 2.042   1.00 22.53 ? 289 ASN A OD1 1 
ATOM   43  N  ND2 . ASN A 1 11 ? -10.050 -13.695 3.281   1.00 25.84 ? 289 ASN A ND2 1 
ATOM   44  N  N   . ILE A 1 12 ? -7.945  -14.112 -1.968  1.00 21.53 ? 290 ILE A N   1 
ATOM   45  C  CA  . ILE A 1 12 ? -6.940  -14.622 -2.902  1.00 22.13 ? 290 ILE A CA  1 
ATOM   46  C  C   . ILE A 1 12 ? -6.167  -13.434 -3.482  1.00 21.98 ? 290 ILE A C   1 
ATOM   47  O  O   . ILE A 1 12 ? -4.924  -13.463 -3.549  1.00 22.20 ? 290 ILE A O   1 
ATOM   48  C  CB  . ILE A 1 12 ? -7.572  -15.460 -4.054  1.00 22.59 ? 290 ILE A CB  1 
ATOM   49  C  CG1 . ILE A 1 12 ? -7.914  -16.899 -3.590  1.00 23.25 ? 290 ILE A CG1 1 
ATOM   50  C  CG2 . ILE A 1 12 ? -6.641  -15.514 -5.272  1.00 21.00 ? 290 ILE A CG2 1 
ATOM   51  C  CD1 . ILE A 1 12 ? -6.644  -17.855 -3.418  1.00 23.09 ? 290 ILE A CD1 1 
HETATM 52  N  N   . MSE A 1 13 ? -6.896  -12.406 -3.919  1.00 21.47 ? 291 MSE A N   1 
HETATM 53  C  CA  . MSE A 1 13 ? -6.251  -11.275 -4.595  1.00 21.89 ? 291 MSE A CA  1 
HETATM 54  C  C   . MSE A 1 13 ? -5.486  -10.379 -3.609  1.00 21.89 ? 291 MSE A C   1 
HETATM 55  O  O   . MSE A 1 13 ? -4.403  -9.903  -3.930  1.00 21.11 ? 291 MSE A O   1 
HETATM 56  C  CB  . MSE A 1 13 ? -7.257  -10.501 -5.441  1.00 22.36 ? 291 MSE A CB  1 
HETATM 57  C  CG  . MSE A 1 13 ? -7.722  -11.345 -6.669  1.00 23.90 ? 291 MSE A CG  1 
HETATM 58  SE SE  . MSE A 1 13 ? -8.970  -10.384 -7.768  0.75 23.83 ? 291 MSE A SE  1 
HETATM 59  C  CE  . MSE A 1 13 ? -10.484 -10.203 -6.515  1.00 27.06 ? 291 MSE A CE  1 
ATOM   60  N  N   . ARG A 1 14 ? -6.063  -10.146 -2.428  1.00 20.76 ? 292 ARG A N   1 
ATOM   61  C  CA  . ARG A 1 14 ? -5.366  -9.430  -1.380  1.00 21.88 ? 292 ARG A CA  1 
ATOM   62  C  C   . ARG A 1 14 ? -4.053  -10.123 -1.003  1.00 21.82 ? 292 ARG A C   1 
ATOM   63  O  O   . ARG A 1 14 ? -3.022  -9.453  -0.845  1.00 22.71 ? 292 ARG A O   1 
ATOM   64  C  CB  . ARG A 1 14 ? -6.251  -9.305  -0.145  1.00 21.23 ? 292 ARG A CB  1 
ATOM   65  C  CG  . ARG A 1 14 ? -7.462  -8.344  -0.318  1.00 22.24 ? 292 ARG A CG  1 
ATOM   66  C  CD  . ARG A 1 14 ? -8.295  -8.271  1.000   1.00 22.43 ? 292 ARG A CD  1 
ATOM   67  N  NE  . ARG A 1 14 ? -7.482  -7.785  2.132   1.00 22.78 ? 292 ARG A NE  1 
ATOM   68  C  CZ  . ARG A 1 14 ? -7.285  -6.498  2.407   1.00 24.55 ? 292 ARG A CZ  1 
ATOM   69  N  NH1 . ARG A 1 14 ? -7.854  -5.569  1.636   1.00 25.33 ? 292 ARG A NH1 1 
ATOM   70  N  NH2 . ARG A 1 14 ? -6.537  -6.129  3.451   1.00 21.53 ? 292 ARG A NH2 1 
ATOM   71  N  N   . ALA A 1 15 ? -4.089  -11.445 -0.825  1.00 21.23 ? 293 ALA A N   1 
ATOM   72  C  CA  . ALA A 1 15 ? -2.866  -12.180 -0.470  1.00 21.97 ? 293 ALA A CA  1 
ATOM   73  C  C   . ALA A 1 15 ? -1.781  -12.008 -1.540  1.00 21.59 ? 293 ALA A C   1 
ATOM   74  O  O   . ALA A 1 15 ? -0.614  -11.749 -1.202  1.00 21.64 ? 293 ALA A O   1 
ATOM   75  C  CB  . ALA A 1 15 ? -3.150  -13.658 -0.202  1.00 20.69 ? 293 ALA A CB  1 
ATOM   76  N  N   . TRP A 1 16 ? -2.164  -12.132 -2.812  1.00 21.41 ? 294 TRP A N   1 
ATOM   77  C  CA  . TRP A 1 16 ? -1.219  -11.935 -3.926  1.00 22.20 ? 294 TRP A CA  1 
ATOM   78  C  C   . TRP A 1 16 ? -0.647  -10.513 -3.865  1.00 22.56 ? 294 TRP A C   1 
ATOM   79  O  O   . TRP A 1 16 ? 0.578   -10.305 -3.949  1.00 22.47 ? 294 TRP A O   1 
ATOM   80  C  CB  . TRP A 1 16 ? -1.894  -12.184 -5.288  1.00 22.00 ? 294 TRP A CB  1 
ATOM   81  C  CG  . TRP A 1 16 ? -0.860  -12.264 -6.422  1.00 23.07 ? 294 TRP A CG  1 
ATOM   82  C  CD1 . TRP A 1 16 ? -0.285  -13.394 -6.950  1.00 23.28 ? 294 TRP A CD1 1 
ATOM   83  C  CD2 . TRP A 1 16 ? -0.270  -11.157 -7.106  1.00 23.06 ? 294 TRP A CD2 1 
ATOM   84  N  NE1 . TRP A 1 16 ? 0.616   -13.051 -7.944  1.00 21.76 ? 294 TRP A NE1 1 
ATOM   85  C  CE2 . TRP A 1 16 ? 0.646   -11.683 -8.054  1.00 24.01 ? 294 TRP A CE2 1 
ATOM   86  C  CE3 . TRP A 1 16 ? -0.436  -9.768  -7.020  1.00 24.08 ? 294 TRP A CE3 1 
ATOM   87  C  CZ2 . TRP A 1 16 ? 1.403   -10.861 -8.899  1.00 22.26 ? 294 TRP A CZ2 1 
ATOM   88  C  CZ3 . TRP A 1 16 ? 0.317   -8.949  -7.865  1.00 22.37 ? 294 TRP A CZ3 1 
ATOM   89  C  CH2 . TRP A 1 16 ? 1.221   -9.501  -8.788  1.00 23.25 ? 294 TRP A CH2 1 
ATOM   90  N  N   . LEU A 1 17 ? -1.553  -9.544  -3.727  1.00 22.73 ? 295 LEU A N   1 
ATOM   91  C  CA  . LEU A 1 17 ? -1.181  -8.130  -3.689  1.00 23.16 ? 295 LEU A CA  1 
ATOM   92  C  C   . LEU A 1 17 ? -0.153  -7.874  -2.586  1.00 22.93 ? 295 LEU A C   1 
ATOM   93  O  O   . LEU A 1 17 ? 0.913   -7.302  -2.859  1.00 21.48 ? 295 LEU A O   1 
ATOM   94  C  CB  . LEU A 1 17 ? -2.432  -7.250  -3.492  1.00 24.00 ? 295 LEU A CB  1 
ATOM   95  C  CG  . LEU A 1 17 ? -2.210  -5.748  -3.267  1.00 26.74 ? 295 LEU A CG  1 
ATOM   96  C  CD1 . LEU A 1 17 ? -1.761  -5.034  -4.529  1.00 29.93 ? 295 LEU A CD1 1 
ATOM   97  C  CD2 . LEU A 1 17 ? -3.507  -5.154  -2.727  1.00 31.17 ? 295 LEU A CD2 1 
ATOM   98  N  N   . PHE A 1 18 ? -0.425  -8.336  -1.358  1.00 23.29 ? 296 PHE A N   1 
ATOM   99  C  CA  . PHE A 1 18 ? 0.536   -8.107  -0.263  1.00 25.02 ? 296 PHE A CA  1 
ATOM   100 C  C   . PHE A 1 18 ? 1.886   -8.787  -0.449  1.00 25.82 ? 296 PHE A C   1 
ATOM   101 O  O   . PHE A 1 18 ? 2.919   -8.267  0.006   1.00 25.87 ? 296 PHE A O   1 
ATOM   102 C  CB  . PHE A 1 18 ? -0.078  -8.423  1.101   1.00 25.56 ? 296 PHE A CB  1 
ATOM   103 C  CG  . PHE A 1 18 ? -1.160  -7.470  1.473   1.00 27.38 ? 296 PHE A CG  1 
ATOM   104 C  CD1 . PHE A 1 18 ? -0.911  -6.092  1.447   1.00 29.78 ? 296 PHE A CD1 1 
ATOM   105 C  CD2 . PHE A 1 18 ? -2.431  -7.926  1.823   1.00 27.73 ? 296 PHE A CD2 1 
ATOM   106 C  CE1 . PHE A 1 18 ? -1.908  -5.170  1.761   1.00 31.32 ? 296 PHE A CE1 1 
ATOM   107 C  CE2 . PHE A 1 18 ? -3.440  -7.014  2.135   1.00 30.61 ? 296 PHE A CE2 1 
ATOM   108 C  CZ  . PHE A 1 18 ? -3.179  -5.635  2.098   1.00 29.95 ? 296 PHE A CZ  1 
ATOM   109 N  N   . GLN A 1 19 ? 1.895   -9.919  -1.145  1.00 26.48 ? 297 GLN A N   1 
ATOM   110 C  CA  . GLN A 1 19 ? 3.162   -10.604 -1.444  1.00 27.40 ? 297 GLN A CA  1 
ATOM   111 C  C   . GLN A 1 19 ? 3.961   -9.938  -2.568  1.00 27.59 ? 297 GLN A C   1 
ATOM   112 O  O   . GLN A 1 19 ? 5.156   -10.218 -2.729  1.00 27.81 ? 297 GLN A O   1 
ATOM   113 C  CB  . GLN A 1 19 ? 2.929   -12.076 -1.772  1.00 27.60 ? 297 GLN A CB  1 
ATOM   114 C  CG  . GLN A 1 19 ? 2.586   -12.950 -0.574  1.00 30.59 ? 297 GLN A CG  1 
ATOM   115 C  CD  . GLN A 1 19 ? 2.301   -14.393 -0.978  1.00 35.14 ? 297 GLN A CD  1 
ATOM   116 O  OE1 . GLN A 1 19 ? 3.151   -15.276 -0.842  1.00 38.28 ? 297 GLN A OE1 1 
ATOM   117 N  NE2 . GLN A 1 19 ? 1.106   -14.630 -1.501  1.00 36.87 ? 297 GLN A NE2 1 
ATOM   118 N  N   . HIS A 1 20 ? 3.315   -9.073  -3.345  1.00 27.22 ? 298 HIS A N   1 
ATOM   119 C  CA  . HIS A 1 20 ? 3.961   -8.432  -4.482  1.00 28.45 ? 298 HIS A CA  1 
ATOM   120 C  C   . HIS A 1 20 ? 3.902   -6.896  -4.426  1.00 29.42 ? 298 HIS A C   1 
ATOM   121 O  O   . HIS A 1 20 ? 3.704   -6.249  -5.448  1.00 29.07 ? 298 HIS A O   1 
ATOM   122 C  CB  . HIS A 1 20 ? 3.337   -8.947  -5.797  1.00 27.62 ? 298 HIS A CB  1 
ATOM   123 C  CG  . HIS A 1 20 ? 3.485   -10.424 -6.003  1.00 27.11 ? 298 HIS A CG  1 
ATOM   124 N  ND1 . HIS A 1 20 ? 2.655   -11.349 -5.400  1.00 25.60 ? 298 HIS A ND1 1 
ATOM   125 C  CD2 . HIS A 1 20 ? 4.373   -11.138 -6.740  1.00 28.47 ? 298 HIS A CD2 1 
ATOM   126 C  CE1 . HIS A 1 20 ? 3.022   -12.568 -5.762  1.00 28.17 ? 298 HIS A CE1 1 
ATOM   127 N  NE2 . HIS A 1 20 ? 4.057   -12.469 -6.583  1.00 29.11 ? 298 HIS A NE2 1 
ATOM   128 N  N   . LEU A 1 21 ? 4.099   -6.306  -3.249  1.00 30.65 ? 299 LEU A N   1 
ATOM   129 C  CA  . LEU A 1 21 ? 3.905   -4.855  -3.095  1.00 31.80 ? 299 LEU A CA  1 
ATOM   130 C  C   . LEU A 1 21 ? 4.834   -3.949  -3.897  1.00 32.74 ? 299 LEU A C   1 
ATOM   131 O  O   . LEU A 1 21 ? 4.437   -2.838  -4.252  1.00 34.15 ? 299 LEU A O   1 
ATOM   132 C  CB  . LEU A 1 21 ? 3.934   -4.447  -1.620  1.00 32.22 ? 299 LEU A CB  1 
ATOM   133 C  CG  . LEU A 1 21 ? 2.610   -4.394  -0.874  1.00 31.19 ? 299 LEU A CG  1 
ATOM   134 C  CD1 . LEU A 1 21 ? 2.840   -3.727  0.493   1.00 32.61 ? 299 LEU A CD1 1 
ATOM   135 C  CD2 . LEU A 1 21 ? 1.503   -3.665  -1.660  1.00 30.22 ? 299 LEU A CD2 1 
ATOM   136 N  N   . THR A 1 22 ? 6.051   -4.409  -4.188  1.00 32.94 ? 300 THR A N   1 
ATOM   137 C  CA  . THR A 1 22 ? 7.015   -3.619  -4.973  1.00 33.09 ? 300 THR A CA  1 
ATOM   138 C  C   . THR A 1 22 ? 6.707   -3.625  -6.474  1.00 32.32 ? 300 THR A C   1 
ATOM   139 O  O   . THR A 1 22 ? 7.179   -2.753  -7.216  1.00 32.36 ? 300 THR A O   1 
ATOM   140 C  CB  . THR A 1 22 ? 8.471   -4.096  -4.764  1.00 33.53 ? 300 THR A CB  1 
ATOM   141 O  OG1 . THR A 1 22 ? 8.618   -5.431  -5.264  1.00 35.43 ? 300 THR A OG1 1 
ATOM   142 C  CG2 . THR A 1 22 ? 8.843   -4.069  -3.306  1.00 34.53 ? 300 THR A CG2 1 
ATOM   143 N  N   . HIS A 1 23 ? 5.924   -4.612  -6.917  1.00 30.45 ? 301 HIS A N   1 
ATOM   144 C  CA  . HIS A 1 23 ? 5.482   -4.688  -8.306  1.00 29.09 ? 301 HIS A CA  1 
ATOM   145 C  C   . HIS A 1 23 ? 4.121   -5.383  -8.349  1.00 27.27 ? 301 HIS A C   1 
ATOM   146 O  O   . HIS A 1 23 ? 4.026   -6.546  -8.745  1.00 25.66 ? 301 HIS A O   1 
ATOM   147 C  CB  . HIS A 1 23 ? 6.506   -5.412  -9.196  1.00 29.51 ? 301 HIS A CB  1 
ATOM   148 C  CG  . HIS A 1 23 ? 6.202   -5.315  -10.662 1.00 32.39 ? 301 HIS A CG  1 
ATOM   149 N  ND1 . HIS A 1 23 ? 6.396   -4.158  -11.388 1.00 35.37 ? 301 HIS A ND1 1 
ATOM   150 C  CD2 . HIS A 1 23 ? 5.736   -6.236  -11.542 1.00 33.57 ? 301 HIS A CD2 1 
ATOM   151 C  CE1 . HIS A 1 23 ? 6.061   -4.370  -12.650 1.00 36.32 ? 301 HIS A CE1 1 
ATOM   152 N  NE2 . HIS A 1 23 ? 5.657   -5.622  -12.768 1.00 36.05 ? 301 HIS A NE2 1 
ATOM   153 N  N   . PRO A 1 24 ? 3.069   -4.657  -7.912  1.00 26.43 ? 302 PRO A N   1 
ATOM   154 C  CA  . PRO A 1 24 ? 1.712   -5.200  -7.757  1.00 26.15 ? 302 PRO A CA  1 
ATOM   155 C  C   . PRO A 1 24 ? 0.949   -5.222  -9.079  1.00 25.60 ? 302 PRO A C   1 
ATOM   156 O  O   . PRO A 1 24 ? -0.209  -4.760  -9.160  1.00 25.56 ? 302 PRO A O   1 
ATOM   157 C  CB  . PRO A 1 24 ? 1.067   -4.230  -6.761  1.00 25.32 ? 302 PRO A CB  1 
ATOM   158 C  CG  . PRO A 1 24 ? 1.727   -2.920  -7.048  1.00 26.74 ? 302 PRO A CG  1 
ATOM   159 C  CD  . PRO A 1 24 ? 3.160   -3.262  -7.430  1.00 25.85 ? 302 PRO A CD  1 
ATOM   160 N  N   . TYR A 1 25 ? 1.600   -5.802  -10.088 1.00 25.90 ? 303 TYR A N   1 
ATOM   161 C  CA  . TYR A 1 25 ? 1.084   -5.880  -11.439 1.00 25.81 ? 303 TYR A CA  1 
ATOM   162 C  C   . TYR A 1 25 ? 1.165   -7.320  -11.928 1.00 26.26 ? 303 TYR A C   1 
ATOM   163 O  O   . TYR A 1 25 ? 2.227   -7.759  -12.413 1.00 24.56 ? 303 TYR A O   1 
ATOM   164 C  CB  . TYR A 1 25 ? 1.910   -4.976  -12.364 1.00 26.89 ? 303 TYR A CB  1 
ATOM   165 C  CG  . TYR A 1 25 ? 1.992   -3.541  -11.910 1.00 28.54 ? 303 TYR A CG  1 
ATOM   166 C  CD1 . TYR A 1 25 ? 3.023   -3.115  -11.063 1.00 29.30 ? 303 TYR A CD1 1 
ATOM   167 C  CD2 . TYR A 1 25 ? 1.049   -2.607  -12.326 1.00 28.95 ? 303 TYR A CD2 1 
ATOM   168 C  CE1 . TYR A 1 25 ? 3.107   -1.794  -10.650 1.00 31.35 ? 303 TYR A CE1 1 
ATOM   169 C  CE2 . TYR A 1 25 ? 1.126   -1.285  -11.921 1.00 29.68 ? 303 TYR A CE2 1 
ATOM   170 C  CZ  . TYR A 1 25 ? 2.154   -0.887  -11.086 1.00 31.19 ? 303 TYR A CZ  1 
ATOM   171 O  OH  . TYR A 1 25 ? 2.236   0.412   -10.688 1.00 34.41 ? 303 TYR A OH  1 
ATOM   172 N  N   . PRO A 1 26 ? 0.050   -8.081  -11.794 1.00 26.00 ? 304 PRO A N   1 
ATOM   173 C  CA  . PRO A 1 26 ? 0.117   -9.458  -12.275 1.00 26.42 ? 304 PRO A CA  1 
ATOM   174 C  C   . PRO A 1 26 ? 0.363   -9.521  -13.784 1.00 26.79 ? 304 PRO A C   1 
ATOM   175 O  O   . PRO A 1 26 ? -0.253  -8.772  -14.555 1.00 26.87 ? 304 PRO A O   1 
ATOM   176 C  CB  . PRO A 1 26 ? -1.277  -10.060 -11.947 1.00 26.62 ? 304 PRO A CB  1 
ATOM   177 C  CG  . PRO A 1 26 ? -2.094  -8.959  -11.340 1.00 26.81 ? 304 PRO A CG  1 
ATOM   178 C  CD  . PRO A 1 26 ? -1.217  -7.752  -11.109 1.00 26.39 ? 304 PRO A CD  1 
ATOM   179 N  N   . SER A 1 27 ? 1.257   -10.417 -14.185 1.00 26.98 ? 305 SER A N   1 
ATOM   180 C  CA  . SER A 1 27 ? 1.483   -10.726 -15.593 1.00 27.80 ? 305 SER A CA  1 
ATOM   181 C  C   . SER A 1 27 ? 0.223   -11.398 -16.161 1.00 27.94 ? 305 SER A C   1 
ATOM   182 O  O   . SER A 1 27 ? -0.711  -11.748 -15.408 1.00 27.01 ? 305 SER A O   1 
ATOM   183 C  CB  . SER A 1 27 ? 2.646   -11.693 -15.708 1.00 28.38 ? 305 SER A CB  1 
ATOM   184 O  OG  . SER A 1 27 ? 2.274   -12.932 -15.120 1.00 28.00 ? 305 SER A OG  1 
ATOM   185 N  N   . GLU A 1 28 ? 0.201   -11.585 -17.475 1.00 27.77 ? 306 GLU A N   1 
ATOM   186 C  CA  . GLU A 1 28 ? -0.937  -12.220 -18.120 1.00 29.00 ? 306 GLU A CA  1 
ATOM   187 C  C   . GLU A 1 28 ? -1.162  -13.629 -17.555 1.00 28.78 ? 306 GLU A C   1 
ATOM   188 O  O   . GLU A 1 28 ? -2.301  -14.015 -17.252 1.00 28.35 ? 306 GLU A O   1 
ATOM   189 C  CB  . GLU A 1 28 ? -0.791  -12.198 -19.651 1.00 29.96 ? 306 GLU A CB  1 
ATOM   190 C  CG  . GLU A 1 28 ? -1.015  -10.797 -20.275 1.00 32.00 ? 306 GLU A CG  1 
ATOM   191 C  CD  . GLU A 1 28 ? -2.303  -10.112 -19.764 1.00 36.07 ? 306 GLU A CD  1 
ATOM   192 O  OE1 . GLU A 1 28 ? -3.414  -10.689 -19.926 1.00 35.13 ? 306 GLU A OE1 1 
ATOM   193 O  OE2 . GLU A 1 28 ? -2.198  -8.999  -19.183 1.00 37.19 ? 306 GLU A OE2 1 
ATOM   194 N  N   . GLU A 1 29 ? -0.074  -14.372 -17.357 1.00 28.33 ? 307 GLU A N   1 
ATOM   195 C  CA  . GLU A 1 29 ? -0.171  -15.726 -16.801 1.00 28.58 ? 307 GLU A CA  1 
ATOM   196 C  C   . GLU A 1 29 ? -0.673  -15.695 -15.348 1.00 27.28 ? 307 GLU A C   1 
ATOM   197 O  O   . GLU A 1 29 ? -1.490  -16.531 -14.936 1.00 27.19 ? 307 GLU A O   1 
ATOM   198 C  CB  . GLU A 1 29 ? 1.178   -16.455 -16.887 1.00 29.31 ? 307 GLU A CB  1 
ATOM   199 C  CG  . GLU A 1 29 ? 1.132   -17.939 -16.430 1.00 33.46 ? 307 GLU A CG  1 
ATOM   200 C  CD  . GLU A 1 29 ? -0.111  -18.705 -16.924 1.00 38.22 ? 307 GLU A CD  1 
ATOM   201 O  OE1 . GLU A 1 29 ? -0.173  -19.033 -18.141 1.00 37.58 ? 307 GLU A OE1 1 
ATOM   202 O  OE2 . GLU A 1 29 ? -1.027  -18.983 -16.087 1.00 39.25 ? 307 GLU A OE2 1 
ATOM   203 N  N   . GLN A 1 30 ? -0.176  -14.735 -14.583 1.00 25.88 ? 308 GLN A N   1 
ATOM   204 C  CA  . GLN A 1 30 ? -0.610  -14.574 -13.198 1.00 26.00 ? 308 GLN A CA  1 
ATOM   205 C  C   . GLN A 1 30 ? -2.084  -14.197 -13.121 1.00 25.51 ? 308 GLN A C   1 
ATOM   206 O  O   . GLN A 1 30 ? -2.792  -14.696 -12.260 1.00 25.83 ? 308 GLN A O   1 
ATOM   207 C  CB  . GLN A 1 30 ? 0.259   -13.551 -12.463 1.00 25.24 ? 308 GLN A CB  1 
ATOM   208 C  CG  . GLN A 1 30 ? 1.684   -14.056 -12.159 1.00 26.44 ? 308 GLN A CG  1 
ATOM   209 C  CD  . GLN A 1 30 ? 2.611   -12.935 -11.698 1.00 27.83 ? 308 GLN A CD  1 
ATOM   210 O  OE1 . GLN A 1 30 ? 2.467   -11.776 -12.104 1.00 25.97 ? 308 GLN A OE1 1 
ATOM   211 N  NE2 . GLN A 1 30 ? 3.573   -13.277 -10.841 1.00 29.54 ? 308 GLN A NE2 1 
ATOM   212 N  N   . LYS A 1 31 ? -2.549  -13.333 -14.023 1.00 25.66 ? 309 LYS A N   1 
ATOM   213 C  CA  . LYS A 1 31 ? -3.973  -12.963 -14.043 1.00 25.78 ? 309 LYS A CA  1 
ATOM   214 C  C   . LYS A 1 31 ? -4.830  -14.200 -14.305 1.00 25.70 ? 309 LYS A C   1 
ATOM   215 O  O   . LYS A 1 31 ? -5.895  -14.377 -13.707 1.00 24.78 ? 309 LYS A O   1 
ATOM   216 C  CB  . LYS A 1 31 ? -4.255  -11.926 -15.129 1.00 26.54 ? 309 LYS A CB  1 
ATOM   217 C  CG  . LYS A 1 31 ? -3.816  -10.505 -14.818 1.00 27.52 ? 309 LYS A CG  1 
ATOM   218 C  CD  . LYS A 1 31 ? -3.992  -9.667  -16.082 1.00 29.33 ? 309 LYS A CD  1 
ATOM   219 C  CE  . LYS A 1 31 ? -3.237  -8.358  -15.982 1.00 31.00 ? 309 LYS A CE  1 
ATOM   220 N  NZ  . LYS A 1 31 ? -3.486  -7.539  -17.198 1.00 32.31 ? 309 LYS A NZ  1 
ATOM   221 N  N   . LYS A 1 32 ? -4.346  -15.052 -15.200 1.00 25.07 ? 310 LYS A N   1 
ATOM   222 C  CA  . LYS A 1 32 ? -5.033  -16.286 -15.574 1.00 25.60 ? 310 LYS A CA  1 
ATOM   223 C  C   . LYS A 1 32 ? -5.132  -17.245 -14.385 1.00 24.94 ? 310 LYS A C   1 
ATOM   224 O  O   . LYS A 1 32 ? -6.171  -17.858 -14.157 1.00 24.60 ? 310 LYS A O   1 
ATOM   225 C  CB  . LYS A 1 32 ? -4.319  -16.948 -16.762 1.00 26.06 ? 310 LYS A CB  1 
ATOM   226 C  CG  . LYS A 1 32 ? -4.911  -18.272 -17.187 1.00 27.73 ? 310 LYS A CG  1 
ATOM   227 C  CD  . LYS A 1 32 ? -4.221  -18.816 -18.420 1.00 32.83 ? 310 LYS A CD  1 
ATOM   228 C  CE  . LYS A 1 32 ? -4.847  -20.150 -18.824 1.00 34.52 ? 310 LYS A CE  1 
ATOM   229 N  NZ  . LYS A 1 32 ? -4.303  -20.637 -20.128 1.00 37.41 ? 310 LYS A NZ  1 
ATOM   230 N  N   . GLN A 1 33 ? -4.053  -17.358 -13.623 1.00 25.21 ? 311 GLN A N   1 
ATOM   231 C  CA  . GLN A 1 33 ? -4.066  -18.204 -12.443 1.00 24.70 ? 311 GLN A CA  1 
ATOM   232 C  C   . GLN A 1 33 ? -5.002  -17.642 -11.359 1.00 23.74 ? 311 GLN A C   1 
ATOM   233 O  O   . GLN A 1 33 ? -5.751  -18.380 -10.714 1.00 22.86 ? 311 GLN A O   1 
ATOM   234 C  CB  . GLN A 1 33 ? -2.648  -18.360 -11.893 1.00 26.08 ? 311 GLN A CB  1 
ATOM   235 C  CG  . GLN A 1 33 ? -2.584  -19.439 -10.855 1.00 28.85 ? 311 GLN A CG  1 
ATOM   236 C  CD  . GLN A 1 33 ? -3.121  -20.754 -11.386 1.00 32.00 ? 311 GLN A CD  1 
ATOM   237 O  OE1 . GLN A 1 33 ? -2.466  -21.408 -12.208 1.00 32.99 ? 311 GLN A OE1 1 
ATOM   238 N  NE2 . GLN A 1 33 ? -4.332  -21.137 -10.947 1.00 32.35 ? 311 GLN A NE2 1 
ATOM   239 N  N   . LEU A 1 34 ? -4.950  -16.331 -11.181 1.00 23.00 ? 312 LEU A N   1 
ATOM   240 C  CA  . LEU A 1 34 ? -5.821  -15.647 -10.221 1.00 23.23 ? 312 LEU A CA  1 
ATOM   241 C  C   . LEU A 1 34 ? -7.300  -15.782 -10.579 1.00 23.09 ? 312 LEU A C   1 
ATOM   242 O  O   . LEU A 1 34 ? -8.142  -15.982 -9.690  1.00 23.16 ? 312 LEU A O   1 
ATOM   243 C  CB  . LEU A 1 34 ? -5.420  -14.184 -10.097 1.00 22.37 ? 312 LEU A CB  1 
ATOM   244 C  CG  . LEU A 1 34 ? -4.098  -13.982 -9.342  1.00 23.64 ? 312 LEU A CG  1 
ATOM   245 C  CD1 . LEU A 1 34 ? -3.613  -12.563 -9.510  1.00 21.93 ? 312 LEU A CD1 1 
ATOM   246 C  CD2 . LEU A 1 34 ? -4.232  -14.347 -7.849  1.00 24.11 ? 312 LEU A CD2 1 
ATOM   247 N  N   . ALA A 1 35 ? -7.603  -15.722 -11.877 1.00 23.60 ? 313 ALA A N   1 
ATOM   248 C  CA  . ALA A 1 35 ? -8.971  -15.954 -12.367 1.00 24.31 ? 313 ALA A CA  1 
ATOM   249 C  C   . ALA A 1 35 ? -9.444  -17.372 -12.023 1.00 24.57 ? 313 ALA A C   1 
ATOM   250 O  O   . ALA A 1 35 ? -10.546 -17.576 -11.516 1.00 24.78 ? 313 ALA A O   1 
ATOM   251 C  CB  . ALA A 1 35 ? -9.045  -15.702 -13.870 1.00 24.65 ? 313 ALA A CB  1 
ATOM   252 N  N   . GLN A 1 36 ? -8.584  -18.353 -12.284 1.00 25.01 ? 314 GLN A N   1 
ATOM   253 C  CA  . GLN A 1 36 ? -8.880  -19.732 -11.935 1.00 25.29 ? 314 GLN A CA  1 
ATOM   254 C  C   . GLN A 1 36 ? -9.126  -19.909 -10.422 1.00 24.79 ? 314 GLN A C   1 
ATOM   255 O  O   . GLN A 1 36 ? -10.083 -20.566 -10.026 1.00 23.25 ? 314 GLN A O   1 
ATOM   256 C  CB  . GLN A 1 36 ? -7.733  -20.622 -12.405 1.00 25.85 ? 314 GLN A CB  1 
ATOM   257 C  CG  . GLN A 1 36 ? -7.942  -22.082 -12.146 1.00 29.45 ? 314 GLN A CG  1 
ATOM   258 C  CD  . GLN A 1 36 ? -6.967  -22.941 -12.920 1.00 32.04 ? 314 GLN A CD  1 
ATOM   259 O  OE1 . GLN A 1 36 ? -5.793  -23.044 -12.561 1.00 33.02 ? 314 GLN A OE1 1 
ATOM   260 N  NE2 . GLN A 1 36 ? -7.461  -23.579 -13.992 1.00 30.85 ? 314 GLN A NE2 1 
ATOM   261 N  N   . ASP A 1 37 ? -8.268  -19.311 -9.593  1.00 24.36 ? 315 ASP A N   1 
ATOM   262 C  CA  . ASP A 1 37 ? -8.384  -19.404 -8.128  1.00 24.76 ? 315 ASP A CA  1 
ATOM   263 C  C   . ASP A 1 37 ? -9.612  -18.698 -7.539  1.00 24.69 ? 315 ASP A C   1 
ATOM   264 O  O   . ASP A 1 37 ? -10.203 -19.171 -6.562  1.00 24.99 ? 315 ASP A O   1 
ATOM   265 C  CB  . ASP A 1 37 ? -7.129  -18.835 -7.474  1.00 24.50 ? 315 ASP A CB  1 
ATOM   266 C  CG  . ASP A 1 37 ? -5.912  -19.764 -7.612  1.00 28.41 ? 315 ASP A CG  1 
ATOM   267 O  OD1 . ASP A 1 37 ? -5.967  -20.765 -8.379  1.00 29.12 ? 315 ASP A OD1 1 
ATOM   268 O  OD2 . ASP A 1 37 ? -4.885  -19.477 -6.952  1.00 29.61 ? 315 ASP A OD2 1 
ATOM   269 N  N   . THR A 1 38 ? -9.975  -17.566 -8.127  1.00 23.91 ? 316 THR A N   1 
ATOM   270 C  CA  . THR A 1 38 ? -11.079 -16.728 -7.632  1.00 23.92 ? 316 THR A CA  1 
ATOM   271 C  C   . THR A 1 38 ? -12.434 -17.102 -8.236  1.00 24.50 ? 316 THR A C   1 
ATOM   272 O  O   . THR A 1 38 ? -13.478 -16.838 -7.643  1.00 24.76 ? 316 THR A O   1 
ATOM   273 C  CB  . THR A 1 38 ? -10.849 -15.248 -7.961  1.00 22.83 ? 316 THR A CB  1 
ATOM   274 O  OG1 . THR A 1 38 ? -10.702 -15.098 -9.390  1.00 23.73 ? 316 THR A OG1 1 
ATOM   275 C  CG2 . THR A 1 38 ? -9.592  -14.710 -7.263  1.00 23.38 ? 316 THR A CG2 1 
ATOM   276 N  N   . GLY A 1 39 ? -12.417 -17.689 -9.428  1.00 25.27 ? 317 GLY A N   1 
ATOM   277 C  CA  . GLY A 1 39 ? -13.631 -17.894 -10.197 1.00 25.75 ? 317 GLY A CA  1 
ATOM   278 C  C   . GLY A 1 39 ? -14.161 -16.599 -10.808 1.00 26.40 ? 317 GLY A C   1 
ATOM   279 O  O   . GLY A 1 39 ? -15.328 -16.532 -11.226 1.00 26.41 ? 317 GLY A O   1 
ATOM   280 N  N   . LEU A 1 40 ? -13.305 -15.574 -10.855 1.00 25.24 ? 318 LEU A N   1 
ATOM   281 C  CA  . LEU A 1 40 ? -13.578 -14.345 -11.570 1.00 25.10 ? 318 LEU A CA  1 
ATOM   282 C  C   . LEU A 1 40 ? -13.017 -14.423 -12.981 1.00 25.01 ? 318 LEU A C   1 
ATOM   283 O  O   . LEU A 1 40 ? -12.183 -15.287 -13.275 1.00 25.26 ? 318 LEU A O   1 
ATOM   284 C  CB  . LEU A 1 40 ? -12.922 -13.172 -10.839 1.00 24.88 ? 318 LEU A CB  1 
ATOM   285 C  CG  . LEU A 1 40 ? -13.426 -12.957 -9.396  1.00 24.42 ? 318 LEU A CG  1 
ATOM   286 C  CD1 . LEU A 1 40 ? -12.582 -11.922 -8.705  1.00 25.46 ? 318 LEU A CD1 1 
ATOM   287 C  CD2 . LEU A 1 40 ? -14.915 -12.547 -9.421  1.00 26.46 ? 318 LEU A CD2 1 
ATOM   288 N  N   . THR A 1 41 ? -13.451 -13.509 -13.849 1.00 24.50 ? 319 THR A N   1 
ATOM   289 C  CA  . THR A 1 41 ? -12.880 -13.443 -15.192 1.00 24.57 ? 319 THR A CA  1 
ATOM   290 C  C   . THR A 1 41 ? -11.560 -12.683 -15.141 1.00 25.01 ? 319 THR A C   1 
ATOM   291 O  O   . THR A 1 41 ? -11.303 -11.924 -14.196 1.00 23.23 ? 319 THR A O   1 
ATOM   292 C  CB  . THR A 1 41 ? -13.802 -12.707 -16.194 1.00 24.97 ? 319 THR A CB  1 
ATOM   293 O  OG1 . THR A 1 41 ? -13.894 -11.328 -15.815 1.00 23.79 ? 319 THR A OG1 1 
ATOM   294 C  CG2 . THR A 1 41 ? -15.191 -13.354 -16.267 1.00 25.72 ? 319 THR A CG2 1 
ATOM   295 N  N   . ILE A 1 42 ? -10.736 -12.852 -16.177 1.00 25.84 ? 320 ILE A N   1 
ATOM   296 C  CA  . ILE A 1 42 ? -9.490  -12.062 -16.287 1.00 26.85 ? 320 ILE A CA  1 
ATOM   297 C  C   . ILE A 1 42 ? -9.760  -10.560 -16.199 1.00 26.29 ? 320 ILE A C   1 
ATOM   298 O  O   . ILE A 1 42 ? -8.988  -9.801  -15.585 1.00 26.11 ? 320 ILE A O   1 
ATOM   299 C  CB  . ILE A 1 42 ? -8.745  -12.367 -17.602 1.00 27.35 ? 320 ILE A CB  1 
ATOM   300 C  CG1 . ILE A 1 42 ? -8.353  -13.837 -17.664 1.00 29.75 ? 320 ILE A CG1 1 
ATOM   301 C  CG2 . ILE A 1 42 ? -7.485  -11.511 -17.764 1.00 28.09 ? 320 ILE A CG2 1 
ATOM   302 C  CD1 . ILE A 1 42 ? -7.355  -14.195 -16.637 1.00 31.80 ? 320 ILE A CD1 1 
ATOM   303 N  N   . LEU A 1 43 ? -10.855 -10.142 -16.824 1.00 25.56 ? 321 LEU A N   1 
ATOM   304 C  CA  . LEU A 1 43 ? -11.270 -8.749  -16.801 1.00 25.71 ? 321 LEU A CA  1 
ATOM   305 C  C   . LEU A 1 43 ? -11.540 -8.265  -15.377 1.00 24.43 ? 321 LEU A C   1 
ATOM   306 O  O   . LEU A 1 43 ? -11.097 -7.186  -14.993 1.00 23.80 ? 321 LEU A O   1 
ATOM   307 C  CB  . LEU A 1 43 ? -12.519 -8.567  -17.656 1.00 25.91 ? 321 LEU A CB  1 
ATOM   308 C  CG  . LEU A 1 43 ? -12.903 -7.122  -17.942 1.00 27.98 ? 321 LEU A CG  1 
ATOM   309 C  CD1 . LEU A 1 43 ? -11.683 -6.322  -18.413 1.00 29.16 ? 321 LEU A CD1 1 
ATOM   310 C  CD2 . LEU A 1 43 ? -14.018 -7.119  -18.992 1.00 28.08 ? 321 LEU A CD2 1 
ATOM   311 N  N   . GLN A 1 44 ? -12.255 -9.075  -14.601 1.00 23.01 ? 322 GLN A N   1 
ATOM   312 C  CA  . GLN A 1 44 ? -12.571 -8.727  -13.227 1.00 22.83 ? 322 GLN A CA  1 
ATOM   313 C  C   . GLN A 1 44 ? -11.298 -8.671  -12.375 1.00 22.67 ? 322 GLN A C   1 
ATOM   314 O  O   . GLN A 1 44 ? -11.153 -7.792  -11.536 1.00 22.51 ? 322 GLN A O   1 
ATOM   315 C  CB  . GLN A 1 44 ? -13.569 -9.713  -12.609 1.00 22.33 ? 322 GLN A CB  1 
ATOM   316 C  CG  . GLN A 1 44 ? -14.998 -9.550  -13.118 1.00 23.22 ? 322 GLN A CG  1 
ATOM   317 C  CD  . GLN A 1 44 ? -15.889 -10.681 -12.634 1.00 25.66 ? 322 GLN A CD  1 
ATOM   318 O  OE1 . GLN A 1 44 ? -15.548 -11.854 -12.775 1.00 22.58 ? 322 GLN A OE1 1 
ATOM   319 N  NE2 . GLN A 1 44 ? -17.044 -10.335 -12.068 1.00 28.94 ? 322 GLN A NE2 1 
ATOM   320 N  N   . VAL A 1 45 ? -10.395 -9.619  -12.582 1.00 22.40 ? 323 VAL A N   1 
ATOM   321 C  CA  . VAL A 1 45 ? -9.133  -9.629  -11.851 1.00 23.58 ? 323 VAL A CA  1 
ATOM   322 C  C   . VAL A 1 45 ? -8.359  -8.338  -12.177 1.00 23.41 ? 323 VAL A C   1 
ATOM   323 O  O   . VAL A 1 45 ? -7.895  -7.646  -11.271 1.00 24.16 ? 323 VAL A O   1 
ATOM   324 C  CB  . VAL A 1 45 ? -8.263  -10.862 -12.186 1.00 23.82 ? 323 VAL A CB  1 
ATOM   325 C  CG1 . VAL A 1 45 ? -6.892  -10.750 -11.474 1.00 25.32 ? 323 VAL A CG1 1 
ATOM   326 C  CG2 . VAL A 1 45 ? -8.974  -12.159 -11.780 1.00 23.73 ? 323 VAL A CG2 1 
ATOM   327 N  N   . ASN A 1 46 ? -8.265  -7.992  -13.454 1.00 24.17 ? 324 ASN A N   1 
ATOM   328 C  CA  . ASN A 1 46 ? -7.536  -6.775  -13.811 1.00 25.73 ? 324 ASN A CA  1 
ATOM   329 C  C   . ASN A 1 46 ? -8.146  -5.530  -13.161 1.00 25.23 ? 324 ASN A C   1 
ATOM   330 O  O   . ASN A 1 46 ? -7.438  -4.714  -12.578 1.00 24.60 ? 324 ASN A O   1 
ATOM   331 C  CB  . ASN A 1 46 ? -7.432  -6.588  -15.316 1.00 26.32 ? 324 ASN A CB  1 
ATOM   332 C  CG  . ASN A 1 46 ? -6.361  -5.577  -15.676 1.00 30.23 ? 324 ASN A CG  1 
ATOM   333 O  OD1 . ASN A 1 46 ? -5.205  -5.701  -15.253 1.00 33.45 ? 324 ASN A OD1 1 
ATOM   334 N  ND2 . ASN A 1 46 ? -6.743  -4.554  -16.437 1.00 34.21 ? 324 ASN A ND2 1 
ATOM   335 N  N   . ASN A 1 47 ? -9.468  -5.404  -13.245 1.00 25.00 ? 325 ASN A N   1 
ATOM   336 C  CA  . ASN A 1 47 ? -10.165 -4.254  -12.658 1.00 25.06 ? 325 ASN A CA  1 
ATOM   337 C  C   . ASN A 1 47 ? -9.995  -4.180  -11.142 1.00 24.52 ? 325 ASN A C   1 
ATOM   338 O  O   . ASN A 1 47 ? -9.836  -3.085  -10.585 1.00 24.15 ? 325 ASN A O   1 
ATOM   339 C  CB  . ASN A 1 47 ? -11.654 -4.248  -13.051 1.00 25.76 ? 325 ASN A CB  1 
ATOM   340 C  CG  . ASN A 1 47 ? -11.865 -4.019  -14.548 1.00 29.51 ? 325 ASN A CG  1 
ATOM   341 O  OD1 . ASN A 1 47 ? -10.967 -3.548  -15.260 1.00 31.48 ? 325 ASN A OD1 1 
ATOM   342 N  ND2 . ASN A 1 47 ? -13.052 -4.363  -15.034 1.00 29.53 ? 325 ASN A ND2 1 
ATOM   343 N  N   . TRP A 1 48 ? -9.999  -5.339  -10.478 1.00 23.62 ? 326 TRP A N   1 
ATOM   344 C  CA  . TRP A 1 48 ? -9.770  -5.368  -9.031  1.00 23.13 ? 326 TRP A CA  1 
ATOM   345 C  C   . TRP A 1 48 ? -8.381  -4.781  -8.719  1.00 22.95 ? 326 TRP A C   1 
ATOM   346 O  O   . TRP A 1 48 ? -8.258  -3.962  -7.819  1.00 21.19 ? 326 TRP A O   1 
ATOM   347 C  CB  . TRP A 1 48 ? -9.901  -6.787  -8.442  1.00 21.96 ? 326 TRP A CB  1 
ATOM   348 C  CG  . TRP A 1 48 ? -9.872  -6.804  -6.932  1.00 24.30 ? 326 TRP A CG  1 
ATOM   349 C  CD1 . TRP A 1 48 ? -10.958 -6.755  -6.082  1.00 25.28 ? 326 TRP A CD1 1 
ATOM   350 C  CD2 . TRP A 1 48 ? -8.706  -6.860  -6.093  1.00 25.46 ? 326 TRP A CD2 1 
ATOM   351 N  NE1 . TRP A 1 48 ? -10.530 -6.780  -4.775  1.00 27.99 ? 326 TRP A NE1 1 
ATOM   352 C  CE2 . TRP A 1 48 ? -9.154  -6.841  -4.753  1.00 27.81 ? 326 TRP A CE2 1 
ATOM   353 C  CE3 . TRP A 1 48 ? -7.318  -6.918  -6.349  1.00 25.51 ? 326 TRP A CE3 1 
ATOM   354 C  CZ2 . TRP A 1 48 ? -8.267  -6.885  -3.658  1.00 27.63 ? 326 TRP A CZ2 1 
ATOM   355 C  CZ3 . TRP A 1 48 ? -6.427  -6.953  -5.254  1.00 25.14 ? 326 TRP A CZ3 1 
ATOM   356 C  CH2 . TRP A 1 48 ? -6.916  -6.929  -3.927  1.00 25.89 ? 326 TRP A CH2 1 
ATOM   357 N  N   . PHE A 1 49 ? -7.354  -5.193  -9.473  1.00 23.29 ? 327 PHE A N   1 
ATOM   358 C  CA  . PHE A 1 49 ? -5.991  -4.683  -9.229  1.00 24.08 ? 327 PHE A CA  1 
ATOM   359 C  C   . PHE A 1 49 ? -5.819  -3.199  -9.541  1.00 24.28 ? 327 PHE A C   1 
ATOM   360 O  O   . PHE A 1 49 ? -5.154  -2.480  -8.786  1.00 23.48 ? 327 PHE A O   1 
ATOM   361 C  CB  . PHE A 1 49 ? -4.944  -5.548  -9.923  1.00 24.14 ? 327 PHE A CB  1 
ATOM   362 C  CG  . PHE A 1 49 ? -4.576  -6.751  -9.114  1.00 25.32 ? 327 PHE A CG  1 
ATOM   363 C  CD1 . PHE A 1 49 ? -3.607  -6.653  -8.125  1.00 26.53 ? 327 PHE A CD1 1 
ATOM   364 C  CD2 . PHE A 1 49 ? -5.246  -7.964  -9.291  1.00 27.45 ? 327 PHE A CD2 1 
ATOM   365 C  CE1 . PHE A 1 49 ? -3.267  -7.762  -7.338  1.00 26.82 ? 327 PHE A CE1 1 
ATOM   366 C  CE2 . PHE A 1 49 ? -4.918  -9.089  -8.512  1.00 27.62 ? 327 PHE A CE2 1 
ATOM   367 C  CZ  . PHE A 1 49 ? -3.937  -8.973  -7.522  1.00 27.29 ? 327 PHE A CZ  1 
ATOM   368 N  N   . ILE A 1 50 ? -6.440  -2.741  -10.630 1.00 24.32 ? 328 ILE A N   1 
ATOM   369 C  CA  . ILE A 1 50 ? -6.491  -1.300  -10.913 1.00 24.68 ? 328 ILE A CA  1 
ATOM   370 C  C   . ILE A 1 50 ? -7.081  -0.549  -9.715  1.00 24.57 ? 328 ILE A C   1 
ATOM   371 O  O   . ILE A 1 50 ? -6.496  0.418   -9.232  1.00 24.52 ? 328 ILE A O   1 
ATOM   372 C  CB  . ILE A 1 50 ? -7.297  -0.976  -12.224 1.00 24.48 ? 328 ILE A CB  1 
ATOM   373 C  CG1 . ILE A 1 50 ? -6.614  -1.591  -13.457 1.00 24.75 ? 328 ILE A CG1 1 
ATOM   374 C  CG2 . ILE A 1 50 ? -7.500  0.537   -12.365 1.00 24.32 ? 328 ILE A CG2 1 
ATOM   375 C  CD1 . ILE A 1 50 ? -7.467  -1.548  -14.735 1.00 25.06 ? 328 ILE A CD1 1 
ATOM   376 N  N   . ASN A 1 51 ? -8.250  -0.983  -9.245  1.00 25.11 ? 329 ASN A N   1 
ATOM   377 C  CA  . ASN A 1 51 ? -8.886  -0.335  -8.098  1.00 25.48 ? 329 ASN A CA  1 
ATOM   378 C  C   . ASN A 1 51 ? -8.048  -0.419  -6.827  1.00 24.63 ? 329 ASN A C   1 
ATOM   379 O  O   . ASN A 1 51 ? -7.975  0.558   -6.099  1.00 24.47 ? 329 ASN A O   1 
ATOM   380 C  CB  . ASN A 1 51 ? -10.308 -0.874  -7.866  1.00 26.93 ? 329 ASN A CB  1 
ATOM   381 C  CG  . ASN A 1 51 ? -11.265 -0.529  -9.021  1.00 30.63 ? 329 ASN A CG  1 
ATOM   382 O  OD1 . ASN A 1 51 ? -10.964 0.317   -9.870  1.00 35.99 ? 329 ASN A OD1 1 
ATOM   383 N  ND2 . ASN A 1 51 ? -12.420 -1.179  -9.042  1.00 34.74 ? 329 ASN A ND2 1 
ATOM   384 N  N   . ALA A 1 52 ? -7.394  -1.558  -6.585  1.00 24.39 ? 330 ALA A N   1 
ATOM   385 C  CA  . ALA A 1 52 ? -6.505  -1.720  -5.403  1.00 24.23 ? 330 ALA A CA  1 
ATOM   386 C  C   . ALA A 1 52 ? -5.313  -0.747  -5.414  1.00 24.01 ? 330 ALA A C   1 
ATOM   387 O  O   . ALA A 1 52 ? -4.977  -0.129  -4.374  1.00 23.73 ? 330 ALA A O   1 
ATOM   388 C  CB  . ALA A 1 52 ? -5.986  -3.187  -5.316  1.00 25.19 ? 330 ALA A CB  1 
ATOM   389 N  N   . ARG A 1 53 ? -4.643  -0.650  -6.566  1.00 23.77 ? 331 ARG A N   1 
ATOM   390 C  CA  . ARG A 1 53 ? -3.494  0.258   -6.718  1.00 24.11 ? 331 ARG A CA  1 
ATOM   391 C  C   . ARG A 1 53 ? -3.913  1.714   -6.557  1.00 24.09 ? 331 ARG A C   1 
ATOM   392 O  O   . ARG A 1 53 ? -3.223  2.478   -5.886  1.00 24.14 ? 331 ARG A O   1 
ATOM   393 C  CB  . ARG A 1 53 ? -2.769  0.036   -8.036  1.00 23.93 ? 331 ARG A CB  1 
ATOM   394 C  CG  . ARG A 1 53 ? -1.925  -1.279  -8.083  1.00 23.95 ? 331 ARG A CG  1 
ATOM   395 C  CD  . ARG A 1 53 ? -1.089  -1.390  -9.363  1.00 24.52 ? 331 ARG A CD  1 
ATOM   396 N  NE  . ARG A 1 53 ? -1.923  -1.337  -10.572 1.00 22.99 ? 331 ARG A NE  1 
ATOM   397 C  CZ  . ARG A 1 53 ? -2.385  -2.391  -11.248 1.00 23.77 ? 331 ARG A CZ  1 
ATOM   398 N  NH1 . ARG A 1 53 ? -2.094  -3.636  -10.872 1.00 22.83 ? 331 ARG A NH1 1 
ATOM   399 N  NH2 . ARG A 1 53 ? -3.161  -2.195  -12.309 1.00 22.72 ? 331 ARG A NH2 1 
ATOM   400 N  N   . ARG A 1 54 ? -5.050  2.094   -7.137  1.00 24.70 ? 332 ARG A N   1 
ATOM   401 C  CA  . ARG A 1 54 ? -5.620  3.422   -6.886  1.00 26.08 ? 332 ARG A CA  1 
ATOM   402 C  C   . ARG A 1 54 ? -5.928  3.665   -5.398  1.00 27.08 ? 332 ARG A C   1 
ATOM   403 O  O   . ARG A 1 54 ? -5.614  4.738   -4.866  1.00 27.87 ? 332 ARG A O   1 
ATOM   404 C  CB  . ARG A 1 54 ? -6.864  3.666   -7.753  1.00 26.28 ? 332 ARG A CB  1 
ATOM   405 C  CG  . ARG A 1 54 ? -6.589  3.703   -9.260  1.00 26.79 ? 332 ARG A CG  1 
ATOM   406 C  CD  . ARG A 1 54 ? -7.937  3.798   -9.967  1.00 29.01 ? 332 ARG A CD  1 
ATOM   407 N  NE  . ARG A 1 54 ? -7.846  3.984   -11.405 1.00 30.89 ? 332 ARG A NE  1 
ATOM   408 C  CZ  . ARG A 1 54 ? -8.846  3.705   -12.251 1.00 33.10 ? 332 ARG A CZ  1 
ATOM   409 N  NH1 . ARG A 1 54 ? -9.989  3.177   -11.795 1.00 33.14 ? 332 ARG A NH1 1 
ATOM   410 N  NH2 . ARG A 1 54 ? -8.702  3.908   -13.558 1.00 30.33 ? 332 ARG A NH2 1 
ATOM   411 N  N   . ARG A 1 55 ? -6.506  2.674   -4.717  1.00 28.02 ? 333 ARG A N   1 
ATOM   412 C  CA  . ARG A 1 55 ? -6.803  2.811   -3.268  1.00 29.74 ? 333 ARG A CA  1 
ATOM   413 C  C   . ARG A 1 55 ? -5.552  3.011   -2.409  1.00 28.80 ? 333 ARG A C   1 
ATOM   414 O  O   . ARG A 1 55 ? -5.555  3.836   -1.489  1.00 28.98 ? 333 ARG A O   1 
ATOM   415 C  CB  . ARG A 1 55 ? -7.609  1.622   -2.718  1.00 30.12 ? 333 ARG A CB  1 
ATOM   416 C  CG  . ARG A 1 55 ? -9.098  1.752   -2.857  1.00 35.48 ? 333 ARG A CG  1 
ATOM   417 C  CD  . ARG A 1 55 ? -9.880  0.698   -2.008  1.00 40.85 ? 333 ARG A CD  1 
ATOM   418 N  NE  . ARG A 1 55 ? -9.303  -0.661  -2.020  1.00 45.59 ? 333 ARG A NE  1 
ATOM   419 C  CZ  . ARG A 1 55 ? -9.476  -1.571  -2.984  1.00 44.63 ? 333 ARG A CZ  1 
ATOM   420 N  NH1 . ARG A 1 55 ? -10.225 -1.281  -4.050  1.00 44.60 ? 333 ARG A NH1 1 
ATOM   421 N  NH2 . ARG A 1 55 ? -8.910  -2.783  -2.869  1.00 43.51 ? 333 ARG A NH2 1 
ATOM   422 N  N   . ILE A 1 56 ? -4.499  2.248   -2.698  1.00 28.34 ? 334 ILE A N   1 
ATOM   423 C  CA  . ILE A 1 56 ? -3.222  2.379   -1.984  1.00 27.47 ? 334 ILE A CA  1 
ATOM   424 C  C   . ILE A 1 56 ? -2.662  3.811   -2.047  1.00 27.09 ? 334 ILE A C   1 
ATOM   425 O  O   . ILE A 1 56 ? -2.214  4.342   -1.033  1.00 25.83 ? 334 ILE A O   1 
ATOM   426 C  CB  . ILE A 1 56 ? -2.176  1.346   -2.473  1.00 27.38 ? 334 ILE A CB  1 
ATOM   427 C  CG1 . ILE A 1 56 ? -2.587  -0.060  -2.021  1.00 27.54 ? 334 ILE A CG1 1 
ATOM   428 C  CG2 . ILE A 1 56 ? -0.722  1.730   -2.004  1.00 27.64 ? 334 ILE A CG2 1 
ATOM   429 C  CD1 . ILE A 1 56 ? -1.785  -1.167  -2.662  1.00 29.44 ? 334 ILE A CD1 1 
ATOM   430 N  N   . VAL A 1 57 ? -2.743  4.444   -3.213  1.00 26.93 ? 335 VAL A N   1 
ATOM   431 C  CA  . VAL A 1 57 ? -2.131  5.769   -3.387  1.00 27.98 ? 335 VAL A CA  1 
ATOM   432 C  C   . VAL A 1 57 ? -3.082  6.948   -3.127  1.00 29.87 ? 335 VAL A C   1 
ATOM   433 O  O   . VAL A 1 57 ? -2.655  8.101   -3.152  1.00 29.64 ? 335 VAL A O   1 
ATOM   434 C  CB  . VAL A 1 57 ? -1.447  5.912   -4.776  1.00 27.74 ? 335 VAL A CB  1 
ATOM   435 C  CG1 . VAL A 1 57 ? -0.547  4.701   -5.055  1.00 25.87 ? 335 VAL A CG1 1 
ATOM   436 C  CG2 . VAL A 1 57 ? -2.495  6.074   -5.901  1.00 26.42 ? 335 VAL A CG2 1 
ATOM   437 N  N   . GLN A 1 58 ? -4.360  6.674   -2.871  1.00 32.21 ? 336 GLN A N   1 
ATOM   438 C  CA  . GLN A 1 58 ? -5.330  7.772   -2.752  1.00 35.57 ? 336 GLN A CA  1 
ATOM   439 C  C   . GLN A 1 58 ? -5.018  8.634   -1.515  1.00 37.02 ? 336 GLN A C   1 
ATOM   440 O  O   . GLN A 1 58 ? -4.543  8.109   -0.505  1.00 36.91 ? 336 GLN A O   1 
ATOM   441 C  CB  . GLN A 1 58 ? -6.784  7.258   -2.754  1.00 35.79 ? 336 GLN A CB  1 
ATOM   442 C  CG  . GLN A 1 58 ? -7.256  6.677   -1.433  1.00 38.38 ? 336 GLN A CG  1 
ATOM   443 C  CD  . GLN A 1 58 ? -8.689  6.146   -1.475  1.00 41.61 ? 336 GLN A CD  1 
ATOM   444 O  OE1 . GLN A 1 58 ? -9.352  6.162   -2.518  1.00 43.33 ? 336 GLN A OE1 1 
ATOM   445 N  NE2 . GLN A 1 58 ? -9.167  5.661   -0.335  1.00 42.74 ? 336 GLN A NE2 1 
ATOM   446 N  N   . PRO A 1 59 ? -5.253  9.961   -1.602  1.00 39.26 ? 337 PRO A N   1 
ATOM   447 C  CA  . PRO A 1 59 ? -4.927  10.811  -0.447  1.00 41.18 ? 337 PRO A CA  1 
ATOM   448 C  C   . PRO A 1 59 ? -5.740  10.469  0.814   1.00 42.78 ? 337 PRO A C   1 
ATOM   449 O  O   . PRO A 1 59 ? -6.846  9.936   0.709   1.00 42.91 ? 337 PRO A O   1 
ATOM   450 C  CB  . PRO A 1 59 ? -5.239  12.231  -0.943  1.00 41.27 ? 337 PRO A CB  1 
ATOM   451 C  CG  . PRO A 1 59 ? -6.115  12.056  -2.161  1.00 40.44 ? 337 PRO A CG  1 
ATOM   452 C  CD  . PRO A 1 59 ? -5.742  10.741  -2.758  1.00 39.41 ? 337 PRO A CD  1 
HETATM 453 N  N   . MSE A 1 60 ? -5.162  10.750  1.985   1.00 44.81 ? 338 MSE A N   1 
HETATM 454 C  CA  . MSE A 1 60 ? -5.842  10.611  3.281   1.00 46.72 ? 338 MSE A CA  1 
HETATM 455 C  C   . MSE A 1 60 ? -7.037  11.571  3.350   1.00 46.71 ? 338 MSE A C   1 
HETATM 456 O  O   . MSE A 1 60 ? -8.186  11.176  3.130   1.00 47.09 ? 338 MSE A O   1 
HETATM 457 C  CB  . MSE A 1 60 ? -4.869  10.931  4.431   1.00 47.53 ? 338 MSE A CB  1 
HETATM 458 C  CG  . MSE A 1 60 ? -5.219  10.348  5.808   1.00 50.85 ? 338 MSE A CG  1 
HETATM 459 SE SE  . MSE A 1 60 ? -7.083  9.776   6.124   0.75 60.50 ? 338 MSE A SE  1 
HETATM 460 C  CE  . MSE A 1 60 ? -6.890  8.944   7.898   1.00 58.47 ? 338 MSE A CE  1 
ATOM   461 N  N   . PHE B 1 5  ? -1.503  18.695  8.442   1.00 46.44 ? 283 PHE B N   1 
ATOM   462 C  CA  . PHE B 1 5  ? -0.045  18.870  8.143   1.00 46.05 ? 283 PHE B CA  1 
ATOM   463 C  C   . PHE B 1 5  ? 0.167   19.596  6.807   1.00 45.31 ? 283 PHE B C   1 
ATOM   464 O  O   . PHE B 1 5  ? -0.608  19.391  5.868   1.00 45.33 ? 283 PHE B O   1 
ATOM   465 C  CB  . PHE B 1 5  ? 0.674   17.506  8.119   1.00 46.49 ? 283 PHE B CB  1 
ATOM   466 C  CG  . PHE B 1 5  ? 0.470   16.673  9.365   1.00 47.68 ? 283 PHE B CG  1 
ATOM   467 C  CD1 . PHE B 1 5  ? 0.411   17.269  10.631  1.00 49.28 ? 283 PHE B CD1 1 
ATOM   468 C  CD2 . PHE B 1 5  ? 0.370   15.284  9.272   1.00 48.49 ? 283 PHE B CD2 1 
ATOM   469 C  CE1 . PHE B 1 5  ? 0.229   16.495  11.785  1.00 50.18 ? 283 PHE B CE1 1 
ATOM   470 C  CE2 . PHE B 1 5  ? 0.191   14.495  10.419  1.00 49.00 ? 283 PHE B CE2 1 
ATOM   471 C  CZ  . PHE B 1 5  ? 0.122   15.098  11.673  1.00 50.23 ? 283 PHE B CZ  1 
ATOM   472 N  N   . PRO B 1 6  ? 1.215   20.448  6.712   1.00 44.46 ? 284 PRO B N   1 
ATOM   473 C  CA  . PRO B 1 6  ? 1.588   21.047  5.424   1.00 43.44 ? 284 PRO B CA  1 
ATOM   474 C  C   . PRO B 1 6  ? 1.741   19.978  4.340   1.00 42.30 ? 284 PRO B C   1 
ATOM   475 O  O   . PRO B 1 6  ? 2.056   18.822  4.648   1.00 41.82 ? 284 PRO B O   1 
ATOM   476 C  CB  . PRO B 1 6  ? 2.953   21.681  5.712   1.00 43.75 ? 284 PRO B CB  1 
ATOM   477 C  CG  . PRO B 1 6  ? 2.935   21.971  7.161   1.00 44.24 ? 284 PRO B CG  1 
ATOM   478 C  CD  . PRO B 1 6  ? 2.086   20.915  7.808   1.00 44.54 ? 284 PRO B CD  1 
ATOM   479 N  N   . LYS B 1 7  ? 1.517   20.359  3.087   1.00 40.95 ? 285 LYS B N   1 
ATOM   480 C  CA  . LYS B 1 7  ? 1.640   19.419  1.975   1.00 39.98 ? 285 LYS B CA  1 
ATOM   481 C  C   . LYS B 1 7  ? 3.058   18.876  1.876   1.00 38.58 ? 285 LYS B C   1 
ATOM   482 O  O   . LYS B 1 7  ? 3.246   17.702  1.569   1.00 38.39 ? 285 LYS B O   1 
ATOM   483 C  CB  . LYS B 1 7  ? 1.212   20.056  0.648   1.00 40.08 ? 285 LYS B CB  1 
ATOM   484 C  CG  . LYS B 1 7  ? -0.294  20.269  0.541   1.00 41.85 ? 285 LYS B CG  1 
ATOM   485 C  CD  . LYS B 1 7  ? -0.705  20.781  -0.835  1.00 44.50 ? 285 LYS B CD  1 
ATOM   486 C  CE  . LYS B 1 7  ? -1.985  21.604  -0.736  1.00 45.16 ? 285 LYS B CE  1 
ATOM   487 N  NZ  . LYS B 1 7  ? -3.033  21.102  -1.668  1.00 45.41 ? 285 LYS B NZ  1 
ATOM   488 N  N   . VAL B 1 8  ? 4.049   19.724  2.158   1.00 36.90 ? 286 VAL B N   1 
ATOM   489 C  CA  . VAL B 1 8  ? 5.454   19.285  2.125   1.00 35.48 ? 286 VAL B CA  1 
ATOM   490 C  C   . VAL B 1 8  ? 5.704   18.137  3.123   1.00 33.93 ? 286 VAL B C   1 
ATOM   491 O  O   . VAL B 1 8  ? 6.317   17.128  2.765   1.00 33.47 ? 286 VAL B O   1 
ATOM   492 C  CB  . VAL B 1 8  ? 6.451   20.465  2.307   1.00 35.55 ? 286 VAL B CB  1 
ATOM   493 C  CG1 . VAL B 1 8  ? 7.912   19.978  2.243   1.00 36.75 ? 286 VAL B CG1 1 
ATOM   494 C  CG2 . VAL B 1 8  ? 6.225   21.519  1.217   1.00 35.79 ? 286 VAL B CG2 1 
ATOM   495 N  N   . ALA B 1 9  ? 5.218   18.289  4.353   1.00 32.27 ? 287 ALA B N   1 
ATOM   496 C  CA  . ALA B 1 9  ? 5.360   17.259  5.386   1.00 30.95 ? 287 ALA B CA  1 
ATOM   497 C  C   . ALA B 1 9  ? 4.753   15.930  4.923   1.00 30.08 ? 287 ALA B C   1 
ATOM   498 O  O   . ALA B 1 9  ? 5.380   14.866  5.034   1.00 28.86 ? 287 ALA B O   1 
ATOM   499 C  CB  . ALA B 1 9  ? 4.703   17.719  6.690   1.00 30.89 ? 287 ALA B CB  1 
ATOM   500 N  N   . THR B 1 10 ? 3.512   16.011  4.441   1.00 29.32 ? 288 THR B N   1 
ATOM   501 C  CA  . THR B 1 10 ? 2.778   14.868  3.898   1.00 29.46 ? 288 THR B CA  1 
ATOM   502 C  C   . THR B 1 10 ? 3.554   14.224  2.739   1.00 28.90 ? 288 THR B C   1 
ATOM   503 O  O   . THR B 1 10 ? 3.756   13.007  2.721   1.00 28.84 ? 288 THR B O   1 
ATOM   504 C  CB  . THR B 1 10 ? 1.356   15.309  3.476   1.00 29.58 ? 288 THR B CB  1 
ATOM   505 O  OG1 . THR B 1 10 ? 0.598   15.581  4.658   1.00 30.61 ? 288 THR B OG1 1 
ATOM   506 C  CG2 . THR B 1 10 ? 0.630   14.215  2.678   1.00 31.89 ? 288 THR B CG2 1 
ATOM   507 N  N   . ASN B 1 11 ? 4.033   15.040  1.806   1.00 28.12 ? 289 ASN B N   1 
ATOM   508 C  CA  . ASN B 1 11 ? 4.750   14.503  0.644   1.00 27.84 ? 289 ASN B CA  1 
ATOM   509 C  C   . ASN B 1 11 ? 6.082   13.839  0.979   1.00 27.05 ? 289 ASN B C   1 
ATOM   510 O  O   . ASN B 1 11 ? 6.458   12.857  0.343   1.00 26.88 ? 289 ASN B O   1 
ATOM   511 C  CB  . ASN B 1 11 ? 4.936   15.572  -0.434  1.00 27.90 ? 289 ASN B CB  1 
ATOM   512 C  CG  . ASN B 1 11 ? 3.659   15.808  -1.265  1.00 29.58 ? 289 ASN B CG  1 
ATOM   513 O  OD1 . ASN B 1 11 ? 3.609   16.710  -2.107  1.00 30.86 ? 289 ASN B OD1 1 
ATOM   514 N  ND2 . ASN B 1 11 ? 2.630   15.013  -1.011  1.00 28.33 ? 289 ASN B ND2 1 
ATOM   515 N  N   . ILE B 1 12 ? 6.801   14.383  1.959   1.00 25.87 ? 290 ILE B N   1 
ATOM   516 C  CA  . ILE B 1 12 ? 8.020   13.751  2.471   1.00 25.88 ? 290 ILE B CA  1 
ATOM   517 C  C   . ILE B 1 12 ? 7.718   12.322  2.963   1.00 25.66 ? 290 ILE B C   1 
ATOM   518 O  O   . ILE B 1 12 ? 8.435   11.359  2.627   1.00 25.29 ? 290 ILE B O   1 
ATOM   519 C  CB  . ILE B 1 12 ? 8.644   14.569  3.649   1.00 26.14 ? 290 ILE B CB  1 
ATOM   520 C  CG1 . ILE B 1 12 ? 9.407   15.817  3.134   1.00 25.81 ? 290 ILE B CG1 1 
ATOM   521 C  CG2 . ILE B 1 12 ? 9.593   13.700  4.463   1.00 26.28 ? 290 ILE B CG2 1 
ATOM   522 C  CD1 . ILE B 1 12 ? 10.706  15.473  2.332   1.00 24.81 ? 290 ILE B CD1 1 
HETATM 523 N  N   . MSE B 1 13 ? 6.667   12.207  3.767   1.00 24.96 ? 291 MSE B N   1 
HETATM 524 C  CA  . MSE B 1 13 ? 6.299   10.923  4.378   1.00 25.10 ? 291 MSE B CA  1 
HETATM 525 C  C   . MSE B 1 13 ? 5.756   9.929   3.358   1.00 24.83 ? 291 MSE B C   1 
HETATM 526 O  O   . MSE B 1 13 ? 6.132   8.761   3.391   1.00 25.00 ? 291 MSE B O   1 
HETATM 527 C  CB  . MSE B 1 13 ? 5.361   11.133  5.562   1.00 25.22 ? 291 MSE B CB  1 
HETATM 528 C  CG  . MSE B 1 13 ? 6.120   11.783  6.739   1.00 25.46 ? 291 MSE B CG  1 
HETATM 529 SE SE  . MSE B 1 13 ? 5.083   12.002  8.349   0.75 26.39 ? 291 MSE B SE  1 
HETATM 530 C  CE  . MSE B 1 13 ? 3.737   13.237  7.723   1.00 25.76 ? 291 MSE B CE  1 
ATOM   531 N  N   . ARG B 1 14 ? 4.921   10.402  2.430   1.00 24.68 ? 292 ARG B N   1 
ATOM   532 C  CA  . ARG B 1 14 ? 4.418   9.561   1.345   1.00 24.94 ? 292 ARG B CA  1 
ATOM   533 C  C   . ARG B 1 14 ? 5.543   9.060   0.452   1.00 24.90 ? 292 ARG B C   1 
ATOM   534 O  O   . ARG B 1 14 ? 5.552   7.892   0.068   1.00 24.36 ? 292 ARG B O   1 
ATOM   535 C  CB  . ARG B 1 14 ? 3.392   10.315  0.495   1.00 25.17 ? 292 ARG B CB  1 
ATOM   536 C  CG  . ARG B 1 14 ? 2.083   10.640  1.230   1.00 24.49 ? 292 ARG B CG  1 
ATOM   537 C  CD  . ARG B 1 14 ? 1.162   11.448  0.300   1.00 25.10 ? 292 ARG B CD  1 
ATOM   538 N  NE  . ARG B 1 14 ? 0.894   10.720  -0.939  1.00 26.34 ? 292 ARG B NE  1 
ATOM   539 C  CZ  . ARG B 1 14 ? -0.098  9.843   -1.102  1.00 28.33 ? 292 ARG B CZ  1 
ATOM   540 N  NH1 . ARG B 1 14 ? -0.945  9.587   -0.108  1.00 28.62 ? 292 ARG B NH1 1 
ATOM   541 N  NH2 . ARG B 1 14 ? -0.252  9.217   -2.268  1.00 27.57 ? 292 ARG B NH2 1 
ATOM   542 N  N   . ALA B 1 15 ? 6.487   9.942   0.111   1.00 24.32 ? 293 ALA B N   1 
ATOM   543 C  CA  . ALA B 1 15 ? 7.641   9.500   -0.687  1.00 24.85 ? 293 ALA B CA  1 
ATOM   544 C  C   . ALA B 1 15 ? 8.420   8.380   0.013   1.00 24.99 ? 293 ALA B C   1 
ATOM   545 O  O   . ALA B 1 15 ? 8.754   7.362   -0.612  1.00 25.25 ? 293 ALA B O   1 
ATOM   546 C  CB  . ALA B 1 15 ? 8.558   10.686  -1.040  1.00 23.73 ? 293 ALA B CB  1 
ATOM   547 N  N   . TRP B 1 16 ? 8.708   8.561   1.300   1.00 25.33 ? 294 TRP B N   1 
ATOM   548 C  CA  . TRP B 1 16 ? 9.406   7.533   2.072   1.00 26.07 ? 294 TRP B CA  1 
ATOM   549 C  C   . TRP B 1 16 ? 8.588   6.235   2.083   1.00 26.31 ? 294 TRP B C   1 
ATOM   550 O  O   . TRP B 1 16 ? 9.118   5.152   1.810   1.00 25.84 ? 294 TRP B O   1 
ATOM   551 C  CB  . TRP B 1 16 ? 9.666   8.013   3.520   1.00 26.67 ? 294 TRP B CB  1 
ATOM   552 C  CG  . TRP B 1 16 ? 10.671  7.125   4.245   1.00 27.41 ? 294 TRP B CG  1 
ATOM   553 C  CD1 . TRP B 1 16 ? 12.037  7.333   4.368   1.00 28.41 ? 294 TRP B CD1 1 
ATOM   554 C  CD2 . TRP B 1 16 ? 10.388  5.898   4.930   1.00 26.53 ? 294 TRP B CD2 1 
ATOM   555 N  NE1 . TRP B 1 16 ? 12.610  6.301   5.089   1.00 26.09 ? 294 TRP B NE1 1 
ATOM   556 C  CE2 . TRP B 1 16 ? 11.625  5.402   5.433   1.00 28.80 ? 294 TRP B CE2 1 
ATOM   557 C  CE3 . TRP B 1 16 ? 9.213   5.153   5.150   1.00 27.64 ? 294 TRP B CE3 1 
ATOM   558 C  CZ2 . TRP B 1 16 ? 11.714  4.198   6.147   1.00 26.39 ? 294 TRP B CZ2 1 
ATOM   559 C  CZ3 . TRP B 1 16 ? 9.298   3.955   5.860   1.00 27.41 ? 294 TRP B CZ3 1 
ATOM   560 C  CH2 . TRP B 1 16 ? 10.544  3.492   6.355   1.00 27.93 ? 294 TRP B CH2 1 
ATOM   561 N  N   . LEU B 1 17 ? 7.305   6.361   2.419   1.00 26.29 ? 295 LEU B N   1 
ATOM   562 C  CA  . LEU B 1 17 ? 6.380   5.213   2.451   1.00 27.04 ? 295 LEU B CA  1 
ATOM   563 C  C   . LEU B 1 17 ? 6.473   4.375   1.165   1.00 27.19 ? 295 LEU B C   1 
ATOM   564 O  O   . LEU B 1 17 ? 6.670   3.153   1.237   1.00 26.44 ? 295 LEU B O   1 
ATOM   565 C  CB  . LEU B 1 17 ? 4.935   5.692   2.686   1.00 27.77 ? 295 LEU B CB  1 
ATOM   566 C  CG  . LEU B 1 17 ? 3.828   4.610   2.692   1.00 29.68 ? 295 LEU B CG  1 
ATOM   567 C  CD1 . LEU B 1 17 ? 4.065   3.630   3.832   1.00 31.22 ? 295 LEU B CD1 1 
ATOM   568 C  CD2 . LEU B 1 17 ? 2.437   5.257   2.818   1.00 32.59 ? 295 LEU B CD2 1 
ATOM   569 N  N   . PHE B 1 18 ? 6.379   5.031   0.001   1.00 27.38 ? 296 PHE B N   1 
ATOM   570 C  CA  . PHE B 1 18 ? 6.345   4.300   -1.266  1.00 28.65 ? 296 PHE B CA  1 
ATOM   571 C  C   . PHE B 1 18 ? 7.671   3.652   -1.598  1.00 29.23 ? 296 PHE B C   1 
ATOM   572 O  O   . PHE B 1 18 ? 7.698   2.579   -2.204  1.00 29.00 ? 296 PHE B O   1 
ATOM   573 C  CB  . PHE B 1 18 ? 5.812   5.159   -2.419  1.00 28.40 ? 296 PHE B CB  1 
ATOM   574 C  CG  . PHE B 1 18 ? 4.365   5.516   -2.259  1.00 30.34 ? 296 PHE B CG  1 
ATOM   575 C  CD1 . PHE B 1 18 ? 3.410   4.510   -2.036  1.00 33.20 ? 296 PHE B CD1 1 
ATOM   576 C  CD2 . PHE B 1 18 ? 3.947   6.840   -2.326  1.00 30.12 ? 296 PHE B CD2 1 
ATOM   577 C  CE1 . PHE B 1 18 ? 2.054   4.828   -1.861  1.00 33.20 ? 296 PHE B CE1 1 
ATOM   578 C  CE2 . PHE B 1 18 ? 2.605   7.172   -2.150  1.00 31.71 ? 296 PHE B CE2 1 
ATOM   579 C  CZ  . PHE B 1 18 ? 1.658   6.172   -1.924  1.00 32.86 ? 296 PHE B CZ  1 
ATOM   580 N  N   . GLN B 1 19 ? 8.766   4.279   -1.174  1.00 30.17 ? 297 GLN B N   1 
ATOM   581 C  CA  . GLN B 1 19 ? 10.092  3.704   -1.426  1.00 31.89 ? 297 GLN B CA  1 
ATOM   582 C  C   . GLN B 1 19 ? 10.390  2.522   -0.516  1.00 32.16 ? 297 GLN B C   1 
ATOM   583 O  O   . GLN B 1 19 ? 11.324  1.764   -0.768  1.00 32.76 ? 297 GLN B O   1 
ATOM   584 C  CB  . GLN B 1 19 ? 11.184  4.756   -1.257  1.00 31.87 ? 297 GLN B CB  1 
ATOM   585 C  CG  . GLN B 1 19 ? 11.168  5.837   -2.310  1.00 34.29 ? 297 GLN B CG  1 
ATOM   586 C  CD  . GLN B 1 19 ? 12.306  6.814   -2.133  1.00 35.67 ? 297 GLN B CD  1 
ATOM   587 O  OE1 . GLN B 1 19 ? 13.365  6.663   -2.732  1.00 38.90 ? 297 GLN B OE1 1 
ATOM   588 N  NE2 . GLN B 1 19 ? 12.103  7.809   -1.289  1.00 38.26 ? 297 GLN B NE2 1 
ATOM   589 N  N   . HIS B 1 20 ? 9.622   2.394   0.562   1.00 32.20 ? 298 HIS B N   1 
ATOM   590 C  CA  . HIS B 1 20 ? 9.829   1.340   1.557   1.00 32.45 ? 298 HIS B CA  1 
ATOM   591 C  C   . HIS B 1 20 ? 8.573   0.474   1.740   1.00 33.35 ? 298 HIS B C   1 
ATOM   592 O  O   . HIS B 1 20 ? 8.304   -0.010  2.838   1.00 32.33 ? 298 HIS B O   1 
ATOM   593 C  CB  . HIS B 1 20 ? 10.254  1.974   2.903   1.00 31.79 ? 298 HIS B CB  1 
ATOM   594 C  CG  . HIS B 1 20 ? 11.541  2.749   2.829   1.00 31.11 ? 298 HIS B CG  1 
ATOM   595 N  ND1 . HIS B 1 20 ? 11.602  4.058   2.396   1.00 31.22 ? 298 HIS B ND1 1 
ATOM   596 C  CD2 . HIS B 1 20 ? 12.816  2.390   3.120   1.00 31.66 ? 298 HIS B CD2 1 
ATOM   597 C  CE1 . HIS B 1 20 ? 12.859  4.478   2.436   1.00 33.49 ? 298 HIS B CE1 1 
ATOM   598 N  NE2 . HIS B 1 20 ? 13.616  3.488   2.878   1.00 32.04 ? 298 HIS B NE2 1 
ATOM   599 N  N   . LEU B 1 21 ? 7.805   0.278   0.666   1.00 34.58 ? 299 LEU B N   1 
ATOM   600 C  CA  . LEU B 1 21 ? 6.508   -0.418  0.775   1.00 36.01 ? 299 LEU B CA  1 
ATOM   601 C  C   . LEU B 1 21 ? 6.601   -1.832  1.328   1.00 36.57 ? 299 LEU B C   1 
ATOM   602 O  O   . LEU B 1 21 ? 5.693   -2.290  2.013   1.00 37.59 ? 299 LEU B O   1 
ATOM   603 C  CB  . LEU B 1 21 ? 5.771   -0.461  -0.565  1.00 36.41 ? 299 LEU B CB  1 
ATOM   604 C  CG  . LEU B 1 21 ? 4.669   0.544   -0.854  1.00 36.29 ? 299 LEU B CG  1 
ATOM   605 C  CD1 . LEU B 1 21 ? 3.866   0.052   -2.059  1.00 37.88 ? 299 LEU B CD1 1 
ATOM   606 C  CD2 . LEU B 1 21 ? 3.753   0.786   0.331   1.00 35.89 ? 299 LEU B CD2 1 
ATOM   607 N  N   . THR B 1 22 ? 7.699   -2.516  1.052   1.00 36.84 ? 300 THR B N   1 
ATOM   608 C  CA  . THR B 1 22 ? 7.874   -3.861  1.579   1.00 37.38 ? 300 THR B CA  1 
ATOM   609 C  C   . THR B 1 22 ? 8.210   -3.914  3.071   1.00 36.31 ? 300 THR B C   1 
ATOM   610 O  O   . THR B 1 22 ? 8.021   -4.953  3.713   1.00 36.63 ? 300 THR B O   1 
ATOM   611 C  CB  . THR B 1 22 ? 8.926   -4.657  0.794   1.00 37.41 ? 300 THR B CB  1 
ATOM   612 O  OG1 . THR B 1 22 ? 10.041  -3.806  0.485   1.00 39.70 ? 300 THR B OG1 1 
ATOM   613 C  CG2 . THR B 1 22 ? 8.329   -5.196  -0.481  1.00 38.90 ? 300 THR B CG2 1 
ATOM   614 N  N   . HIS B 1 23 ? 8.729   -2.815  3.615   1.00 34.55 ? 301 HIS B N   1 
ATOM   615 C  CA  . HIS B 1 23 ? 8.983   -2.730  5.048   1.00 32.62 ? 301 HIS B CA  1 
ATOM   616 C  C   . HIS B 1 23 ? 8.748   -1.284  5.501   1.00 30.88 ? 301 HIS B C   1 
ATOM   617 O  O   . HIS B 1 23 ? 9.703   -0.521  5.747   1.00 30.38 ? 301 HIS B O   1 
ATOM   618 C  CB  . HIS B 1 23 ? 10.390  -3.253  5.411   1.00 32.80 ? 301 HIS B CB  1 
ATOM   619 C  CG  . HIS B 1 23 ? 10.581  -3.500  6.878   1.00 34.37 ? 301 HIS B CG  1 
ATOM   620 N  ND1 . HIS B 1 23 ? 11.297  -2.649  7.697   1.00 36.44 ? 301 HIS B ND1 1 
ATOM   621 C  CD2 . HIS B 1 23 ? 10.127  -4.496  7.681   1.00 35.27 ? 301 HIS B CD2 1 
ATOM   622 C  CE1 . HIS B 1 23 ? 11.287  -3.116  8.934   1.00 35.66 ? 301 HIS B CE1 1 
ATOM   623 N  NE2 . HIS B 1 23 ? 10.589  -4.239  8.951   1.00 34.51 ? 301 HIS B NE2 1 
ATOM   624 N  N   . PRO B 1 24 ? 7.460   -0.894  5.605   1.00 29.74 ? 302 PRO B N   1 
ATOM   625 C  CA  . PRO B 1 24 ? 7.113   0.508   5.807   1.00 29.11 ? 302 PRO B CA  1 
ATOM   626 C  C   . PRO B 1 24 ? 7.142   0.911   7.288   1.00 28.66 ? 302 PRO B C   1 
ATOM   627 O  O   . PRO B 1 24 ? 6.197   1.550   7.790   1.00 28.34 ? 302 PRO B O   1 
ATOM   628 C  CB  . PRO B 1 24 ? 5.708   0.598   5.210   1.00 28.84 ? 302 PRO B CB  1 
ATOM   629 C  CG  . PRO B 1 24 ? 5.118   -0.764  5.460   1.00 29.45 ? 302 PRO B CG  1 
ATOM   630 C  CD  . PRO B 1 24 ? 6.251   -1.750  5.482   1.00 29.28 ? 302 PRO B CD  1 
ATOM   631 N  N   . TYR B 1 25 ? 8.254   0.573   7.948   1.00 28.55 ? 303 TYR B N   1 
ATOM   632 C  CA  . TYR B 1 25 ? 8.447   0.819   9.381   1.00 28.07 ? 303 TYR B CA  1 
ATOM   633 C  C   . TYR B 1 25 ? 9.735   1.610   9.621   1.00 27.49 ? 303 TYR B C   1 
ATOM   634 O  O   . TYR B 1 25 ? 10.825  1.028   9.708   1.00 26.42 ? 303 TYR B O   1 
ATOM   635 C  CB  . TYR B 1 25 ? 8.525   -0.501  10.153  1.00 28.89 ? 303 TYR B CB  1 
ATOM   636 C  CG  . TYR B 1 25 ? 7.357   -1.411  9.930   1.00 29.38 ? 303 TYR B CG  1 
ATOM   637 C  CD1 . TYR B 1 25 ? 7.394   -2.397  8.938   1.00 31.02 ? 303 TYR B CD1 1 
ATOM   638 C  CD2 . TYR B 1 25 ? 6.222   -1.320  10.732  1.00 29.77 ? 303 TYR B CD2 1 
ATOM   639 C  CE1 . TYR B 1 25 ? 6.308   -3.268  8.739   1.00 32.13 ? 303 TYR B CE1 1 
ATOM   640 C  CE2 . TYR B 1 25 ? 5.142   -2.181  10.545  1.00 30.38 ? 303 TYR B CE2 1 
ATOM   641 C  CZ  . TYR B 1 25 ? 5.187   -3.140  9.543   1.00 30.92 ? 303 TYR B CZ  1 
ATOM   642 O  OH  . TYR B 1 25 ? 4.119   -3.987  9.366   1.00 31.68 ? 303 TYR B OH  1 
ATOM   643 N  N   . PRO B 1 26 ? 9.622   2.944   9.723   1.00 27.27 ? 304 PRO B N   1 
ATOM   644 C  CA  . PRO B 1 26 ? 10.861  3.708   9.910   1.00 27.50 ? 304 PRO B CA  1 
ATOM   645 C  C   . PRO B 1 26 ? 11.580  3.362   11.215  1.00 27.64 ? 304 PRO B C   1 
ATOM   646 O  O   . PRO B 1 26 ? 10.948  3.231   12.276  1.00 27.07 ? 304 PRO B O   1 
ATOM   647 C  CB  . PRO B 1 26 ? 10.404  5.177   9.886   1.00 28.21 ? 304 PRO B CB  1 
ATOM   648 C  CG  . PRO B 1 26 ? 8.917   5.155   10.030  1.00 28.70 ? 304 PRO B CG  1 
ATOM   649 C  CD  . PRO B 1 26 ? 8.424   3.795   9.619   1.00 27.23 ? 304 PRO B CD  1 
ATOM   650 N  N   . SER B 1 27 ? 12.895  3.190   11.126  1.00 27.65 ? 305 SER B N   1 
ATOM   651 C  CA  . SER B 1 27 ? 13.714  2.936   12.305  1.00 28.38 ? 305 SER B CA  1 
ATOM   652 C  C   . SER B 1 27 ? 13.699  4.177   13.216  1.00 28.53 ? 305 SER B C   1 
ATOM   653 O  O   . SER B 1 27 ? 13.153  5.225   12.847  1.00 27.83 ? 305 SER B O   1 
ATOM   654 C  CB  . SER B 1 27 ? 15.152  2.614   11.871  1.00 28.59 ? 305 SER B CB  1 
ATOM   655 O  OG  . SER B 1 27 ? 15.815  3.776   11.402  1.00 29.07 ? 305 SER B OG  1 
ATOM   656 N  N   . GLU B 1 28 ? 14.280  4.079   14.407  1.00 29.29 ? 306 GLU B N   1 
ATOM   657 C  CA  . GLU B 1 28 ? 14.348  5.271   15.265  1.00 30.40 ? 306 GLU B CA  1 
ATOM   658 C  C   . GLU B 1 28 ? 15.124  6.417   14.607  1.00 30.51 ? 306 GLU B C   1 
ATOM   659 O  O   . GLU B 1 28 ? 14.696  7.580   14.669  1.00 30.32 ? 306 GLU B O   1 
ATOM   660 C  CB  . GLU B 1 28 ? 14.868  4.936   16.677  1.00 31.09 ? 306 GLU B CB  1 
ATOM   661 C  CG  . GLU B 1 28 ? 13.844  4.173   17.556  1.00 33.48 ? 306 GLU B CG  1 
ATOM   662 C  CD  . GLU B 1 28 ? 12.435  4.790   17.545  1.00 36.43 ? 306 GLU B CD  1 
ATOM   663 O  OE1 . GLU B 1 28 ? 12.258  5.914   18.066  1.00 37.27 ? 306 GLU B OE1 1 
ATOM   664 O  OE2 . GLU B 1 28 ? 11.498  4.143   17.025  1.00 37.08 ? 306 GLU B OE2 1 
ATOM   665 N  N   . GLU B 1 29 ? 16.241  6.109   13.954  1.00 30.96 ? 307 GLU B N   1 
ATOM   666 C  CA  . GLU B 1 29 ? 16.989  7.147   13.229  1.00 31.69 ? 307 GLU B CA  1 
ATOM   667 C  C   . GLU B 1 29 ? 16.194  7.731   12.055  1.00 30.83 ? 307 GLU B C   1 
ATOM   668 O  O   . GLU B 1 29 ? 16.228  8.942   11.811  1.00 31.23 ? 307 GLU B O   1 
ATOM   669 C  CB  . GLU B 1 29 ? 18.354  6.638   12.734  1.00 32.41 ? 307 GLU B CB  1 
ATOM   670 C  CG  . GLU B 1 29 ? 19.159  7.654   11.841  1.00 36.64 ? 307 GLU B CG  1 
ATOM   671 C  CD  . GLU B 1 29 ? 19.413  9.036   12.498  1.00 41.64 ? 307 GLU B CD  1 
ATOM   672 O  OE1 . GLU B 1 29 ? 20.181  9.099   13.490  1.00 44.53 ? 307 GLU B OE1 1 
ATOM   673 O  OE2 . GLU B 1 29 ? 18.860  10.066  12.015  1.00 42.36 ? 307 GLU B OE2 1 
ATOM   674 N  N   . GLN B 1 30 ? 15.500  6.870   11.317  1.00 30.26 ? 308 GLN B N   1 
ATOM   675 C  CA  . GLN B 1 30 ? 14.680  7.331   10.186  1.00 29.58 ? 308 GLN B CA  1 
ATOM   676 C  C   . GLN B 1 30 ? 13.569  8.274   10.647  1.00 28.40 ? 308 GLN B C   1 
ATOM   677 O  O   . GLN B 1 30 ? 13.344  9.288   10.013  1.00 27.51 ? 308 GLN B O   1 
ATOM   678 C  CB  . GLN B 1 30 ? 14.129  6.153   9.367   1.00 29.70 ? 308 GLN B CB  1 
ATOM   679 C  CG  . GLN B 1 30 ? 15.223  5.493   8.509   1.00 32.00 ? 308 GLN B CG  1 
ATOM   680 C  CD  . GLN B 1 30 ? 14.836  4.127   7.956   1.00 33.09 ? 308 GLN B CD  1 
ATOM   681 O  OE1 . GLN B 1 30 ? 14.130  3.343   8.597   1.00 33.21 ? 308 GLN B OE1 1 
ATOM   682 N  NE2 . GLN B 1 30 ? 15.335  3.828   6.756   1.00 34.01 ? 308 GLN B NE2 1 
ATOM   683 N  N   . LYS B 1 31 ? 12.894  7.946   11.756  1.00 27.15 ? 309 LYS B N   1 
ATOM   684 C  CA  . LYS B 1 31 ? 11.855  8.824   12.303  1.00 27.19 ? 309 LYS B CA  1 
ATOM   685 C  C   . LYS B 1 31 ? 12.430  10.201  12.651  1.00 27.41 ? 309 LYS B C   1 
ATOM   686 O  O   . LYS B 1 31 ? 11.795  11.216  12.395  1.00 27.48 ? 309 LYS B O   1 
ATOM   687 C  CB  . LYS B 1 31 ? 11.203  8.230   13.561  1.00 26.90 ? 309 LYS B CB  1 
ATOM   688 C  CG  . LYS B 1 31 ? 10.432  6.945   13.364  1.00 27.96 ? 309 LYS B CG  1 
ATOM   689 C  CD  . LYS B 1 31 ? 9.950   6.439   14.731  1.00 29.70 ? 309 LYS B CD  1 
ATOM   690 C  CE  . LYS B 1 31 ? 9.348   5.047   14.614  1.00 30.67 ? 309 LYS B CE  1 
ATOM   691 N  NZ  . LYS B 1 31 ? 8.925   4.576   15.957  1.00 32.80 ? 309 LYS B NZ  1 
ATOM   692 N  N   . LYS B 1 32 ? 13.625  10.217  13.245  1.00 27.83 ? 310 LYS B N   1 
ATOM   693 C  CA  . LYS B 1 32 ? 14.324  11.462  13.615  1.00 29.11 ? 310 LYS B CA  1 
ATOM   694 C  C   . LYS B 1 32 ? 14.556  12.315  12.376  1.00 28.51 ? 310 LYS B C   1 
ATOM   695 O  O   . LYS B 1 32 ? 14.338  13.530  12.369  1.00 27.58 ? 310 LYS B O   1 
ATOM   696 C  CB  . LYS B 1 32 ? 15.674  11.143  14.274  1.00 29.45 ? 310 LYS B CB  1 
ATOM   697 C  CG  . LYS B 1 32 ? 15.675  11.045  15.810  1.00 33.04 ? 310 LYS B CG  1 
ATOM   698 C  CD  . LYS B 1 32 ? 17.071  11.388  16.376  1.00 36.33 ? 310 LYS B CD  1 
ATOM   699 C  CE  . LYS B 1 32 ? 17.547  12.786  15.919  1.00 39.02 ? 310 LYS B CE  1 
ATOM   700 N  NZ  . LYS B 1 32 ? 18.841  13.233  16.519  1.00 40.03 ? 310 LYS B NZ  1 
ATOM   701 N  N   . GLN B 1 33 ? 15.006  11.647  11.323  1.00 28.64 ? 311 GLN B N   1 
ATOM   702 C  CA  . GLN B 1 33 ? 15.284  12.322  10.067  1.00 29.25 ? 311 GLN B CA  1 
ATOM   703 C  C   . GLN B 1 33 ? 14.009  12.827  9.396   1.00 28.41 ? 311 GLN B C   1 
ATOM   704 O  O   . GLN B 1 33 ? 13.971  13.955  8.896   1.00 28.16 ? 311 GLN B O   1 
ATOM   705 C  CB  . GLN B 1 33 ? 16.064  11.393  9.136   1.00 29.98 ? 311 GLN B CB  1 
ATOM   706 C  CG  . GLN B 1 33 ? 16.698  12.130  8.003   1.00 33.25 ? 311 GLN B CG  1 
ATOM   707 C  CD  . GLN B 1 33 ? 17.542  13.300  8.480   1.00 36.94 ? 311 GLN B CD  1 
ATOM   708 O  OE1 . GLN B 1 33 ? 18.622  13.110  9.062   1.00 36.69 ? 311 GLN B OE1 1 
ATOM   709 N  NE2 . GLN B 1 33 ? 17.034  14.524  8.270   1.00 37.33 ? 311 GLN B NE2 1 
ATOM   710 N  N   . LEU B 1 34 ? 12.968  11.993  9.402   1.00 27.70 ? 312 LEU B N   1 
ATOM   711 C  CA  . LEU B 1 34 ? 11.639  12.387  8.916   1.00 27.63 ? 312 LEU B CA  1 
ATOM   712 C  C   . LEU B 1 34 ? 11.041  13.535  9.725   1.00 27.20 ? 312 LEU B C   1 
ATOM   713 O  O   . LEU B 1 34 ? 10.423  14.429  9.151   1.00 27.89 ? 312 LEU B O   1 
ATOM   714 C  CB  . LEU B 1 34 ? 10.674  11.189  8.873   1.00 26.69 ? 312 LEU B CB  1 
ATOM   715 C  CG  . LEU B 1 34 ? 11.008  10.187  7.754   1.00 28.47 ? 312 LEU B CG  1 
ATOM   716 C  CD1 . LEU B 1 34 ? 10.322  8.862   7.952   1.00 29.37 ? 312 LEU B CD1 1 
ATOM   717 C  CD2 . LEU B 1 34 ? 10.685  10.779  6.365   1.00 28.15 ? 312 LEU B CD2 1 
ATOM   718 N  N   . ALA B 1 35 ? 11.253  13.525  11.040  1.00 27.31 ? 313 ALA B N   1 
ATOM   719 C  CA  . ALA B 1 35 ? 10.838  14.644  11.893  1.00 27.67 ? 313 ALA B CA  1 
ATOM   720 C  C   . ALA B 1 35 ? 11.503  15.950  11.444  1.00 28.22 ? 313 ALA B C   1 
ATOM   721 O  O   . ALA B 1 35 ? 10.840  16.987  11.299  1.00 27.93 ? 313 ALA B O   1 
ATOM   722 C  CB  . ALA B 1 35 ? 11.149  14.343  13.381  1.00 27.86 ? 313 ALA B CB  1 
ATOM   723 N  N   . GLN B 1 36 ? 12.814  15.893  11.222  1.00 28.99 ? 314 GLN B N   1 
ATOM   724 C  CA  . GLN B 1 36 ? 13.568  17.056  10.754  1.00 30.22 ? 314 GLN B CA  1 
ATOM   725 C  C   . GLN B 1 36 ? 13.075  17.555  9.383   1.00 30.14 ? 314 GLN B C   1 
ATOM   726 O  O   . GLN B 1 36 ? 12.924  18.749  9.179   1.00 29.59 ? 314 GLN B O   1 
ATOM   727 C  CB  . GLN B 1 36 ? 15.055  16.708  10.689  1.00 30.46 ? 314 GLN B CB  1 
ATOM   728 C  CG  . GLN B 1 36 ? 15.961  17.904  10.560  1.00 34.13 ? 314 GLN B CG  1 
ATOM   729 C  CD  . GLN B 1 36 ? 17.420  17.532  10.695  1.00 36.24 ? 314 GLN B CD  1 
ATOM   730 O  OE1 . GLN B 1 36 ? 17.962  16.794  9.868   1.00 37.89 ? 314 GLN B OE1 1 
ATOM   731 N  NE2 . GLN B 1 36 ? 18.067  18.041  11.743  1.00 36.43 ? 314 GLN B NE2 1 
ATOM   732 N  N   . ASP B 1 37 ? 12.822  16.633  8.449   1.00 30.14 ? 315 ASP B N   1 
ATOM   733 C  CA  . ASP B 1 37 ? 12.438  17.008  7.081   1.00 30.49 ? 315 ASP B CA  1 
ATOM   734 C  C   . ASP B 1 37 ? 11.031  17.601  7.007   1.00 30.62 ? 315 ASP B C   1 
ATOM   735 O  O   . ASP B 1 37 ? 10.780  18.518  6.226   1.00 30.74 ? 315 ASP B O   1 
ATOM   736 C  CB  . ASP B 1 37 ? 12.540  15.808  6.129   1.00 30.81 ? 315 ASP B CB  1 
ATOM   737 C  CG  . ASP B 1 37 ? 13.986  15.482  5.725   1.00 32.98 ? 315 ASP B CG  1 
ATOM   738 O  OD1 . ASP B 1 37 ? 14.939  16.113  6.265   1.00 34.51 ? 315 ASP B OD1 1 
ATOM   739 O  OD2 . ASP B 1 37 ? 14.159  14.578  4.868   1.00 33.24 ? 315 ASP B OD2 1 
ATOM   740 N  N   . THR B 1 38 ? 10.114  17.047  7.803   1.00 30.60 ? 316 THR B N   1 
ATOM   741 C  CA  . THR B 1 38 ? 8.706   17.454  7.796   1.00 29.71 ? 316 THR B CA  1 
ATOM   742 C  C   . THR B 1 38 ? 8.460   18.664  8.689   1.00 30.07 ? 316 THR B C   1 
ATOM   743 O  O   . THR B 1 38 ? 7.500   19.394  8.498   1.00 29.44 ? 316 THR B O   1 
ATOM   744 C  CB  . THR B 1 38 ? 7.771   16.310  8.296   1.00 29.50 ? 316 THR B CB  1 
ATOM   745 O  OG1 . THR B 1 38 ? 8.179   15.901  9.612   1.00 28.71 ? 316 THR B OG1 1 
ATOM   746 C  CG2 . THR B 1 38 ? 7.773   15.098  7.335   1.00 29.08 ? 316 THR B CG2 1 
ATOM   747 N  N   . GLY B 1 39 ? 9.319   18.855  9.684   1.00 30.46 ? 317 GLY B N   1 
ATOM   748 C  CA  . GLY B 1 39 ? 9.093   19.869  10.716  1.00 30.79 ? 317 GLY B CA  1 
ATOM   749 C  C   . GLY B 1 39 ? 8.165   19.391  11.828  1.00 30.99 ? 317 GLY B C   1 
ATOM   750 O  O   . GLY B 1 39 ? 7.822   20.164  12.708  1.00 31.05 ? 317 GLY B O   1 
ATOM   751 N  N   . LEU B 1 40 ? 7.763   18.116  11.787  1.00 30.81 ? 318 LEU B N   1 
ATOM   752 C  CA  . LEU B 1 40 ? 6.873   17.528  12.796  1.00 30.82 ? 318 LEU B CA  1 
ATOM   753 C  C   . LEU B 1 40 ? 7.665   16.845  13.900  1.00 30.54 ? 318 LEU B C   1 
ATOM   754 O  O   . LEU B 1 40 ? 8.882   16.666  13.782  1.00 30.73 ? 318 LEU B O   1 
ATOM   755 C  CB  . LEU B 1 40 ? 5.910   16.509  12.154  1.00 31.01 ? 318 LEU B CB  1 
ATOM   756 C  CG  . LEU B 1 40 ? 5.141   16.950  10.916  1.00 31.69 ? 318 LEU B CG  1 
ATOM   757 C  CD1 . LEU B 1 40 ? 4.477   15.739  10.276  1.00 32.70 ? 318 LEU B CD1 1 
ATOM   758 C  CD2 . LEU B 1 40 ? 4.123   18.057  11.257  1.00 33.67 ? 318 LEU B CD2 1 
ATOM   759 N  N   . THR B 1 41 ? 6.972   16.477  14.975  1.00 30.22 ? 319 THR B N   1 
ATOM   760 C  CA  . THR B 1 41 ? 7.572   15.734  16.075  1.00 30.19 ? 319 THR B CA  1 
ATOM   761 C  C   . THR B 1 41 ? 7.720   14.240  15.744  1.00 30.98 ? 319 THR B C   1 
ATOM   762 O  O   . THR B 1 41 ? 7.073   13.733  14.821  1.00 29.61 ? 319 THR B O   1 
ATOM   763 C  CB  . THR B 1 41 ? 6.737   15.861  17.360  1.00 30.35 ? 319 THR B CB  1 
ATOM   764 O  OG1 . THR B 1 41 ? 5.544   15.081  17.237  1.00 29.52 ? 319 THR B OG1 1 
ATOM   765 C  CG2 . THR B 1 41 ? 6.375   17.328  17.655  1.00 29.21 ? 319 THR B CG2 1 
ATOM   766 N  N   . ILE B 1 42 ? 8.564   13.543  16.508  1.00 31.41 ? 320 ILE B N   1 
ATOM   767 C  CA  . ILE B 1 42 ? 8.749   12.104  16.323  1.00 32.17 ? 320 ILE B CA  1 
ATOM   768 C  C   . ILE B 1 42 ? 7.410   11.392  16.477  1.00 32.02 ? 320 ILE B C   1 
ATOM   769 O  O   . ILE B 1 42 ? 7.089   10.494  15.696  1.00 31.43 ? 320 ILE B O   1 
ATOM   770 C  CB  . ILE B 1 42 ? 9.774   11.513  17.330  1.00 32.64 ? 320 ILE B CB  1 
ATOM   771 C  CG1 . ILE B 1 42 ? 11.183  12.040  17.043  1.00 34.68 ? 320 ILE B CG1 1 
ATOM   772 C  CG2 . ILE B 1 42 ? 9.783   9.987   17.291  1.00 33.61 ? 320 ILE B CG2 1 
ATOM   773 C  CD1 . ILE B 1 42 ? 11.801  11.457  15.830  1.00 36.41 ? 320 ILE B CD1 1 
ATOM   774 N  N   . LEU B 1 43 ? 6.646   11.802  17.487  1.00 31.34 ? 321 LEU B N   1 
ATOM   775 C  CA  . LEU B 1 43 ? 5.336   11.198  17.770  1.00 31.32 ? 321 LEU B CA  1 
ATOM   776 C  C   . LEU B 1 43 ? 4.345   11.413  16.622  1.00 30.71 ? 321 LEU B C   1 
ATOM   777 O  O   . LEU B 1 43 ? 3.598   10.499  16.276  1.00 30.29 ? 321 LEU B O   1 
ATOM   778 C  CB  . LEU B 1 43 ? 4.767   11.703  19.107  1.00 31.19 ? 321 LEU B CB  1 
ATOM   779 C  CG  . LEU B 1 43 ? 3.420   11.137  19.593  1.00 31.57 ? 321 LEU B CG  1 
ATOM   780 C  CD1 . LEU B 1 43 ? 3.420   9.601   19.679  1.00 33.22 ? 321 LEU B CD1 1 
ATOM   781 C  CD2 . LEU B 1 43 ? 3.022   11.748  20.923  1.00 32.10 ? 321 LEU B CD2 1 
ATOM   782 N  N   . GLN B 1 44 ? 4.360   12.606  16.016  1.00 29.63 ? 322 GLN B N   1 
ATOM   783 C  CA  . GLN B 1 44 ? 3.501   12.870  14.852  1.00 28.37 ? 322 GLN B CA  1 
ATOM   784 C  C   . GLN B 1 44 ? 3.903   11.996  13.657  1.00 28.01 ? 322 GLN B C   1 
ATOM   785 O  O   . GLN B 1 44 ? 3.037   11.476  12.930  1.00 26.76 ? 322 GLN B O   1 
ATOM   786 C  CB  . GLN B 1 44 ? 3.521   14.352  14.480  1.00 28.20 ? 322 GLN B CB  1 
ATOM   787 C  CG  . GLN B 1 44 ? 2.712   15.253  15.407  1.00 27.99 ? 322 GLN B CG  1 
ATOM   788 C  CD  . GLN B 1 44 ? 2.855   16.709  15.018  1.00 29.31 ? 322 GLN B CD  1 
ATOM   789 O  OE1 . GLN B 1 44 ? 3.969   17.211  14.823  1.00 26.59 ? 322 GLN B OE1 1 
ATOM   790 N  NE2 . GLN B 1 44 ? 1.725   17.389  14.872  1.00 30.63 ? 322 GLN B NE2 1 
ATOM   791 N  N   . VAL B 1 45 ? 5.211   11.817  13.468  1.00 27.38 ? 323 VAL B N   1 
ATOM   792 C  CA  . VAL B 1 45 ? 5.718   10.940  12.406  1.00 27.35 ? 323 VAL B CA  1 
ATOM   793 C  C   . VAL B 1 45 ? 5.257   9.499   12.639  1.00 27.80 ? 323 VAL B C   1 
ATOM   794 O  O   . VAL B 1 45 ? 4.692   8.873   11.736  1.00 26.43 ? 323 VAL B O   1 
ATOM   795 C  CB  . VAL B 1 45 ? 7.277   10.973  12.275  1.00 27.79 ? 323 VAL B CB  1 
ATOM   796 C  CG1 . VAL B 1 45 ? 7.754   9.924   11.264  1.00 27.97 ? 323 VAL B CG1 1 
ATOM   797 C  CG2 . VAL B 1 45 ? 7.775   12.395  11.871  1.00 27.45 ? 323 VAL B CG2 1 
ATOM   798 N  N   . ASN B 1 46 ? 5.494   8.984   13.843  1.00 28.17 ? 324 ASN B N   1 
ATOM   799 C  CA  . ASN B 1 46 ? 5.131   7.612   14.133  1.00 29.11 ? 324 ASN B CA  1 
ATOM   800 C  C   . ASN B 1 46 ? 3.632   7.381   13.937  1.00 28.70 ? 324 ASN B C   1 
ATOM   801 O  O   . ASN B 1 46 ? 3.231   6.384   13.343  1.00 28.00 ? 324 ASN B O   1 
ATOM   802 C  CB  . ASN B 1 46 ? 5.549   7.185   15.546  1.00 30.31 ? 324 ASN B CB  1 
ATOM   803 C  CG  . ASN B 1 46 ? 5.481   5.671   15.715  1.00 32.03 ? 324 ASN B CG  1 
ATOM   804 O  OD1 . ASN B 1 46 ? 6.027   4.926   14.899  1.00 35.26 ? 324 ASN B OD1 1 
ATOM   805 N  ND2 . ASN B 1 46 ? 4.772   5.215   16.736  1.00 33.84 ? 324 ASN B ND2 1 
ATOM   806 N  N   . ASN B 1 47 ? 2.820   8.321   14.421  1.00 28.48 ? 325 ASN B N   1 
ATOM   807 C  CA  . ASN B 1 47 ? 1.360   8.222   14.287  1.00 28.49 ? 325 ASN B CA  1 
ATOM   808 C  C   . ASN B 1 47 ? 0.876   8.297   12.844  1.00 27.74 ? 325 ASN B C   1 
ATOM   809 O  O   . ASN B 1 47 ? -0.107  7.636   12.484  1.00 27.29 ? 325 ASN B O   1 
ATOM   810 C  CB  . ASN B 1 47 ? 0.645   9.283   15.139  1.00 28.80 ? 325 ASN B CB  1 
ATOM   811 C  CG  . ASN B 1 47 ? 0.721   8.992   16.637  1.00 30.58 ? 325 ASN B CG  1 
ATOM   812 O  OD1 . ASN B 1 47 ? 1.040   7.879   17.052  1.00 33.34 ? 325 ASN B OD1 1 
ATOM   813 N  ND2 . ASN B 1 47 ? 0.412   10.000  17.454  1.00 29.63 ? 325 ASN B ND2 1 
ATOM   814 N  N   . TRP B 1 48 ? 1.551   9.101   12.021  1.00 26.92 ? 326 TRP B N   1 
ATOM   815 C  CA  . TRP B 1 48 ? 1.213   9.173   10.603  1.00 26.83 ? 326 TRP B CA  1 
ATOM   816 C  C   . TRP B 1 48 ? 1.466   7.809   9.936   1.00 26.79 ? 326 TRP B C   1 
ATOM   817 O  O   . TRP B 1 48 ? 0.653   7.342   9.123   1.00 26.35 ? 326 TRP B O   1 
ATOM   818 C  CB  . TRP B 1 48 ? 2.011   10.284  9.893   1.00 26.91 ? 326 TRP B CB  1 
ATOM   819 C  CG  . TRP B 1 48 ? 1.565   10.500  8.456   1.00 27.12 ? 326 TRP B CG  1 
ATOM   820 C  CD1 . TRP B 1 48 ? 0.643   11.418  8.012   1.00 28.16 ? 326 TRP B CD1 1 
ATOM   821 C  CD2 . TRP B 1 48 ? 2.002   9.774   7.288   1.00 26.70 ? 326 TRP B CD2 1 
ATOM   822 N  NE1 . TRP B 1 48 ? 0.500   11.319  6.641   1.00 28.72 ? 326 TRP B NE1 1 
ATOM   823 C  CE2 . TRP B 1 48 ? 1.311   10.313  6.177   1.00 27.31 ? 326 TRP B CE2 1 
ATOM   824 C  CE3 . TRP B 1 48 ? 2.909   8.714   7.077   1.00 25.90 ? 326 TRP B CE3 1 
ATOM   825 C  CZ2 . TRP B 1 48 ? 1.500   9.836   4.866   1.00 28.81 ? 326 TRP B CZ2 1 
ATOM   826 C  CZ3 . TRP B 1 48 ? 3.092   8.235   5.768   1.00 27.37 ? 326 TRP B CZ3 1 
ATOM   827 C  CH2 . TRP B 1 48 ? 2.390   8.797   4.685   1.00 27.26 ? 326 TRP B CH2 1 
ATOM   828 N  N   . PHE B 1 49 ? 2.578   7.166   10.300  1.00 26.07 ? 327 PHE B N   1 
ATOM   829 C  CA  . PHE B 1 49 ? 2.911   5.877   9.713   1.00 26.27 ? 327 PHE B CA  1 
ATOM   830 C  C   . PHE B 1 49 ? 2.002   4.757   10.213  1.00 25.83 ? 327 PHE B C   1 
ATOM   831 O  O   . PHE B 1 49 ? 1.630   3.897   9.447   1.00 25.49 ? 327 PHE B O   1 
ATOM   832 C  CB  . PHE B 1 49 ? 4.394   5.543   9.886   1.00 25.98 ? 327 PHE B CB  1 
ATOM   833 C  CG  . PHE B 1 49 ? 5.258   6.169   8.831   1.00 27.21 ? 327 PHE B CG  1 
ATOM   834 C  CD1 . PHE B 1 49 ? 5.516   5.497   7.642   1.00 27.17 ? 327 PHE B CD1 1 
ATOM   835 C  CD2 . PHE B 1 49 ? 5.782   7.452   9.015   1.00 29.02 ? 327 PHE B CD2 1 
ATOM   836 C  CE1 . PHE B 1 49 ? 6.304   6.096   6.644   1.00 27.53 ? 327 PHE B CE1 1 
ATOM   837 C  CE2 . PHE B 1 49 ? 6.570   8.053   8.030   1.00 28.61 ? 327 PHE B CE2 1 
ATOM   838 C  CZ  . PHE B 1 49 ? 6.829   7.362   6.833   1.00 28.95 ? 327 PHE B CZ  1 
ATOM   839 N  N   . ILE B 1 50 ? 1.616   4.798   11.484  1.00 25.77 ? 328 ILE B N   1 
ATOM   840 C  CA  . ILE B 1 50 ? 0.652   3.810   11.989  1.00 25.51 ? 328 ILE B CA  1 
ATOM   841 C  C   . ILE B 1 50 ? -0.636  3.942   11.181  1.00 25.66 ? 328 ILE B C   1 
ATOM   842 O  O   . ILE B 1 50 ? -1.197  2.942   10.729  1.00 24.91 ? 328 ILE B O   1 
ATOM   843 C  CB  . ILE B 1 50 ? 0.343   4.028   13.480  1.00 25.37 ? 328 ILE B CB  1 
ATOM   844 C  CG1 . ILE B 1 50 ? 1.548   3.653   14.346  1.00 26.98 ? 328 ILE B CG1 1 
ATOM   845 C  CG2 . ILE B 1 50 ? -0.913  3.233   13.907  1.00 24.77 ? 328 ILE B CG2 1 
ATOM   846 C  CD1 . ILE B 1 50 ? 1.439   4.180   15.810  1.00 28.28 ? 328 ILE B CD1 1 
ATOM   847 N  N   . ASN B 1 51 ? -1.101  5.179   10.999  1.00 25.60 ? 329 ASN B N   1 
ATOM   848 C  CA  . ASN B 1 51 ? -2.355  5.378   10.267  1.00 26.70 ? 329 ASN B CA  1 
ATOM   849 C  C   . ASN B 1 51 ? -2.244  5.045   8.789   1.00 25.48 ? 329 ASN B C   1 
ATOM   850 O  O   . ASN B 1 51 ? -3.197  4.554   8.196   1.00 24.36 ? 329 ASN B O   1 
ATOM   851 C  CB  . ASN B 1 51 ? -2.956  6.765   10.529  1.00 27.37 ? 329 ASN B CB  1 
ATOM   852 C  CG  . ASN B 1 51 ? -3.483  6.903   11.970  1.00 31.16 ? 329 ASN B CG  1 
ATOM   853 O  OD1 . ASN B 1 51 ? -4.142  6.000   12.489  1.00 36.95 ? 329 ASN B OD1 1 
ATOM   854 N  ND2 . ASN B 1 51 ? -3.183  8.019   12.609  1.00 35.26 ? 329 ASN B ND2 1 
ATOM   855 N  N   . ALA B 1 52 ? -1.056  5.254   8.228   1.00 25.29 ? 330 ALA B N   1 
ATOM   856 C  CA  . ALA B 1 52 ? -0.790  4.940   6.810   1.00 25.05 ? 330 ALA B CA  1 
ATOM   857 C  C   . ALA B 1 52 ? -0.832  3.439   6.566   1.00 24.78 ? 330 ALA B C   1 
ATOM   858 O  O   . ALA B 1 52 ? -1.414  2.975   5.573   1.00 24.54 ? 330 ALA B O   1 
ATOM   859 C  CB  . ALA B 1 52 ? 0.570   5.506   6.395   1.00 26.40 ? 330 ALA B CB  1 
ATOM   860 N  N   . ARG B 1 53 ? -0.212  2.670   7.459   1.00 24.16 ? 331 ARG B N   1 
ATOM   861 C  CA  . ARG B 1 53 ? -0.239  1.212   7.319   1.00 24.66 ? 331 ARG B CA  1 
ATOM   862 C  C   . ARG B 1 53 ? -1.662  0.658   7.511   1.00 24.86 ? 331 ARG B C   1 
ATOM   863 O  O   . ARG B 1 53 ? -2.079  -0.242  6.772   1.00 23.98 ? 331 ARG B O   1 
ATOM   864 C  CB  . ARG B 1 53 ? 0.753   0.555   8.286   1.00 24.99 ? 331 ARG B CB  1 
ATOM   865 C  CG  . ARG B 1 53 ? 2.240   0.820   7.904   1.00 25.47 ? 331 ARG B CG  1 
ATOM   866 C  CD  . ARG B 1 53 ? 3.195   0.051   8.805   1.00 25.67 ? 331 ARG B CD  1 
ATOM   867 N  NE  . ARG B 1 53 ? 3.043   0.414   10.220  1.00 24.45 ? 331 ARG B NE  1 
ATOM   868 C  CZ  . ARG B 1 53 ? 3.779   1.318   10.868  1.00 26.50 ? 331 ARG B CZ  1 
ATOM   869 N  NH1 . ARG B 1 53 ? 4.769   1.971   10.257  1.00 26.11 ? 331 ARG B NH1 1 
ATOM   870 N  NH2 . ARG B 1 53 ? 3.543   1.546   12.156  1.00 24.65 ? 331 ARG B NH2 1 
ATOM   871 N  N   . ARG B 1 54 ? -2.407  1.211   8.470   1.00 24.97 ? 332 ARG B N   1 
ATOM   872 C  CA  . ARG B 1 54 ? -3.812  0.801   8.672   1.00 25.93 ? 332 ARG B CA  1 
ATOM   873 C  C   . ARG B 1 54 ? -4.671  1.071   7.430   1.00 26.22 ? 332 ARG B C   1 
ATOM   874 O  O   . ARG B 1 54 ? -5.511  0.241   7.051   1.00 25.58 ? 332 ARG B O   1 
ATOM   875 C  CB  . ARG B 1 54 ? -4.408  1.516   9.884   1.00 25.95 ? 332 ARG B CB  1 
ATOM   876 C  CG  . ARG B 1 54 ? -3.806  1.083   11.207  1.00 27.13 ? 332 ARG B CG  1 
ATOM   877 C  CD  . ARG B 1 54 ? -4.336  1.987   12.321  1.00 29.63 ? 332 ARG B CD  1 
ATOM   878 N  NE  . ARG B 1 54 ? -3.896  1.562   13.645  1.00 32.29 ? 332 ARG B NE  1 
ATOM   879 C  CZ  . ARG B 1 54 ? -4.070  2.274   14.762  1.00 33.33 ? 332 ARG B CZ  1 
ATOM   880 N  NH1 . ARG B 1 54 ? -4.642  3.477   14.708  1.00 35.03 ? 332 ARG B NH1 1 
ATOM   881 N  NH2 . ARG B 1 54 ? -3.646  1.802   15.934  1.00 30.98 ? 332 ARG B NH2 1 
ATOM   882 N  N   . ARG B 1 55 ? -4.439  2.226   6.804   1.00 26.95 ? 333 ARG B N   1 
ATOM   883 C  CA  . ARG B 1 55 ? -5.136  2.610   5.569   1.00 28.15 ? 333 ARG B CA  1 
ATOM   884 C  C   . ARG B 1 55 ? -4.856  1.671   4.380   1.00 27.40 ? 333 ARG B C   1 
ATOM   885 O  O   . ARG B 1 55 ? -5.781  1.283   3.661   1.00 27.32 ? 333 ARG B O   1 
ATOM   886 C  CB  . ARG B 1 55 ? -4.769  4.039   5.174   1.00 28.91 ? 333 ARG B CB  1 
ATOM   887 C  CG  . ARG B 1 55 ? -5.532  5.100   5.941   1.00 33.77 ? 333 ARG B CG  1 
ATOM   888 C  CD  . ARG B 1 55 ? -5.573  6.453   5.179   1.00 39.39 ? 333 ARG B CD  1 
ATOM   889 N  NE  . ARG B 1 55 ? -4.247  6.995   4.848   1.00 43.66 ? 333 ARG B NE  1 
ATOM   890 C  CZ  . ARG B 1 55 ? -3.434  7.622   5.702   1.00 44.97 ? 333 ARG B CZ  1 
ATOM   891 N  NH1 . ARG B 1 55 ? -3.792  7.781   6.980   1.00 45.71 ? 333 ARG B NH1 1 
ATOM   892 N  NH2 . ARG B 1 55 ? -2.254  8.083   5.279   1.00 43.53 ? 333 ARG B NH2 1 
ATOM   893 N  N   . ILE B 1 56 ? -3.592  1.317   4.179   1.00 26.09 ? 334 ILE B N   1 
ATOM   894 C  CA  . ILE B 1 56 ? -3.217  0.363   3.115   1.00 26.49 ? 334 ILE B CA  1 
ATOM   895 C  C   . ILE B 1 56 ? -3.984  -0.964  3.253   1.00 25.38 ? 334 ILE B C   1 
ATOM   896 O  O   . ILE B 1 56 ? -4.473  -1.513  2.263   1.00 24.21 ? 334 ILE B O   1 
ATOM   897 C  CB  . ILE B 1 56 ? -1.672  0.127   3.075   1.00 26.13 ? 334 ILE B CB  1 
ATOM   898 C  CG1 . ILE B 1 56 ? -0.949  1.389   2.576   1.00 27.50 ? 334 ILE B CG1 1 
ATOM   899 C  CG2 . ILE B 1 56 ? -1.313  -1.080  2.177   1.00 28.45 ? 334 ILE B CG2 1 
ATOM   900 C  CD1 . ILE B 1 56 ? 0.580   1.350   2.803   1.00 30.69 ? 334 ILE B CD1 1 
ATOM   901 N  N   . VAL B 1 57 ? -4.130  -1.454  4.482   1.00 24.81 ? 335 VAL B N   1 
ATOM   902 C  CA  . VAL B 1 57 ? -4.780  -2.756  4.681   1.00 25.05 ? 335 VAL B CA  1 
ATOM   903 C  C   . VAL B 1 57 ? -6.290  -2.714  4.990   1.00 26.07 ? 335 VAL B C   1 
ATOM   904 O  O   . VAL B 1 57 ? -6.945  -3.757  5.030   1.00 24.72 ? 335 VAL B O   1 
ATOM   905 C  CB  . VAL B 1 57 ? -4.057  -3.621  5.756   1.00 25.23 ? 335 VAL B CB  1 
ATOM   906 C  CG1 . VAL B 1 57 ? -2.543  -3.694  5.477   1.00 25.75 ? 335 VAL B CG1 1 
ATOM   907 C  CG2 . VAL B 1 57 ? -4.332  -3.103  7.172   1.00 23.30 ? 335 VAL B CG2 1 
ATOM   908 N  N   . GLN B 1 58 ? -6.853  -1.540  5.227   1.00 27.72 ? 336 GLN B N   1 
ATOM   909 C  CA  . GLN B 1 58 ? -8.255  -1.513  5.684   1.00 30.22 ? 336 GLN B CA  1 
ATOM   910 C  C   . GLN B 1 58 ? -9.182  -2.087  4.613   1.00 31.60 ? 336 GLN B C   1 
ATOM   911 O  O   . GLN B 1 58 ? -8.894  -1.961  3.415   1.00 31.06 ? 336 GLN B O   1 
ATOM   912 C  CB  . GLN B 1 58 ? -8.694  -0.102  6.066   1.00 30.68 ? 336 GLN B CB  1 
ATOM   913 C  CG  . GLN B 1 58 ? -8.859  0.829   4.865   1.00 33.00 ? 336 GLN B CG  1 
ATOM   914 C  CD  . GLN B 1 58 ? -8.985  2.291   5.259   1.00 35.60 ? 336 GLN B CD  1 
ATOM   915 O  OE1 . GLN B 1 58 ? -9.006  2.632   6.444   1.00 36.58 ? 336 GLN B OE1 1 
ATOM   916 N  NE2 . GLN B 1 58 ? -9.058  3.164   4.261   1.00 37.63 ? 336 GLN B NE2 1 
ATOM   917 N  N   . PRO B 1 59 ? -10.302 -2.718  5.036   1.00 33.83 ? 337 PRO B N   1 
ATOM   918 C  CA  . PRO B 1 59 ? -11.242 -3.243  4.039   1.00 35.62 ? 337 PRO B CA  1 
ATOM   919 C  C   . PRO B 1 59 ? -11.738 -2.113  3.128   1.00 37.68 ? 337 PRO B C   1 
ATOM   920 O  O   . PRO B 1 59 ? -11.865 -0.967  3.580   1.00 37.46 ? 337 PRO B O   1 
ATOM   921 C  CB  . PRO B 1 59 ? -12.382 -3.814  4.886   1.00 35.99 ? 337 PRO B CB  1 
ATOM   922 C  CG  . PRO B 1 59 ? -11.825 -3.978  6.256   1.00 35.08 ? 337 PRO B CG  1 
ATOM   923 C  CD  . PRO B 1 59 ? -10.798 -2.901  6.414   1.00 33.53 ? 337 PRO B CD  1 
HETATM 924 N  N   . MSE B 1 60 ? -11.999 -2.435  1.859   1.00 40.19 ? 338 MSE B N   1 
HETATM 925 C  CA  . MSE B 1 60 ? -12.216 -1.411  0.814   1.00 42.69 ? 338 MSE B CA  1 
HETATM 926 C  C   . MSE B 1 60 ? -13.521 -0.589  0.914   1.00 42.85 ? 338 MSE B C   1 
HETATM 927 O  O   . MSE B 1 60 ? -14.534 -1.056  1.445   1.00 43.51 ? 338 MSE B O   1 
HETATM 928 C  CB  . MSE B 1 60 ? -12.048 -2.021  -0.591  1.00 43.44 ? 338 MSE B CB  1 
HETATM 929 C  CG  . MSE B 1 60 ? -13.337 -2.309  -1.368  1.00 47.22 ? 338 MSE B CG  1 
HETATM 930 SE SE  . MSE B 1 60 ? -12.946 -3.284  -3.043  0.75 56.34 ? 338 MSE B SE  1 
HETATM 931 C  CE  . MSE B 1 60 ? -12.889 -5.137  -2.364  1.00 53.95 ? 338 MSE B CE  1 
HETATM 932 CL CL  . CL  C 2 .  ? -6.064  -10.104 3.707   0.50 36.14 ? 500 CL  A CL  1 
HETATM 933 C  C   . ACT D 3 .  ? -1.106  -17.848 -1.014  1.00 58.89 ? 510 ACT A C   1 
HETATM 934 O  O   . ACT D 3 .  ? -0.492  -18.079 0.050   1.00 58.85 ? 510 ACT A O   1 
HETATM 935 O  OXT . ACT D 3 .  ? -0.900  -16.740 -1.544  1.00 59.09 ? 510 ACT A OXT 1 
HETATM 936 C  CH3 . ACT D 3 .  ? -2.041  -18.837 -1.629  1.00 58.33 ? 510 ACT A CH3 1 
HETATM 937 CL CL  . CL  E 2 .  ? 2.893   11.327  -3.287  0.50 42.44 ? 500 CL  B CL  1 
HETATM 938 C  C   . ACT F 3 .  ? 13.139  11.457  -1.363  1.00 61.75 ? 510 ACT B C   1 
HETATM 939 O  O   . ACT F 3 .  ? 13.612  11.188  -2.490  1.00 61.68 ? 510 ACT B O   1 
HETATM 940 O  OXT . ACT F 3 .  ? 12.430  10.569  -0.832  1.00 61.69 ? 510 ACT B OXT 1 
HETATM 941 C  CH3 . ACT F 3 .  ? 13.405  12.770  -0.687  1.00 61.27 ? 510 ACT B CH3 1 
HETATM 942 O  O   . HOH G 4 .  ? 4.058   -9.490  -11.722 1.00 34.85 ? 3   HOH A O   1 
HETATM 943 O  O   . HOH G 4 .  ? -4.960  -7.689  5.040   1.00 26.99 ? 4   HOH A O   1 
HETATM 944 O  O   . HOH G 4 .  ? -11.595 -15.159 -17.974 1.00 25.53 ? 5   HOH A O   1 
HETATM 945 O  O   . HOH G 4 .  ? 5.245   -8.915  -9.170  1.00 28.56 ? 6   HOH A O   1 
HETATM 946 O  O   . HOH G 4 .  ? -3.512  -17.607 -5.797  1.00 35.78 ? 7   HOH A O   1 
HETATM 947 O  O   . HOH G 4 .  ? -10.149 -5.500  -0.440  1.00 30.89 ? 12  HOH A O   1 
HETATM 948 O  O   . HOH G 4 .  ? -3.498  -15.774 -3.413  1.00 29.76 ? 13  HOH A O   1 
HETATM 949 O  O   . HOH G 4 .  ? 2.452   -14.061 -18.544 1.00 30.56 ? 14  HOH A O   1 
HETATM 950 O  O   . HOH G 4 .  ? -10.457 -12.447 5.780   1.00 29.78 ? 15  HOH A O   1 
HETATM 951 O  O   . HOH G 4 .  ? -3.200  -5.118  -13.152 1.00 34.55 ? 16  HOH A O   1 
HETATM 952 O  O   . HOH G 4 .  ? -17.299 -13.678 -12.914 1.00 26.59 ? 17  HOH A O   1 
HETATM 953 O  O   . HOH G 4 .  ? -3.784  3.998   1.330   1.00 32.56 ? 18  HOH A O   1 
HETATM 954 O  O   . HOH G 4 .  ? -15.098 -13.121 7.045   1.00 34.17 ? 21  HOH A O   1 
HETATM 955 O  O   . HOH G 4 .  ? 5.384   -7.441  -0.724  1.00 30.94 ? 22  HOH A O   1 
HETATM 956 O  O   . HOH G 4 .  ? -17.626 -17.637 -10.633 1.00 33.22 ? 23  HOH A O   1 
HETATM 957 O  O   . HOH G 4 .  ? -8.191  -18.772 -15.978 1.00 26.60 ? 30  HOH A O   1 
HETATM 958 O  O   . HOH G 4 .  ? -11.440 -5.935  1.823   1.00 38.99 ? 33  HOH A O   1 
HETATM 959 O  O   . HOH G 4 .  ? -0.915  -6.042  -14.234 1.00 33.65 ? 34  HOH A O   1 
HETATM 960 O  O   . HOH G 4 .  ? -10.040 -3.528  -5.531  1.00 37.73 ? 35  HOH A O   1 
HETATM 961 O  O   . HOH G 4 .  ? 5.687   -11.882 -9.830  1.00 28.81 ? 36  HOH A O   1 
HETATM 962 O  O   . HOH G 4 .  ? -9.034  -9.848  4.567   0.50 31.14 ? 37  HOH A O   1 
HETATM 963 O  O   . HOH G 4 .  ? 4.380   -14.352 -14.674 1.00 33.11 ? 38  HOH A O   1 
HETATM 964 O  O   . HOH G 4 .  ? -12.623 -3.401  -6.382  1.00 43.04 ? 39  HOH A O   1 
HETATM 965 O  O   . HOH G 4 .  ? -18.735 -12.672 -15.174 1.00 43.12 ? 42  HOH A O   1 
HETATM 966 O  O   . HOH G 4 .  ? -17.630 -7.551  -11.826 1.00 32.23 ? 43  HOH A O   1 
HETATM 967 O  O   . HOH G 4 .  ? 3.590   -7.494  -14.657 1.00 40.84 ? 44  HOH A O   1 
HETATM 968 O  O   . HOH G 4 .  ? -12.362 -18.038 -13.843 1.00 36.68 ? 45  HOH A O   1 
HETATM 969 O  O   . HOH G 4 .  ? -9.104  -4.027  -17.296 1.00 44.06 ? 46  HOH A O   1 
HETATM 970 O  O   . HOH G 4 .  ? -2.395  -5.142  -17.322 1.00 44.86 ? 47  HOH A O   1 
HETATM 971 O  O   . HOH G 4 .  ? 6.391   -1.305  -9.793  1.00 42.92 ? 48  HOH A O   1 
HETATM 972 O  O   . HOH H 4 .  ? 1.290   9.183   -4.430  1.00 24.92 ? 1   HOH B O   1 
HETATM 973 O  O   . HOH H 4 .  ? -1.342  8.659   7.754   1.00 34.78 ? 2   HOH B O   1 
HETATM 974 O  O   . HOH H 4 .  ? 5.941   3.434   12.428  1.00 35.04 ? 8   HOH B O   1 
HETATM 975 O  O   . HOH H 4 .  ? 8.295   2.078   12.572  1.00 30.38 ? 9   HOH B O   1 
HETATM 976 O  O   . HOH H 4 .  ? 12.312  -0.069  5.273   1.00 35.46 ? 10  HOH B O   1 
HETATM 977 O  O   . HOH H 4 .  ? 12.958  0.958   8.115   1.00 38.28 ? 11  HOH B O   1 
HETATM 978 O  O   . HOH H 4 .  ? -1.505  10.815  2.756   1.00 22.33 ? 19  HOH B O   1 
HETATM 979 O  O   . HOH H 4 .  ? -6.854  -2.797  1.963   1.00 31.43 ? 20  HOH B O   1 
HETATM 980 O  O   . HOH H 4 .  ? -5.431  0.040   0.152   1.00 36.62 ? 24  HOH B O   1 
HETATM 981 O  O   . HOH H 4 .  ? 10.897  11.747  1.743   1.00 29.67 ? 25  HOH B O   1 
HETATM 982 O  O   . HOH H 4 .  ? 10.936  18.235  14.290  1.00 29.25 ? 26  HOH B O   1 
HETATM 983 O  O   . HOH H 4 .  ? 10.551  15.192  17.931  1.00 27.50 ? 27  HOH B O   1 
HETATM 984 O  O   . HOH H 4 .  ? 3.697   15.663  19.063  1.00 28.74 ? 28  HOH B O   1 
HETATM 985 O  O   . HOH H 4 .  ? 0.053   12.650  16.313  1.00 28.77 ? 29  HOH B O   1 
HETATM 986 O  O   . HOH H 4 .  ? 15.496  6.374   5.016   1.00 29.48 ? 31  HOH B O   1 
HETATM 987 O  O   . HOH H 4 .  ? 15.975  8.397   6.750   1.00 35.82 ? 32  HOH B O   1 
HETATM 988 O  O   . HOH H 4 .  ? -8.940  -0.095  0.999   1.00 41.41 ? 40  HOH B O   1 
HETATM 989 O  O   . HOH H 4 .  ? 14.710  1.472   15.323  1.00 39.35 ? 41  HOH B O   1 
# 
